data_3C57
# 
_entry.id   3C57 
# 
_audit_conform.dict_name       mmcif_pdbx.dic 
_audit_conform.dict_version    5.377 
_audit_conform.dict_location   http://mmcif.pdb.org/dictionaries/ascii/mmcif_pdbx.dic 
# 
loop_
_database_2.database_id 
_database_2.database_code 
_database_2.pdbx_database_accession 
_database_2.pdbx_DOI 
PDB   3C57         pdb_00003c57 10.2210/pdb3c57/pdb 
RCSB  RCSB046355   ?            ?                   
WWPDB D_1000046355 ?            ?                   
# 
loop_
_pdbx_database_related.db_name 
_pdbx_database_related.db_id 
_pdbx_database_related.details 
_pdbx_database_related.content_type 
PDB 3C3W 'Crystal Structure of the Mycobacterium tuberculosis Hypoxic Response Regulator DosR'                               
unspecified 
PDB 1zlj 'Crystal Structure of the Mycobacterium tuberculosis Hypoxic Response Regulator DosR C-terminal Domain'             
unspecified 
PDB 1zlk 'Crystal Structure of the Mycobacterium tuberculosis Hypoxic Response Regulator DosR C-terminal Domain-DNA Complex' 
unspecified 
# 
_pdbx_database_status.status_code                     REL 
_pdbx_database_status.entry_id                        3C57 
_pdbx_database_status.recvd_initial_deposition_date   2008-01-30 
_pdbx_database_status.deposit_site                    RCSB 
_pdbx_database_status.process_site                    RCSB 
_pdbx_database_status.status_code_sf                  REL 
_pdbx_database_status.status_code_mr                  ? 
_pdbx_database_status.SG_entry                        ? 
_pdbx_database_status.pdb_format_compatible           Y 
_pdbx_database_status.status_code_cs                  ? 
_pdbx_database_status.status_code_nmr_data            ? 
_pdbx_database_status.methods_development_category    ? 
# 
loop_
_audit_author.name 
_audit_author.pdbx_ordinal 
'Wisedchaisri, G.' 1 
'Wu, M.'           2 
'Sherman, D.R.'    3 
'Hol, W.G.J.'      4 
# 
_citation.id                        primary 
_citation.title                     
;Crystal structures of the response regulator DosR from Mycobacterium tuberculosis suggest a helix rearrangement mechanism for phosphorylation activation
;
_citation.journal_abbrev            J.Mol.Biol. 
_citation.journal_volume            378 
_citation.page_first                227 
_citation.page_last                 242 
_citation.year                      2008 
_citation.journal_id_ASTM           JMOBAK 
_citation.country                   UK 
_citation.journal_id_ISSN           0022-2836 
_citation.journal_id_CSD            0070 
_citation.book_publisher            ? 
_citation.pdbx_database_id_PubMed   18353359 
_citation.pdbx_database_id_DOI      10.1016/j.jmb.2008.02.029 
# 
loop_
_citation_author.citation_id 
_citation_author.name 
_citation_author.ordinal 
_citation_author.identifier_ORCID 
primary 'Wisedchaisri, G.' 1 ? 
primary 'Wu, M.'           2 ? 
primary 'Sherman, D.R.'    3 ? 
primary 'Hol, W.G.'        4 ? 
# 
_cell.entry_id           3C57 
_cell.length_a           39.637 
_cell.length_b           47.400 
_cell.length_c           66.436 
_cell.angle_alpha        90.00 
_cell.angle_beta         90.00 
_cell.angle_gamma        90.00 
_cell.Z_PDB              8 
_cell.pdbx_unique_axis   ? 
_cell.length_a_esd       ? 
_cell.length_b_esd       ? 
_cell.length_c_esd       ? 
_cell.angle_alpha_esd    ? 
_cell.angle_beta_esd     ? 
_cell.angle_gamma_esd    ? 
# 
_symmetry.entry_id                         3C57 
_symmetry.space_group_name_H-M             'P 21 21 21' 
_symmetry.pdbx_full_space_group_name_H-M   ? 
_symmetry.cell_setting                     ? 
_symmetry.Int_Tables_number                19 
_symmetry.space_group_name_Hall            ? 
# 
loop_
_entity.id 
_entity.type 
_entity.src_method 
_entity.pdbx_description 
_entity.formula_weight 
_entity.pdbx_number_of_molecules 
_entity.pdbx_ec 
_entity.pdbx_mutation 
_entity.pdbx_fragment 
_entity.details 
1 polymer man 'TWO COMPONENT TRANSCRIPTIONAL REGULATORY PROTEIN DEVR' 10513.998 2  ? ? 'C-terminal Domain residues 144-217' ? 
2 water   nat water                                                   18.015    49 ? ? ?                                    ? 
# 
_entity_name_com.entity_id   1 
_entity_name_com.name        'PROBABLY LUXR/UHPA-FAMILY, DevR, DNA-binding response regulator, LuxR family' 
# 
_entity_poly.entity_id                      1 
_entity_poly.type                           'polypeptide(L)' 
_entity_poly.nstd_linkage                   no 
_entity_poly.nstd_monomer                   no 
_entity_poly.pdbx_seq_one_letter_code       
;MGSSHHHHHHSSGLVPRGSHMQDPLSGLTDQERTLLGLLSEGLTNKQIADRMFLAEKTVKNYVSRLLAKLGMERRTQAAV
FATELKRSRPPGDGP
;
_entity_poly.pdbx_seq_one_letter_code_can   
;MGSSHHHHHHSSGLVPRGSHMQDPLSGLTDQERTLLGLLSEGLTNKQIADRMFLAEKTVKNYVSRLLAKLGMERRTQAAV
FATELKRSRPPGDGP
;
_entity_poly.pdbx_strand_id                 A,B 
_entity_poly.pdbx_target_identifier         ? 
# 
loop_
_entity_poly_seq.entity_id 
_entity_poly_seq.num 
_entity_poly_seq.mon_id 
_entity_poly_seq.hetero 
1 1  MET n 
1 2  GLY n 
1 3  SER n 
1 4  SER n 
1 5  HIS n 
1 6  HIS n 
1 7  HIS n 
1 8  HIS n 
1 9  HIS n 
1 10 HIS n 
1 11 SER n 
1 12 SER n 
1 13 GLY n 
1 14 LEU n 
1 15 VAL n 
1 16 PRO n 
1 17 ARG n 
1 18 GLY n 
1 19 SER n 
1 20 HIS n 
1 21 MET n 
1 22 GLN n 
1 23 ASP n 
1 24 PRO n 
1 25 LEU n 
1 26 SER n 
1 27 GLY n 
1 28 LEU n 
1 29 THR n 
1 30 ASP n 
1 31 GLN n 
1 32 GLU n 
1 33 ARG n 
1 34 THR n 
1 35 LEU n 
1 36 LEU n 
1 37 GLY n 
1 38 LEU n 
1 39 LEU n 
1 40 SER n 
1 41 GLU n 
1 42 GLY n 
1 43 LEU n 
1 44 THR n 
1 45 ASN n 
1 46 LYS n 
1 47 GLN n 
1 48 ILE n 
1 49 ALA n 
1 50 ASP n 
1 51 ARG n 
1 52 MET n 
1 53 PHE n 
1 54 LEU n 
1 55 ALA n 
1 56 GLU n 
1 57 LYS n 
1 58 THR n 
1 59 VAL n 
1 60 LYS n 
1 61 ASN n 
1 62 TYR n 
1 63 VAL n 
1 64 SER n 
1 65 ARG n 
1 66 LEU n 
1 67 LEU n 
1 68 ALA n 
1 69 LYS n 
1 70 LEU n 
1 71 GLY n 
1 72 MET n 
1 73 GLU n 
1 74 ARG n 
1 75 ARG n 
1 76 THR n 
1 77 GLN n 
1 78 ALA n 
1 79 ALA n 
1 80 VAL n 
1 81 PHE n 
1 82 ALA n 
1 83 THR n 
1 84 GLU n 
1 85 LEU n 
1 86 LYS n 
1 87 ARG n 
1 88 SER n 
1 89 ARG n 
1 90 PRO n 
1 91 PRO n 
1 92 GLY n 
1 93 ASP n 
1 94 GLY n 
1 95 PRO n 
# 
_entity_src_gen.entity_id                          1 
_entity_src_gen.pdbx_src_id                        1 
_entity_src_gen.pdbx_alt_source_flag               sample 
_entity_src_gen.pdbx_seq_type                      ? 
_entity_src_gen.pdbx_beg_seq_num                   ? 
_entity_src_gen.pdbx_end_seq_num                   ? 
_entity_src_gen.gene_src_common_name               ? 
_entity_src_gen.gene_src_genus                     Mycobacterium 
_entity_src_gen.pdbx_gene_src_gene                 devR 
_entity_src_gen.gene_src_species                   ? 
_entity_src_gen.gene_src_strain                    ? 
_entity_src_gen.gene_src_tissue                    ? 
_entity_src_gen.gene_src_tissue_fraction           ? 
_entity_src_gen.gene_src_details                   ? 
_entity_src_gen.pdbx_gene_src_fragment             ? 
_entity_src_gen.pdbx_gene_src_scientific_name      'Mycobacterium tuberculosis' 
_entity_src_gen.pdbx_gene_src_ncbi_taxonomy_id     1773 
_entity_src_gen.pdbx_gene_src_variant              ? 
_entity_src_gen.pdbx_gene_src_cell_line            ? 
_entity_src_gen.pdbx_gene_src_atcc                 ? 
_entity_src_gen.pdbx_gene_src_organ                ? 
_entity_src_gen.pdbx_gene_src_organelle            ? 
_entity_src_gen.pdbx_gene_src_cell                 ? 
_entity_src_gen.pdbx_gene_src_cellular_location    ? 
_entity_src_gen.host_org_common_name               ? 
_entity_src_gen.pdbx_host_org_scientific_name      'Escherichia coli BL21(DE3)' 
_entity_src_gen.pdbx_host_org_ncbi_taxonomy_id     469008 
_entity_src_gen.host_org_genus                     Escherichia 
_entity_src_gen.pdbx_host_org_gene                 ? 
_entity_src_gen.pdbx_host_org_organ                ? 
_entity_src_gen.host_org_species                   'Escherichia coli' 
_entity_src_gen.pdbx_host_org_tissue               ? 
_entity_src_gen.pdbx_host_org_tissue_fraction      ? 
_entity_src_gen.pdbx_host_org_strain               'BL21 (DE3)' 
_entity_src_gen.pdbx_host_org_variant              ? 
_entity_src_gen.pdbx_host_org_cell_line            ? 
_entity_src_gen.pdbx_host_org_atcc                 ? 
_entity_src_gen.pdbx_host_org_culture_collection   ? 
_entity_src_gen.pdbx_host_org_cell                 ? 
_entity_src_gen.pdbx_host_org_organelle            ? 
_entity_src_gen.pdbx_host_org_cellular_location    ? 
_entity_src_gen.pdbx_host_org_vector_type          Plasmid 
_entity_src_gen.pdbx_host_org_vector               ? 
_entity_src_gen.host_org_details                   ? 
_entity_src_gen.expression_system_id               ? 
_entity_src_gen.plasmid_name                       'pET-28(+)' 
_entity_src_gen.plasmid_details                    ? 
_entity_src_gen.pdbx_description                   ? 
# 
_struct_ref.id                         1 
_struct_ref.db_name                    UNP 
_struct_ref.db_code                    P95193_MYCTU 
_struct_ref.pdbx_db_accession          P95193 
_struct_ref.entity_id                  1 
_struct_ref.pdbx_seq_one_letter_code   QDPLSGLTDQERTLLGLLSEGLTNKQIADRMFLAEKTVKNYVSRLLAKLGMERRTQAAVFATELKRSRPPGDGP 
_struct_ref.pdbx_align_begin           144 
_struct_ref.pdbx_db_isoform            ? 
# 
loop_
_struct_ref_seq.align_id 
_struct_ref_seq.ref_id 
_struct_ref_seq.pdbx_PDB_id_code 
_struct_ref_seq.pdbx_strand_id 
_struct_ref_seq.seq_align_beg 
_struct_ref_seq.pdbx_seq_align_beg_ins_code 
_struct_ref_seq.seq_align_end 
_struct_ref_seq.pdbx_seq_align_end_ins_code 
_struct_ref_seq.pdbx_db_accession 
_struct_ref_seq.db_align_beg 
_struct_ref_seq.pdbx_db_align_beg_ins_code 
_struct_ref_seq.db_align_end 
_struct_ref_seq.pdbx_db_align_end_ins_code 
_struct_ref_seq.pdbx_auth_seq_align_beg 
_struct_ref_seq.pdbx_auth_seq_align_end 
1 1 3C57 A 22 ? 95 ? P95193 144 ? 217 ? 144 217 
2 1 3C57 B 22 ? 95 ? P95193 144 ? 217 ? 144 217 
# 
loop_
_struct_ref_seq_dif.align_id 
_struct_ref_seq_dif.pdbx_pdb_id_code 
_struct_ref_seq_dif.mon_id 
_struct_ref_seq_dif.pdbx_pdb_strand_id 
_struct_ref_seq_dif.seq_num 
_struct_ref_seq_dif.pdbx_pdb_ins_code 
_struct_ref_seq_dif.pdbx_seq_db_name 
_struct_ref_seq_dif.pdbx_seq_db_accession_code 
_struct_ref_seq_dif.db_mon_id 
_struct_ref_seq_dif.pdbx_seq_db_seq_num 
_struct_ref_seq_dif.details 
_struct_ref_seq_dif.pdbx_auth_seq_num 
_struct_ref_seq_dif.pdbx_ordinal 
1 3C57 MET A 1  ? UNP P95193 ? ? 'expression tag' 123 1  
1 3C57 GLY A 2  ? UNP P95193 ? ? 'expression tag' 124 2  
1 3C57 SER A 3  ? UNP P95193 ? ? 'expression tag' 125 3  
1 3C57 SER A 4  ? UNP P95193 ? ? 'expression tag' 126 4  
1 3C57 HIS A 5  ? UNP P95193 ? ? 'expression tag' 127 5  
1 3C57 HIS A 6  ? UNP P95193 ? ? 'expression tag' 128 6  
1 3C57 HIS A 7  ? UNP P95193 ? ? 'expression tag' 129 7  
1 3C57 HIS A 8  ? UNP P95193 ? ? 'expression tag' 130 8  
1 3C57 HIS A 9  ? UNP P95193 ? ? 'expression tag' 131 9  
1 3C57 HIS A 10 ? UNP P95193 ? ? 'expression tag' 132 10 
1 3C57 SER A 11 ? UNP P95193 ? ? 'expression tag' 133 11 
1 3C57 SER A 12 ? UNP P95193 ? ? 'expression tag' 134 12 
1 3C57 GLY A 13 ? UNP P95193 ? ? 'expression tag' 135 13 
1 3C57 LEU A 14 ? UNP P95193 ? ? 'expression tag' 136 14 
1 3C57 VAL A 15 ? UNP P95193 ? ? 'expression tag' 137 15 
1 3C57 PRO A 16 ? UNP P95193 ? ? 'expression tag' 138 16 
1 3C57 ARG A 17 ? UNP P95193 ? ? 'expression tag' 139 17 
1 3C57 GLY A 18 ? UNP P95193 ? ? 'expression tag' 140 18 
1 3C57 SER A 19 ? UNP P95193 ? ? 'expression tag' 141 19 
1 3C57 HIS A 20 ? UNP P95193 ? ? 'expression tag' 142 20 
1 3C57 MET A 21 ? UNP P95193 ? ? 'expression tag' 143 21 
2 3C57 MET B 1  ? UNP P95193 ? ? 'expression tag' 123 22 
2 3C57 GLY B 2  ? UNP P95193 ? ? 'expression tag' 124 23 
2 3C57 SER B 3  ? UNP P95193 ? ? 'expression tag' 125 24 
2 3C57 SER B 4  ? UNP P95193 ? ? 'expression tag' 126 25 
2 3C57 HIS B 5  ? UNP P95193 ? ? 'expression tag' 127 26 
2 3C57 HIS B 6  ? UNP P95193 ? ? 'expression tag' 128 27 
2 3C57 HIS B 7  ? UNP P95193 ? ? 'expression tag' 129 28 
2 3C57 HIS B 8  ? UNP P95193 ? ? 'expression tag' 130 29 
2 3C57 HIS B 9  ? UNP P95193 ? ? 'expression tag' 131 30 
2 3C57 HIS B 10 ? UNP P95193 ? ? 'expression tag' 132 31 
2 3C57 SER B 11 ? UNP P95193 ? ? 'expression tag' 133 32 
2 3C57 SER B 12 ? UNP P95193 ? ? 'expression tag' 134 33 
2 3C57 GLY B 13 ? UNP P95193 ? ? 'expression tag' 135 34 
2 3C57 LEU B 14 ? UNP P95193 ? ? 'expression tag' 136 35 
2 3C57 VAL B 15 ? UNP P95193 ? ? 'expression tag' 137 36 
2 3C57 PRO B 16 ? UNP P95193 ? ? 'expression tag' 138 37 
2 3C57 ARG B 17 ? UNP P95193 ? ? 'expression tag' 139 38 
2 3C57 GLY B 18 ? UNP P95193 ? ? 'expression tag' 140 39 
2 3C57 SER B 19 ? UNP P95193 ? ? 'expression tag' 141 40 
2 3C57 HIS B 20 ? UNP P95193 ? ? 'expression tag' 142 41 
2 3C57 MET B 21 ? UNP P95193 ? ? 'expression tag' 143 42 
# 
loop_
_chem_comp.id 
_chem_comp.type 
_chem_comp.mon_nstd_flag 
_chem_comp.name 
_chem_comp.pdbx_synonyms 
_chem_comp.formula 
_chem_comp.formula_weight 
ALA 'L-peptide linking' y ALANINE         ? 'C3 H7 N O2'     89.093  
ARG 'L-peptide linking' y ARGININE        ? 'C6 H15 N4 O2 1' 175.209 
ASN 'L-peptide linking' y ASPARAGINE      ? 'C4 H8 N2 O3'    132.118 
ASP 'L-peptide linking' y 'ASPARTIC ACID' ? 'C4 H7 N O4'     133.103 
GLN 'L-peptide linking' y GLUTAMINE       ? 'C5 H10 N2 O3'   146.144 
GLU 'L-peptide linking' y 'GLUTAMIC ACID' ? 'C5 H9 N O4'     147.129 
GLY 'peptide linking'   y GLYCINE         ? 'C2 H5 N O2'     75.067  
HIS 'L-peptide linking' y HISTIDINE       ? 'C6 H10 N3 O2 1' 156.162 
HOH non-polymer         . WATER           ? 'H2 O'           18.015  
ILE 'L-peptide linking' y ISOLEUCINE      ? 'C6 H13 N O2'    131.173 
LEU 'L-peptide linking' y LEUCINE         ? 'C6 H13 N O2'    131.173 
LYS 'L-peptide linking' y LYSINE          ? 'C6 H15 N2 O2 1' 147.195 
MET 'L-peptide linking' y METHIONINE      ? 'C5 H11 N O2 S'  149.211 
PHE 'L-peptide linking' y PHENYLALANINE   ? 'C9 H11 N O2'    165.189 
PRO 'L-peptide linking' y PROLINE         ? 'C5 H9 N O2'     115.130 
SER 'L-peptide linking' y SERINE          ? 'C3 H7 N O3'     105.093 
THR 'L-peptide linking' y THREONINE       ? 'C4 H9 N O3'     119.119 
TYR 'L-peptide linking' y TYROSINE        ? 'C9 H11 N O3'    181.189 
VAL 'L-peptide linking' y VALINE          ? 'C5 H11 N O2'    117.146 
# 
_exptl.entry_id          3C57 
_exptl.method            'X-RAY DIFFRACTION' 
_exptl.crystals_number   1 
# 
_exptl_crystal.id                    1 
_exptl_crystal.density_meas          ? 
_exptl_crystal.density_Matthews      ? 
_exptl_crystal.density_percent_sol   ? 
_exptl_crystal.description           ? 
_exptl_crystal.F_000                 ? 
_exptl_crystal.preparation           ? 
# 
_exptl_crystal_grow.crystal_id      1 
_exptl_crystal_grow.method          'VAPOR DIFFUSION, SITTING DROP' 
_exptl_crystal_grow.temp            298 
_exptl_crystal_grow.temp_details    ? 
_exptl_crystal_grow.pH              6.5 
_exptl_crystal_grow.pdbx_details    
'24% w/v PEG 5000mme, 0.2M ammonium sulfate, 10% glycerol, 0.1M MES pH 6.5, VAPOR DIFFUSION, SITTING DROP, temperature 298K' 
_exptl_crystal_grow.pdbx_pH_range   . 
# 
_diffrn.id                     1 
_diffrn.ambient_temp           100 
_diffrn.ambient_temp_details   ? 
_diffrn.crystal_id             1 
# 
_diffrn_detector.diffrn_id              1 
_diffrn_detector.detector               CCD 
_diffrn_detector.type                   'ADSC QUANTUM 315' 
_diffrn_detector.pdbx_collection_date   ? 
_diffrn_detector.details                ? 
# 
_diffrn_radiation.diffrn_id                        1 
_diffrn_radiation.wavelength_id                    1 
_diffrn_radiation.pdbx_monochromatic_or_laue_m_l   M 
_diffrn_radiation.monochromator                    ? 
_diffrn_radiation.pdbx_diffrn_protocol             'SINGLE WAVELENGTH' 
_diffrn_radiation.pdbx_scattering_type             x-ray 
# 
_diffrn_radiation_wavelength.id           1 
_diffrn_radiation_wavelength.wavelength   1.000 
_diffrn_radiation_wavelength.wt           1.0 
# 
_diffrn_source.diffrn_id                   1 
_diffrn_source.source                      SYNCHROTRON 
_diffrn_source.type                        'ALS BEAMLINE 8.2.2' 
_diffrn_source.pdbx_synchrotron_site       ALS 
_diffrn_source.pdbx_synchrotron_beamline   8.2.2 
_diffrn_source.pdbx_wavelength             ? 
_diffrn_source.pdbx_wavelength_list        1.000 
# 
_reflns.entry_id                     3C57 
_reflns.observed_criterion_sigma_F   ? 
_reflns.observed_criterion_sigma_I   ? 
_reflns.d_resolution_high            1.70 
_reflns.d_resolution_low             50 
_reflns.number_all                   ? 
_reflns.number_obs                   14128 
_reflns.percent_possible_obs         98.5 
_reflns.pdbx_Rmerge_I_obs            ? 
_reflns.pdbx_Rsym_value              0.091 
_reflns.pdbx_netI_over_sigmaI        19.3 
_reflns.B_iso_Wilson_estimate        ? 
_reflns.pdbx_redundancy              6.43 
_reflns.R_free_details               ? 
_reflns.limit_h_max                  ? 
_reflns.limit_h_min                  ? 
_reflns.limit_k_max                  ? 
_reflns.limit_k_min                  ? 
_reflns.limit_l_max                  ? 
_reflns.limit_l_min                  ? 
_reflns.observed_criterion_F_max     ? 
_reflns.observed_criterion_F_min     ? 
_reflns.pdbx_chi_squared             ? 
_reflns.pdbx_scaling_rejects         ? 
_reflns.pdbx_ordinal                 1 
_reflns.pdbx_diffrn_id               1 
# 
_reflns_shell.d_res_high             1.70 
_reflns_shell.d_res_low              1.76 
_reflns_shell.percent_possible_all   ? 
_reflns_shell.Rmerge_I_obs           ? 
_reflns_shell.pdbx_Rsym_value        0.59 
_reflns_shell.meanI_over_sigI_obs    2.2 
_reflns_shell.pdbx_redundancy        ? 
_reflns_shell.percent_possible_obs   ? 
_reflns_shell.number_unique_all      ? 
_reflns_shell.number_measured_all    ? 
_reflns_shell.number_measured_obs    ? 
_reflns_shell.number_unique_obs      ? 
_reflns_shell.pdbx_chi_squared       ? 
_reflns_shell.pdbx_ordinal           1 
_reflns_shell.pdbx_diffrn_id         1 
# 
_refine.entry_id                                 3C57 
_refine.ls_number_reflns_obs                     14088 
_refine.ls_number_reflns_all                     ? 
_refine.pdbx_ls_sigma_I                          ? 
_refine.pdbx_ls_sigma_F                          ? 
_refine.pdbx_data_cutoff_high_absF               ? 
_refine.pdbx_data_cutoff_low_absF                ? 
_refine.pdbx_data_cutoff_high_rms_absF           ? 
_refine.ls_d_res_low                             38.58 
_refine.ls_d_res_high                            1.70 
_refine.ls_percent_reflns_obs                    98.52 
_refine.ls_R_factor_obs                          0.18940 
_refine.ls_R_factor_all                          ? 
_refine.ls_R_factor_R_work                       0.18850 
_refine.ls_R_factor_R_free                       0.20612 
_refine.ls_R_factor_R_free_error                 ? 
_refine.ls_R_factor_R_free_error_details         ? 
_refine.ls_percent_reflns_R_free                 5.0 
_refine.ls_number_reflns_R_free                  704 
_refine.ls_number_parameters                     ? 
_refine.ls_number_restraints                     ? 
_refine.occupancy_min                            ? 
_refine.occupancy_max                            ? 
_refine.correlation_coeff_Fo_to_Fc               0.956 
_refine.correlation_coeff_Fo_to_Fc_free          0.950 
_refine.B_iso_mean                               14.260 
_refine.aniso_B[1][1]                            -0.29 
_refine.aniso_B[2][2]                            -0.34 
_refine.aniso_B[3][3]                            0.64 
_refine.aniso_B[1][2]                            0.00 
_refine.aniso_B[1][3]                            0.00 
_refine.aniso_B[2][3]                            0.00 
_refine.solvent_model_details                    MASK 
_refine.solvent_model_param_ksol                 ? 
_refine.solvent_model_param_bsol                 ? 
_refine.pdbx_solvent_vdw_probe_radii             1.20 
_refine.pdbx_solvent_ion_probe_radii             0.80 
_refine.pdbx_solvent_shrinkage_radii             0.80 
_refine.pdbx_ls_cross_valid_method               THROUGHOUT 
_refine.details                                  'HYDROGENS HAVE BEEN ADDED IN THE RIDING POSITIONS' 
_refine.pdbx_starting_model                      'DosR C-terminal domain (pdb code 1ZLJ) subunit A residues 152-192' 
_refine.pdbx_method_to_determine_struct          'MOLECULAR REPLACEMENT' 
_refine.pdbx_isotropic_thermal_model             'isotropic and TLS' 
_refine.pdbx_stereochemistry_target_values       'MAXIMUM LIKELIHOOD' 
_refine.pdbx_stereochem_target_val_spec_case     ? 
_refine.pdbx_R_Free_selection_details            RANDOM 
_refine.pdbx_overall_ESU_R                       0.097 
_refine.pdbx_overall_ESU_R_Free                  0.091 
_refine.overall_SU_ML                            0.059 
_refine.overall_SU_B                             3.674 
_refine.ls_redundancy_reflns_obs                 ? 
_refine.B_iso_min                                ? 
_refine.B_iso_max                                ? 
_refine.overall_SU_R_Cruickshank_DPI             ? 
_refine.overall_SU_R_free                        ? 
_refine.ls_wR_factor_R_free                      ? 
_refine.ls_wR_factor_R_work                      ? 
_refine.overall_FOM_free_R_set                   ? 
_refine.overall_FOM_work_R_set                   ? 
_refine.pdbx_overall_phase_error                 ? 
_refine.pdbx_refine_id                           'X-RAY DIFFRACTION' 
_refine.pdbx_TLS_residual_ADP_flag               'LIKELY RESIDUAL' 
_refine.pdbx_diffrn_id                           1 
_refine.pdbx_overall_SU_R_free_Cruickshank_DPI   ? 
_refine.pdbx_overall_SU_R_Blow_DPI               ? 
_refine.pdbx_overall_SU_R_free_Blow_DPI          ? 
# 
_refine_hist.pdbx_refine_id                   'X-RAY DIFFRACTION' 
_refine_hist.cycle_id                         LAST 
_refine_hist.pdbx_number_atoms_protein        768 
_refine_hist.pdbx_number_atoms_nucleic_acid   0 
_refine_hist.pdbx_number_atoms_ligand         0 
_refine_hist.number_atoms_solvent             49 
_refine_hist.number_atoms_total               817 
_refine_hist.d_res_high                       1.70 
_refine_hist.d_res_low                        38.58 
# 
loop_
_refine_ls_restr.type 
_refine_ls_restr.dev_ideal 
_refine_ls_restr.dev_ideal_target 
_refine_ls_restr.weight 
_refine_ls_restr.number 
_refine_ls_restr.pdbx_refine_id 
_refine_ls_restr.pdbx_restraint_function 
r_bond_refined_d             0.012  0.022  ? 832  'X-RAY DIFFRACTION' ? 
r_bond_other_d               ?      ?      ? ?    'X-RAY DIFFRACTION' ? 
r_angle_refined_deg          1.330  2.017  ? 1130 'X-RAY DIFFRACTION' ? 
r_angle_other_deg            ?      ?      ? ?    'X-RAY DIFFRACTION' ? 
r_dihedral_angle_1_deg       3.888  5.000  ? 119  'X-RAY DIFFRACTION' ? 
r_dihedral_angle_2_deg       27.895 22.500 ? 32   'X-RAY DIFFRACTION' ? 
r_dihedral_angle_3_deg       14.086 15.000 ? 178  'X-RAY DIFFRACTION' ? 
r_dihedral_angle_4_deg       21.488 15.000 ? 10   'X-RAY DIFFRACTION' ? 
r_chiral_restr               0.096  0.200  ? 142  'X-RAY DIFFRACTION' ? 
r_gen_planes_refined         0.006  0.020  ? 588  'X-RAY DIFFRACTION' ? 
r_gen_planes_other           ?      ?      ? ?    'X-RAY DIFFRACTION' ? 
r_nbd_refined                0.215  0.300  ? 337  'X-RAY DIFFRACTION' ? 
r_nbd_other                  ?      ?      ? ?    'X-RAY DIFFRACTION' ? 
r_nbtor_refined              0.316  0.500  ? 585  'X-RAY DIFFRACTION' ? 
r_nbtor_other                ?      ?      ? ?    'X-RAY DIFFRACTION' ? 
r_xyhbond_nbd_refined        0.200  0.500  ? 76   'X-RAY DIFFRACTION' ? 
r_xyhbond_nbd_other          ?      ?      ? ?    'X-RAY DIFFRACTION' ? 
r_metal_ion_refined          ?      ?      ? ?    'X-RAY DIFFRACTION' ? 
r_metal_ion_other            ?      ?      ? ?    'X-RAY DIFFRACTION' ? 
r_symmetry_vdw_refined       0.254  0.300  ? 82   'X-RAY DIFFRACTION' ? 
r_symmetry_vdw_other         ?      ?      ? ?    'X-RAY DIFFRACTION' ? 
r_symmetry_hbond_refined     0.211  0.500  ? 18   'X-RAY DIFFRACTION' ? 
r_symmetry_hbond_other       ?      ?      ? ?    'X-RAY DIFFRACTION' ? 
r_symmetry_metal_ion_refined ?      ?      ? ?    'X-RAY DIFFRACTION' ? 
r_symmetry_metal_ion_other   ?      ?      ? ?    'X-RAY DIFFRACTION' ? 
r_mcbond_it                  2.090  4.000  ? 547  'X-RAY DIFFRACTION' ? 
r_mcbond_other               ?      ?      ? ?    'X-RAY DIFFRACTION' ? 
r_mcangle_it                 2.631  5.000  ? 846  'X-RAY DIFFRACTION' ? 
r_scbond_it                  3.791  5.000  ? 318  'X-RAY DIFFRACTION' ? 
r_scangle_it                 5.143  6.000  ? 273  'X-RAY DIFFRACTION' ? 
r_rigid_bond_restr           ?      ?      ? ?    'X-RAY DIFFRACTION' ? 
r_sphericity_free            ?      ?      ? ?    'X-RAY DIFFRACTION' ? 
r_sphericity_bonded          ?      ?      ? ?    'X-RAY DIFFRACTION' ? 
# 
loop_
_refine_ls_restr_ncs.dom_id 
_refine_ls_restr_ncs.pdbx_auth_asym_id 
_refine_ls_restr_ncs.pdbx_number 
_refine_ls_restr_ncs.rms_dev_position 
_refine_ls_restr_ncs.weight_position 
_refine_ls_restr_ncs.pdbx_type 
_refine_ls_restr_ncs.pdbx_ens_id 
_refine_ls_restr_ncs.pdbx_refine_id 
_refine_ls_restr_ncs.pdbx_ordinal 
_refine_ls_restr_ncs.ncs_model_details 
_refine_ls_restr_ncs.rms_dev_B_iso 
_refine_ls_restr_ncs.weight_B_iso 
_refine_ls_restr_ncs.pdbx_asym_id 
_refine_ls_restr_ncs.pdbx_rms 
_refine_ls_restr_ncs.pdbx_weight 
1 A 355 0.48 5.00  'loose positional' 1 'X-RAY DIFFRACTION' 1 ? ? ? ? ? ? 
1 A 355 1.45 10.00 'loose thermal'    1 'X-RAY DIFFRACTION' 2 ? ? ? ? ? ? 
# 
_refine_ls_shell.pdbx_total_number_of_bins_used   20 
_refine_ls_shell.d_res_high                       1.70 
_refine_ls_shell.d_res_low                        1.745 
_refine_ls_shell.number_reflns_R_work             899 
_refine_ls_shell.R_factor_R_work                  0.236 
_refine_ls_shell.percent_reflns_obs               90.38 
_refine_ls_shell.R_factor_R_free                  0.272 
_refine_ls_shell.R_factor_R_free_error            ? 
_refine_ls_shell.percent_reflns_R_free            ? 
_refine_ls_shell.number_reflns_R_free             41 
_refine_ls_shell.number_reflns_all                ? 
_refine_ls_shell.R_factor_all                     ? 
_refine_ls_shell.number_reflns_obs                940 
_refine_ls_shell.redundancy_reflns_obs            ? 
_refine_ls_shell.pdbx_refine_id                   'X-RAY DIFFRACTION' 
# 
loop_
_struct_ncs_dom.pdbx_ens_id 
_struct_ncs_dom.id 
_struct_ncs_dom.details 
1 1 A 
1 2 B 
# 
loop_
_struct_ncs_dom_lim.pdbx_ens_id 
_struct_ncs_dom_lim.dom_id 
_struct_ncs_dom_lim.pdbx_component_id 
_struct_ncs_dom_lim.beg_label_asym_id 
_struct_ncs_dom_lim.beg_label_comp_id 
_struct_ncs_dom_lim.beg_label_seq_id 
_struct_ncs_dom_lim.beg_label_alt_id 
_struct_ncs_dom_lim.end_label_asym_id 
_struct_ncs_dom_lim.end_label_comp_id 
_struct_ncs_dom_lim.end_label_seq_id 
_struct_ncs_dom_lim.end_label_alt_id 
_struct_ncs_dom_lim.beg_auth_asym_id 
_struct_ncs_dom_lim.beg_auth_comp_id 
_struct_ncs_dom_lim.beg_auth_seq_id 
_struct_ncs_dom_lim.end_auth_asym_id 
_struct_ncs_dom_lim.end_auth_comp_id 
_struct_ncs_dom_lim.end_auth_seq_id 
_struct_ncs_dom_lim.pdbx_refine_code 
_struct_ncs_dom_lim.selection_details 
1 1 1 A THR 29 . A GLN 77 . A THR 151 A GLN 199 6 ? 
1 2 1 B THR 29 . B GLN 77 . B THR 151 B GLN 199 6 ? 
# 
_struct_ncs_ens.id        1 
_struct_ncs_ens.details   ? 
# 
_struct.entry_id                  3C57 
_struct.title                     
'Crystal Structure of the Mycobacterium tuberculosis Hypoxic Response Regulator DosR C-terminal Domain Crystal Form II' 
_struct.pdbx_model_details        ? 
_struct.pdbx_CASP_flag            ? 
_struct.pdbx_model_type_details   ? 
# 
_struct_keywords.entry_id        3C57 
_struct_keywords.pdbx_keywords   TRANSCRIPTION 
_struct_keywords.text            
'RESPONSE REGULATOR, TWO-COMPONENT REGULATORY SYSTEM, DNA-BINDING PROTEIN, TUBERCULOSIS, TRANSCRIPTION REGULATION, TRANSCRIPTION' 
# 
loop_
_struct_asym.id 
_struct_asym.pdbx_blank_PDB_chainid_flag 
_struct_asym.pdbx_modified 
_struct_asym.entity_id 
_struct_asym.details 
A N N 1 ? 
B N N 1 ? 
C N N 2 ? 
D N N 2 ? 
# 
_struct_biol.id        1 
_struct_biol.details   ? 
# 
loop_
_struct_conf.conf_type_id 
_struct_conf.id 
_struct_conf.pdbx_PDB_helix_id 
_struct_conf.beg_label_comp_id 
_struct_conf.beg_label_asym_id 
_struct_conf.beg_label_seq_id 
_struct_conf.pdbx_beg_PDB_ins_code 
_struct_conf.end_label_comp_id 
_struct_conf.end_label_asym_id 
_struct_conf.end_label_seq_id 
_struct_conf.pdbx_end_PDB_ins_code 
_struct_conf.beg_auth_comp_id 
_struct_conf.beg_auth_asym_id 
_struct_conf.beg_auth_seq_id 
_struct_conf.end_auth_comp_id 
_struct_conf.end_auth_asym_id 
_struct_conf.end_auth_seq_id 
_struct_conf.pdbx_PDB_helix_class 
_struct_conf.details 
_struct_conf.pdbx_PDB_helix_length 
HELX_P HELX_P1 1 THR A 29 ? GLU A 41 ? THR A 151 GLU A 163 1 ? 13 
HELX_P HELX_P2 2 THR A 44 ? PHE A 53 ? THR A 166 PHE A 175 1 ? 10 
HELX_P HELX_P3 3 ALA A 55 ? GLY A 71 ? ALA A 177 GLY A 193 1 ? 17 
HELX_P HELX_P4 4 THR B 29 ? GLU B 41 ? THR B 151 GLU B 163 1 ? 13 
HELX_P HELX_P5 5 THR B 44 ? PHE B 53 ? THR B 166 PHE B 175 1 ? 10 
HELX_P HELX_P6 6 ALA B 55 ? GLY B 71 ? ALA B 177 GLY B 193 1 ? 17 
# 
_struct_conf_type.id          HELX_P 
_struct_conf_type.criteria    ? 
_struct_conf_type.reference   ? 
# 
_atom_sites.entry_id                    3C57 
_atom_sites.fract_transf_matrix[1][1]   0.01000190 
_atom_sites.fract_transf_matrix[1][2]   -0.02252329 
_atom_sites.fract_transf_matrix[1][3]   0.00540056 
_atom_sites.fract_transf_matrix[2][1]   -0.01936672 
_atom_sites.fract_transf_matrix[2][2]   -0.00819505 
_atom_sites.fract_transf_matrix[2][3]   0.00168956 
_atom_sites.fract_transf_matrix[3][1]   0.00017543 
_atom_sites.fract_transf_matrix[3][2]   -0.00343569 
_atom_sites.fract_transf_matrix[3][3]   -0.01465360 
_atom_sites.fract_transf_vector[1]      0.952633 
_atom_sites.fract_transf_vector[2]      0.196678 
_atom_sites.fract_transf_vector[3]      0.343117 
# 
loop_
_atom_type.symbol 
C 
N 
O 
S 
# 
loop_
_atom_site.group_PDB 
_atom_site.id 
_atom_site.type_symbol 
_atom_site.label_atom_id 
_atom_site.label_alt_id 
_atom_site.label_comp_id 
_atom_site.label_asym_id 
_atom_site.label_entity_id 
_atom_site.label_seq_id 
_atom_site.pdbx_PDB_ins_code 
_atom_site.Cartn_x 
_atom_site.Cartn_y 
_atom_site.Cartn_z 
_atom_site.occupancy 
_atom_site.B_iso_or_equiv 
_atom_site.pdbx_formal_charge 
_atom_site.auth_seq_id 
_atom_site.auth_comp_id 
_atom_site.auth_asym_id 
_atom_site.auth_atom_id 
_atom_site.pdbx_PDB_model_num 
ATOM   1   N N   . GLY A 1 27 ? 10.613  4.454   -5.599  1.00 22.25 ? 149 GLY A N   1 
ATOM   2   C CA  . GLY A 1 27 ? 9.362   3.657   -5.771  1.00 22.18 ? 149 GLY A CA  1 
ATOM   3   C C   . GLY A 1 27 ? 9.530   2.185   -5.438  1.00 22.42 ? 149 GLY A C   1 
ATOM   4   O O   . GLY A 1 27 ? 10.553  1.772   -4.901  1.00 25.16 ? 149 GLY A O   1 
ATOM   5   N N   . LEU A 1 28 ? 8.523   1.385   -5.763  1.00 20.83 ? 150 LEU A N   1 
ATOM   6   C CA  . LEU A 1 28 ? 8.575   -0.051  -5.477  1.00 20.10 ? 150 LEU A CA  1 
ATOM   7   C C   . LEU A 1 28 ? 9.253   -0.836  -6.601  1.00 20.15 ? 150 LEU A C   1 
ATOM   8   O O   . LEU A 1 28 ? 9.319   -0.376  -7.748  1.00 19.78 ? 150 LEU A O   1 
ATOM   9   C CB  . LEU A 1 28 ? 7.177   -0.603  -5.241  1.00 19.85 ? 150 LEU A CB  1 
ATOM   10  C CG  . LEU A 1 28 ? 6.404   -0.023  -4.062  1.00 18.75 ? 150 LEU A CG  1 
ATOM   11  C CD1 . LEU A 1 28 ? 4.982   -0.512  -4.124  1.00 19.54 ? 150 LEU A CD1 1 
ATOM   12  C CD2 . LEU A 1 28 ? 7.063   -0.398  -2.745  1.00 19.78 ? 150 LEU A CD2 1 
ATOM   13  N N   . THR A 1 29 ? 9.766   -2.014  -6.258  1.00 18.67 ? 151 THR A N   1 
ATOM   14  C CA  . THR A 1 29 ? 10.309  -2.926  -7.253  1.00 17.22 ? 151 THR A CA  1 
ATOM   15  C C   . THR A 1 29 ? 9.158   -3.660  -7.916  1.00 17.44 ? 151 THR A C   1 
ATOM   16  O O   . THR A 1 29 ? 8.021   -3.611  -7.444  1.00 13.79 ? 151 THR A O   1 
ATOM   17  C CB  . THR A 1 29 ? 11.217  -3.983  -6.621  1.00 18.31 ? 151 THR A CB  1 
ATOM   18  O OG1 . THR A 1 29 ? 10.426  -4.883  -5.834  1.00 18.30 ? 151 THR A OG1 1 
ATOM   19  C CG2 . THR A 1 29 ? 12.278  -3.330  -5.748  1.00 18.03 ? 151 THR A CG2 1 
ATOM   20  N N   . ASP A 1 30 ? 9.472   -4.361  -9.001  1.00 16.69 ? 152 ASP A N   1 
ATOM   21  C CA  . ASP A 1 30 ? 8.486   -5.137  -9.742  1.00 14.94 ? 152 ASP A CA  1 
ATOM   22  C C   . ASP A 1 30 ? 7.732   -6.159  -8.876  1.00 14.68 ? 152 ASP A C   1 
ATOM   23  O O   . ASP A 1 30 ? 6.502   -6.223  -8.920  1.00 12.32 ? 152 ASP A O   1 
ATOM   24  C CB  . ASP A 1 30 ? 9.155   -5.820  -10.944 1.00 14.81 ? 152 ASP A CB  1 
ATOM   25  N N   . GLN A 1 31 ? 8.455   -6.955  -8.089  1.00 13.78 ? 153 GLN A N   1 
ATOM   26  C CA  . GLN A 1 31 ? 7.810   -7.984  -7.262  1.00 12.55 ? 153 GLN A CA  1 
ATOM   27  C C   . GLN A 1 31 ? 6.864   -7.354  -6.234  1.00 12.14 ? 153 GLN A C   1 
ATOM   28  O O   . GLN A 1 31 ? 5.755   -7.835  -6.008  1.00 13.05 ? 153 GLN A O   1 
ATOM   29  C CB  . GLN A 1 31 ? 8.859   -8.829  -6.541  1.00 12.73 ? 153 GLN A CB  1 
ATOM   30  N N   . GLU A 1 32 ? 7.324   -6.269  -5.618  1.00 11.91 ? 154 GLU A N   1 
ATOM   31  C CA  . GLU A 1 32 ? 6.518   -5.512  -4.667  1.00 12.49 ? 154 GLU A CA  1 
ATOM   32  C C   . GLU A 1 32 ? 5.267   -4.966  -5.341  1.00 9.87  ? 154 GLU A C   1 
ATOM   33  O O   . GLU A 1 32 ? 4.171   -5.025  -4.767  1.00 9.32  ? 154 GLU A O   1 
ATOM   34  C CB  . GLU A 1 32 ? 7.341   -4.358  -4.071  1.00 12.41 ? 154 GLU A CB  1 
ATOM   35  C CG  . GLU A 1 32 ? 8.234   -4.757  -2.900  1.00 14.57 ? 154 GLU A CG  1 
ATOM   36  C CD  . GLU A 1 32 ? 9.349   -3.737  -2.601  1.00 15.50 ? 154 GLU A CD  1 
ATOM   37  O OE1 . GLU A 1 32 ? 9.604   -2.820  -3.421  1.00 17.24 ? 154 GLU A OE1 1 
ATOM   38  O OE2 . GLU A 1 32 ? 9.986   -3.863  -1.539  1.00 15.68 ? 154 GLU A OE2 1 
ATOM   39  N N   . ARG A 1 33 ? 5.429   -4.427  -6.554  1.00 9.78  ? 155 ARG A N   1 
ATOM   40  C CA  . ARG A 1 33 ? 4.292   -3.904  -7.303  1.00 9.02  ? 155 ARG A CA  1 
ATOM   41  C C   . ARG A 1 33 ? 3.259   -4.997  -7.595  1.00 8.31  ? 155 ARG A C   1 
ATOM   42  O O   . ARG A 1 33 ? 2.057   -4.776  -7.467  1.00 12.22 ? 155 ARG A O   1 
ATOM   43  C CB  . ARG A 1 33 ? 4.749   -3.229  -8.604  1.00 8.41  ? 155 ARG A CB  1 
ATOM   44  C CG  . ARG A 1 33 ? 5.686   -2.067  -8.385  1.00 10.59 ? 155 ARG A CG  1 
ATOM   45  C CD  . ARG A 1 33 ? 5.818   -1.235  -9.668  1.00 18.37 ? 155 ARG A CD  1 
ATOM   46  N NE  . ARG A 1 33 ? 4.735   -0.254  -9.757  1.00 24.85 ? 155 ARG A NE  1 
ATOM   47  C CZ  . ARG A 1 33 ? 4.895   1.049   -9.536  1.00 28.39 ? 155 ARG A CZ  1 
ATOM   48  N NH1 . ARG A 1 33 ? 6.099   1.544   -9.239  1.00 30.96 ? 155 ARG A NH1 1 
ATOM   49  N NH2 . ARG A 1 33 ? 3.852   1.870   -9.634  1.00 33.95 ? 155 ARG A NH2 1 
ATOM   50  N N   . THR A 1 34 ? 3.726   -6.186  -7.977  1.00 9.74  ? 156 THR A N   1 
ATOM   51  C CA  . THR A 1 34 ? 2.833   -7.318  -8.216  1.00 11.20 ? 156 THR A CA  1 
ATOM   52  C C   . THR A 1 34 ? 2.038   -7.680  -6.963  1.00 11.88 ? 156 THR A C   1 
ATOM   53  O O   . THR A 1 34 ? 0.810   -7.855  -6.997  1.00 10.55 ? 156 THR A O   1 
ATOM   54  C CB  . THR A 1 34 ? 3.619   -8.551  -8.676  1.00 13.41 ? 156 THR A CB  1 
ATOM   55  O OG1 . THR A 1 34 ? 4.244   -8.266  -9.928  1.00 17.77 ? 156 THR A OG1 1 
ATOM   56  C CG2 . THR A 1 34 ? 2.693   -9.748  -8.827  1.00 16.03 ? 156 THR A CG2 1 
ATOM   57  N N   . LEU A 1 35 ? 2.745   -7.781  -5.849  1.00 9.11  ? 157 LEU A N   1 
ATOM   58  C CA  . LEU A 1 35 ? 2.087   -8.072  -4.573  1.00 8.84  ? 157 LEU A CA  1 
ATOM   59  C C   . LEU A 1 35 ? 1.069   -6.998  -4.244  1.00 9.03  ? 157 LEU A C   1 
ATOM   60  O O   . LEU A 1 35 ? -0.045  -7.314  -3.827  1.00 11.14 ? 157 LEU A O   1 
ATOM   61  C CB  . LEU A 1 35 ? 3.133   -8.154  -3.469  1.00 8.32  ? 157 LEU A CB  1 
ATOM   62  C CG  . LEU A 1 35 ? 2.607   -8.553  -2.087  1.00 9.02  ? 157 LEU A CG  1 
ATOM   63  C CD1 . LEU A 1 35 ? 1.787   -9.842  -2.214  1.00 12.25 ? 157 LEU A CD1 1 
ATOM   64  C CD2 . LEU A 1 35 ? 3.756   -8.688  -1.096  1.00 7.88  ? 157 LEU A CD2 1 
ATOM   65  N N   . LEU A 1 36 ? 1.445   -5.728  -4.432  1.00 8.98  ? 158 LEU A N   1 
ATOM   66  C CA  . LEU A 1 36 ? 0.531   -4.604  -4.150  1.00 9.41  ? 158 LEU A CA  1 
ATOM   67  C C   . LEU A 1 36 ? -0.725  -4.705  -5.043  1.00 9.37  ? 158 LEU A C   1 
ATOM   68  O O   . LEU A 1 36 ? -1.829  -4.458  -4.580  1.00 12.16 ? 158 LEU A O   1 
ATOM   69  C CB  . LEU A 1 36 ? 1.234   -3.278  -4.398  1.00 9.22  ? 158 LEU A CB  1 
ATOM   70  C CG  . LEU A 1 36 ? 1.290   -2.310  -3.239  1.00 17.18 ? 158 LEU A CG  1 
ATOM   71  C CD1 . LEU A 1 36 ? 1.727   -0.937  -3.761  1.00 9.03  ? 158 LEU A CD1 1 
ATOM   72  C CD2 . LEU A 1 36 ? -0.033  -2.244  -2.455  1.00 12.64 ? 158 LEU A CD2 1 
ATOM   73  N N   . GLY A 1 37 ? -0.549  -5.129  -6.289  1.00 8.33  ? 159 GLY A N   1 
ATOM   74  C CA  . GLY A 1 37 ? -1.674  -5.371  -7.180  1.00 10.72 ? 159 GLY A CA  1 
ATOM   75  C C   . GLY A 1 37 ? -2.637  -6.391  -6.602  1.00 11.98 ? 159 GLY A C   1 
ATOM   76  O O   . GLY A 1 37 ? -3.854  -6.196  -6.620  1.00 13.00 ? 159 GLY A O   1 
ATOM   77  N N   . LEU A 1 38 ? -2.093  -7.495  -6.107  1.00 10.01 ? 160 LEU A N   1 
ATOM   78  C CA  . LEU A 1 38 ? -2.934  -8.572  -5.552  1.00 8.75  ? 160 LEU A CA  1 
ATOM   79  C C   . LEU A 1 38 ? -3.647  -8.109  -4.296  1.00 11.82 ? 160 LEU A C   1 
ATOM   80  O O   . LEU A 1 38 ? -4.818  -8.470  -4.070  1.00 12.79 ? 160 LEU A O   1 
ATOM   81  C CB  . LEU A 1 38 ? -2.107  -9.824  -5.267  1.00 8.46  ? 160 LEU A CB  1 
ATOM   82  C CG  . LEU A 1 38 ? -1.488  -10.459 -6.507  1.00 7.21  ? 160 LEU A CG  1 
ATOM   83  C CD1 . LEU A 1 38 ? -0.689  -11.715 -6.147  1.00 10.42 ? 160 LEU A CD1 1 
ATOM   84  C CD2 . LEU A 1 38 ? -2.555  -10.799 -7.565  1.00 9.84  ? 160 LEU A CD2 1 
ATOM   85  N N   . LEU A 1 39 ? -2.959  -7.329  -3.463  1.00 10.95 ? 161 LEU A N   1 
ATOM   86  C CA  . LEU A 1 39 ? -3.605  -6.773  -2.260  1.00 11.09 ? 161 LEU A CA  1 
ATOM   87  C C   . LEU A 1 39 ? -4.750  -5.837  -2.677  1.00 11.67 ? 161 LEU A C   1 
ATOM   88  O O   . LEU A 1 39 ? -5.837  -5.824  -2.075  1.00 12.28 ? 161 LEU A O   1 
ATOM   89  C CB  . LEU A 1 39 ? -2.591  -5.987  -1.416  1.00 10.78 ? 161 LEU A CB  1 
ATOM   90  C CG  . LEU A 1 39 ? -1.531  -6.875  -0.747  1.00 9.19  ? 161 LEU A CG  1 
ATOM   91  C CD1 . LEU A 1 39 ? -0.517  -5.974  -0.048  1.00 8.96  ? 161 LEU A CD1 1 
ATOM   92  C CD2 . LEU A 1 39 ? -2.207  -7.815  0.264   1.00 7.44  ? 161 LEU A CD2 1 
ATOM   93  N N   . SER A 1 40 ? -4.510  -5.075  -3.735  1.00 10.43 ? 162 SER A N   1 
ATOM   94  C CA  A SER A 1 40 ? -5.482  -4.085  -4.187  0.50 11.62 ? 162 SER A CA  1 
ATOM   95  C CA  B SER A 1 40 ? -5.473  -4.090  -4.229  0.50 11.75 ? 162 SER A CA  1 
ATOM   96  C C   . SER A 1 40 ? -6.742  -4.781  -4.705  1.00 11.77 ? 162 SER A C   1 
ATOM   97  O O   . SER A 1 40 ? -7.839  -4.210  -4.648  1.00 11.21 ? 162 SER A O   1 
ATOM   98  C CB  A SER A 1 40 ? -4.877  -3.183  -5.267  0.50 14.23 ? 162 SER A CB  1 
ATOM   99  C CB  B SER A 1 40 ? -4.880  -3.294  -5.391  0.50 14.48 ? 162 SER A CB  1 
ATOM   100 O OG  A SER A 1 40 ? -4.942  -3.796  -6.542  0.50 15.79 ? 162 SER A OG  1 
ATOM   101 O OG  B SER A 1 40 ? -3.866  -2.416  -4.957  0.50 16.52 ? 162 SER A OG  1 
ATOM   102 N N   . GLU A 1 41 ? -6.568  -6.012  -5.197  1.00 10.09 ? 163 GLU A N   1 
ATOM   103 C CA  . GLU A 1 41 ? -7.670  -6.809  -5.737  1.00 13.52 ? 163 GLU A CA  1 
ATOM   104 C C   . GLU A 1 41 ? -8.446  -7.450  -4.597  1.00 10.85 ? 163 GLU A C   1 
ATOM   105 O O   . GLU A 1 41 ? -9.537  -7.990  -4.819  1.00 11.41 ? 163 GLU A O   1 
ATOM   106 C CB  . GLU A 1 41 ? -7.161  -7.961  -6.611  1.00 14.57 ? 163 GLU A CB  1 
ATOM   107 C CG  . GLU A 1 41 ? -6.626  -7.605  -7.979  1.00 22.08 ? 163 GLU A CG  1 
ATOM   108 C CD  . GLU A 1 41 ? -6.137  -8.850  -8.710  1.00 21.36 ? 163 GLU A CD  1 
ATOM   109 O OE1 . GLU A 1 41 ? -6.774  -9.915  -8.558  1.00 28.94 ? 163 GLU A OE1 1 
ATOM   110 O OE2 . GLU A 1 41 ? -5.117  -8.775  -9.421  1.00 29.81 ? 163 GLU A OE2 1 
ATOM   111 N N   . GLY A 1 42 ? -7.872  -7.444  -3.399  1.00 7.88  ? 164 GLY A N   1 
ATOM   112 C CA  . GLY A 1 42 ? -8.560  -8.009  -2.256  1.00 7.73  ? 164 GLY A CA  1 
ATOM   113 C C   . GLY A 1 42 ? -8.291  -9.477  -1.992  1.00 7.81  ? 164 GLY A C   1 
ATOM   114 O O   . GLY A 1 42 ? -9.010  -10.110 -1.217  1.00 8.06  ? 164 GLY A O   1 
ATOM   115 N N   . LEU A 1 43 ? -7.260  -10.040 -2.614  1.00 8.78  ? 165 LEU A N   1 
ATOM   116 C CA  A LEU A 1 43 ? -6.935  -11.439 -2.351  0.50 9.46  ? 165 LEU A CA  1 
ATOM   117 C CA  B LEU A 1 43 ? -6.908  -11.445 -2.353  0.50 9.28  ? 165 LEU A CA  1 
ATOM   118 C C   . LEU A 1 43 ? -6.405  -11.630 -0.931  1.00 10.28 ? 165 LEU A C   1 
ATOM   119 O O   . LEU A 1 43 ? -5.651  -10.797 -0.426  1.00 11.49 ? 165 LEU A O   1 
ATOM   120 C CB  A LEU A 1 43 ? -5.909  -11.926 -3.372  0.50 11.61 ? 165 LEU A CB  1 
ATOM   121 C CB  B LEU A 1 43 ? -5.799  -11.913 -3.300  0.50 10.58 ? 165 LEU A CB  1 
ATOM   122 C CG  A LEU A 1 43 ? -6.442  -11.878 -4.811  0.50 9.58  ? 165 LEU A CG  1 
ATOM   123 C CG  B LEU A 1 43 ? -6.146  -12.504 -4.670  0.50 8.29  ? 165 LEU A CG  1 
ATOM   124 C CD1 A LEU A 1 43 ? -5.410  -12.401 -5.795  0.50 13.95 ? 165 LEU A CD1 1 
ATOM   125 C CD1 B LEU A 1 43 ? -6.651  -11.407 -5.568  0.50 10.41 ? 165 LEU A CD1 1 
ATOM   126 C CD2 A LEU A 1 43 ? -7.737  -12.656 -4.929  0.50 8.27  ? 165 LEU A CD2 1 
ATOM   127 C CD2 B LEU A 1 43 ? -4.867  -13.123 -5.219  0.50 8.03  ? 165 LEU A CD2 1 
ATOM   128 N N   . THR A 1 44 ? -6.776  -12.741 -0.291  1.00 11.72 ? 166 THR A N   1 
ATOM   129 C CA  . THR A 1 44 ? -6.256  -13.056 1.039   1.00 10.15 ? 166 THR A CA  1 
ATOM   130 C C   . THR A 1 44 ? -4.797  -13.473 0.973   1.00 11.71 ? 166 THR A C   1 
ATOM   131 O O   . THR A 1 44 ? -4.312  -13.825 -0.126  1.00 10.35 ? 166 THR A O   1 
ATOM   132 C CB  . THR A 1 44 ? -7.052  -14.199 1.711   1.00 9.23  ? 166 THR A CB  1 
ATOM   133 O OG1 . THR A 1 44 ? -6.855  -15.435 0.993   1.00 11.62 ? 166 THR A OG1 1 
ATOM   134 C CG2 . THR A 1 44 ? -8.540  -13.846 1.729   1.00 11.45 ? 166 THR A CG2 1 
ATOM   135 N N   . ASN A 1 45 ? -4.102  -13.496 2.120   1.00 11.05 ? 167 ASN A N   1 
ATOM   136 C CA  . ASN A 1 45 ? -2.721  -14.032 2.108   1.00 11.09 ? 167 ASN A CA  1 
ATOM   137 C C   . ASN A 1 45 ? -2.668  -15.446 1.559   1.00 11.48 ? 167 ASN A C   1 
ATOM   138 O O   . ASN A 1 45 ? -1.732  -15.785 0.838   1.00 11.78 ? 167 ASN A O   1 
ATOM   139 C CB  . ASN A 1 45 ? -2.065  -14.034 3.483   1.00 10.77 ? 167 ASN A CB  1 
ATOM   140 C CG  . ASN A 1 45 ? -1.808  -12.608 4.021   1.00 8.74  ? 167 ASN A CG  1 
ATOM   141 O OD1 . ASN A 1 45 ? -1.965  -11.582 3.308   1.00 9.60  ? 167 ASN A OD1 1 
ATOM   142 N ND2 . ASN A 1 45 ? -1.395  -12.554 5.294   1.00 9.95  ? 167 ASN A ND2 1 
ATOM   143 N N   . LYS A 1 46 ? -3.655  -16.272 1.929   1.00 9.79  ? 168 LYS A N   1 
ATOM   144 C CA  . LYS A 1 46 ? -3.694  -17.653 1.429   1.00 11.82 ? 168 LYS A CA  1 
ATOM   145 C C   . LYS A 1 46 ? -3.842  -17.687 -0.091  1.00 12.51 ? 168 LYS A C   1 
ATOM   146 O O   . LYS A 1 46 ? -3.180  -18.454 -0.760  1.00 10.78 ? 168 LYS A O   1 
ATOM   147 C CB  . LYS A 1 46 ? -4.842  -18.430 2.068   1.00 11.68 ? 168 LYS A CB  1 
ATOM   148 C CG  . LYS A 1 46 ? -4.913  -19.917 1.622   1.00 13.83 ? 168 LYS A CG  1 
ATOM   149 C CD  . LYS A 1 46 ? -3.568  -20.602 1.820   1.00 22.83 ? 168 LYS A CD  1 
ATOM   150 N N   . GLN A 1 47 ? -4.732  -16.865 -0.625  1.00 9.84  ? 169 GLN A N   1 
ATOM   151 C CA  . GLN A 1 47 ? -4.935  -16.829 -2.082  1.00 11.64 ? 169 GLN A CA  1 
ATOM   152 C C   . GLN A 1 47 ? -3.668  -16.374 -2.774  1.00 8.96  ? 169 GLN A C   1 
ATOM   153 O O   . GLN A 1 47 ? -3.315  -16.905 -3.831  1.00 11.15 ? 169 GLN A O   1 
ATOM   154 C CB  . GLN A 1 47 ? -6.086  -15.881 -2.438  1.00 10.66 ? 169 GLN A CB  1 
ATOM   155 C CG  . GLN A 1 47 ? -7.452  -16.485 -2.144  1.00 10.86 ? 169 GLN A CG  1 
ATOM   156 C CD  . GLN A 1 47 ? -8.562  -15.497 -2.391  1.00 11.57 ? 169 GLN A CD  1 
ATOM   157 O OE1 . GLN A 1 47 ? -8.502  -14.363 -1.929  1.00 11.61 ? 169 GLN A OE1 1 
ATOM   158 N NE2 . GLN A 1 47 ? -9.602  -15.937 -3.091  1.00 17.07 ? 169 GLN A NE2 1 
ATOM   159 N N   . ILE A 1 48 ? -2.990  -15.388 -2.183  1.00 8.74  ? 170 ILE A N   1 
ATOM   160 C CA  . ILE A 1 48 ? -1.740  -14.880 -2.774  1.00 10.19 ? 170 ILE A CA  1 
ATOM   161 C C   . ILE A 1 48 ? -0.661  -15.963 -2.731  1.00 8.93  ? 170 ILE A C   1 
ATOM   162 O O   . ILE A 1 48 ? 0.051   -16.179 -3.726  1.00 11.10 ? 170 ILE A O   1 
ATOM   163 C CB  . ILE A 1 48 ? -1.284  -13.632 -2.042  1.00 10.29 ? 170 ILE A CB  1 
ATOM   164 C CG1 . ILE A 1 48 ? -2.285  -12.512 -2.331  1.00 9.23  ? 170 ILE A CG1 1 
ATOM   165 C CG2 . ILE A 1 48 ? 0.132   -13.216 -2.494  1.00 10.04 ? 170 ILE A CG2 1 
ATOM   166 C CD1 . ILE A 1 48 ? -2.077  -11.283 -1.436  1.00 11.29 ? 170 ILE A CD1 1 
ATOM   167 N N   . ALA A 1 49 ? -0.581  -16.678 -1.609  1.00 8.88  ? 171 ALA A N   1 
ATOM   168 C CA  . ALA A 1 49 ? 0.419   -17.765 -1.440  1.00 9.93  ? 171 ALA A CA  1 
ATOM   169 C C   . ALA A 1 49 ? 0.186   -18.856 -2.473  1.00 10.39 ? 171 ALA A C   1 
ATOM   170 O O   . ALA A 1 49 ? 1.132   -19.403 -3.066  1.00 10.96 ? 171 ALA A O   1 
ATOM   171 C CB  . ALA A 1 49 ? 0.337   -18.341 -0.006  1.00 11.36 ? 171 ALA A CB  1 
ATOM   172 N N   . ASP A 1 50 ? -1.073  -19.173 -2.713  1.00 11.01 ? 172 ASP A N   1 
ATOM   173 C CA  . ASP A 1 50 ? -1.391  -20.174 -3.702  1.00 14.69 ? 172 ASP A CA  1 
ATOM   174 C C   . ASP A 1 50 ? -1.029  -19.751 -5.120  1.00 14.16 ? 172 ASP A C   1 
ATOM   175 O O   . ASP A 1 50 ? -0.525  -20.566 -5.900  1.00 19.52 ? 172 ASP A O   1 
ATOM   176 C CB  . ASP A 1 50 ? -2.858  -20.597 -3.572  1.00 14.65 ? 172 ASP A CB  1 
ATOM   177 C CG  . ASP A 1 50 ? -3.120  -21.402 -2.299  1.00 19.15 ? 172 ASP A CG  1 
ATOM   178 O OD1 . ASP A 1 50 ? -2.151  -21.797 -1.604  1.00 27.22 ? 172 ASP A OD1 1 
ATOM   179 O OD2 . ASP A 1 50 ? -4.302  -21.649 -1.992  1.00 25.67 ? 172 ASP A OD2 1 
ATOM   180 N N   . ARG A 1 51 ? -1.223  -18.478 -5.436  1.00 12.72 ? 173 ARG A N   1 
ATOM   181 C CA  . ARG A 1 51 ? -0.883  -17.933 -6.751  1.00 15.28 ? 173 ARG A CA  1 
ATOM   182 C C   . ARG A 1 51 ? 0.632   -17.846 -6.966  1.00 13.53 ? 173 ARG A C   1 
ATOM   183 O O   . ARG A 1 51 ? 1.116   -17.903 -8.121  1.00 11.44 ? 173 ARG A O   1 
ATOM   184 C CB  . ARG A 1 51 ? -1.502  -16.537 -6.910  1.00 17.57 ? 173 ARG A CB  1 
ATOM   185 C CG  . ARG A 1 51 ? -3.032  -16.505 -6.877  1.00 21.39 ? 173 ARG A CG  1 
ATOM   186 C CD  . ARG A 1 51 ? -3.642  -16.455 -8.266  1.00 23.71 ? 173 ARG A CD  1 
ATOM   187 N NE  . ARG A 1 51 ? -3.285  -15.233 -8.976  1.00 25.65 ? 173 ARG A NE  1 
ATOM   188 C CZ  . ARG A 1 51 ? -4.116  -14.219 -9.218  1.00 16.43 ? 173 ARG A CZ  1 
ATOM   189 N NH1 . ARG A 1 51 ? -3.667  -13.169 -9.872  1.00 21.94 ? 173 ARG A NH1 1 
ATOM   190 N NH2 . ARG A 1 51 ? -5.380  -14.252 -8.817  1.00 19.56 ? 173 ARG A NH2 1 
ATOM   191 N N   . MET A 1 52 ? 1.368   -17.697 -5.857  1.00 13.04 ? 174 MET A N   1 
ATOM   192 C CA  . MET A 1 52 ? 2.835   -17.520 -5.903  1.00 13.59 ? 174 MET A CA  1 
ATOM   193 C C   . MET A 1 52 ? 3.640   -18.761 -5.521  1.00 10.64 ? 174 MET A C   1 
ATOM   194 O O   . MET A 1 52 ? 4.890   -18.740 -5.560  1.00 12.96 ? 174 MET A O   1 
ATOM   195 C CB  . MET A 1 52 ? 3.250   -16.351 -5.006  1.00 14.94 ? 174 MET A CB  1 
ATOM   196 C CG  . MET A 1 52 ? 2.653   -15.023 -5.427  1.00 18.33 ? 174 MET A CG  1 
ATOM   197 S SD  . MET A 1 52 ? 3.261   -13.650 -4.422  1.00 27.71 ? 174 MET A SD  1 
ATOM   198 C CE  . MET A 1 52 ? 2.516   -12.253 -5.253  1.00 27.12 ? 174 MET A CE  1 
ATOM   199 N N   . PHE A 1 53 ? 2.951   -19.849 -5.191  1.00 10.76 ? 175 PHE A N   1 
ATOM   200 C CA  . PHE A 1 53 ? 3.621   -21.100 -4.782  1.00 9.31  ? 175 PHE A CA  1 
ATOM   201 C C   . PHE A 1 53 ? 4.526   -20.838 -3.591  1.00 11.98 ? 175 PHE A C   1 
ATOM   202 O O   . PHE A 1 53 ? 5.656   -21.309 -3.551  1.00 12.36 ? 175 PHE A O   1 
ATOM   203 C CB  . PHE A 1 53 ? 4.397   -21.742 -5.951  1.00 10.34 ? 175 PHE A CB  1 
ATOM   204 C CG  . PHE A 1 53 ? 3.605   -21.765 -7.209  1.00 11.05 ? 175 PHE A CG  1 
ATOM   205 C CD1 . PHE A 1 53 ? 3.934   -20.953 -8.266  1.00 13.94 ? 175 PHE A CD1 1 
ATOM   206 C CD2 . PHE A 1 53 ? 2.463   -22.530 -7.286  1.00 14.50 ? 175 PHE A CD2 1 
ATOM   207 C CE1 . PHE A 1 53 ? 3.162   -20.940 -9.400  1.00 16.55 ? 175 PHE A CE1 1 
ATOM   208 C CE2 . PHE A 1 53 ? 1.685   -22.526 -8.414  1.00 12.78 ? 175 PHE A CE2 1 
ATOM   209 C CZ  . PHE A 1 53 ? 2.023   -21.716 -9.467  1.00 15.35 ? 175 PHE A CZ  1 
ATOM   210 N N   . LEU A 1 54 ? 4.021   -20.072 -2.631  1.00 7.52  ? 176 LEU A N   1 
ATOM   211 C CA  . LEU A 1 54 ? 4.762   -19.741 -1.408  1.00 10.81 ? 176 LEU A CA  1 
ATOM   212 C C   . LEU A 1 54 ? 3.962   -20.197 -0.200  1.00 10.43 ? 176 LEU A C   1 
ATOM   213 O O   . LEU A 1 54 ? 2.747   -20.408 -0.291  1.00 12.56 ? 176 LEU A O   1 
ATOM   214 C CB  . LEU A 1 54 ? 4.926   -18.222 -1.293  1.00 10.19 ? 176 LEU A CB  1 
ATOM   215 C CG  . LEU A 1 54 ? 5.803   -17.549 -2.343  1.00 13.67 ? 176 LEU A CG  1 
ATOM   216 C CD1 . LEU A 1 54 ? 5.702   -16.035 -2.164  1.00 16.90 ? 176 LEU A CD1 1 
ATOM   217 C CD2 . LEU A 1 54 ? 7.231   -18.040 -2.223  1.00 13.21 ? 176 LEU A CD2 1 
ATOM   218 N N   . ALA A 1 55 ? 4.630   -20.331 0.938   1.00 10.23 ? 177 ALA A N   1 
ATOM   219 C CA  . ALA A 1 55 ? 3.943   -20.548 2.201   1.00 9.01  ? 177 ALA A CA  1 
ATOM   220 C C   . ALA A 1 55 ? 3.146   -19.314 2.590   1.00 11.42 ? 177 ALA A C   1 
ATOM   221 O O   . ALA A 1 55 ? 3.563   -18.184 2.341   1.00 10.43 ? 177 ALA A O   1 
ATOM   222 C CB  . ALA A 1 55 ? 4.975   -20.883 3.299   1.00 9.20  ? 177 ALA A CB  1 
ATOM   223 N N   . GLU A 1 56 ? 1.991   -19.526 3.217   1.00 11.16 ? 178 GLU A N   1 
ATOM   224 C CA  . GLU A 1 56 ? 1.197   -18.375 3.693   1.00 8.91  ? 178 GLU A CA  1 
ATOM   225 C C   . GLU A 1 56 ? 2.013   -17.483 4.641   1.00 10.26 ? 178 GLU A C   1 
ATOM   226 O O   . GLU A 1 56 ? 1.904   -16.245 4.596   1.00 11.96 ? 178 GLU A O   1 
ATOM   227 C CB  . GLU A 1 56 ? -0.109  -18.819 4.339   1.00 9.49  ? 178 GLU A CB  1 
ATOM   228 C CG  . GLU A 1 56 ? -0.962  -17.623 4.709   1.00 10.07 ? 178 GLU A CG  1 
ATOM   229 C CD  . GLU A 1 56 ? -2.320  -17.974 5.301   1.00 11.79 ? 178 GLU A CD  1 
ATOM   230 O OE1 . GLU A 1 56 ? -2.726  -19.160 5.269   1.00 15.89 ? 178 GLU A OE1 1 
ATOM   231 O OE2 . GLU A 1 56 ? -2.957  -17.026 5.823   1.00 11.85 ? 178 GLU A OE2 1 
ATOM   232 N N   . LYS A 1 57 ? 2.824   -18.098 5.503   1.00 9.94  ? 179 LYS A N   1 
ATOM   233 C CA  . LYS A 1 57 ? 3.618   -17.290 6.448   1.00 10.68 ? 179 LYS A CA  1 
ATOM   234 C C   . LYS A 1 57 ? 4.625   -16.410 5.713   1.00 11.39 ? 179 LYS A C   1 
ATOM   235 O O   . LYS A 1 57 ? 4.903   -15.279 6.125   1.00 12.36 ? 179 LYS A O   1 
ATOM   236 C CB  . LYS A 1 57 ? 4.311   -18.172 7.514   1.00 12.86 ? 179 LYS A CB  1 
ATOM   237 C CG  . LYS A 1 57 ? 4.569   -17.406 8.809   1.00 17.44 ? 179 LYS A CG  1 
ATOM   238 C CD  . LYS A 1 57 ? 4.825   -18.359 9.964   1.00 20.14 ? 179 LYS A CD  1 
ATOM   239 C CE  . LYS A 1 57 ? 4.333   -17.798 11.305  1.00 27.11 ? 179 LYS A CE  1 
ATOM   240 N NZ  . LYS A 1 57 ? 4.583   -16.337 11.483  1.00 29.06 ? 179 LYS A NZ  1 
ATOM   241 N N   . THR A 1 58 ? 5.182   -16.929 4.619   1.00 9.99  ? 180 THR A N   1 
ATOM   242 C CA  . THR A 1 58 ? 6.118   -16.153 3.804   1.00 11.66 ? 180 THR A CA  1 
ATOM   243 C C   . THR A 1 58 ? 5.399   -14.914 3.245   1.00 10.95 ? 180 THR A C   1 
ATOM   244 O O   . THR A 1 58 ? 5.917   -13.767 3.263   1.00 11.16 ? 180 THR A O   1 
ATOM   245 C CB  . THR A 1 58 ? 6.698   -17.049 2.664   1.00 10.63 ? 180 THR A CB  1 
ATOM   246 O OG1 . THR A 1 58 ? 7.492   -18.110 3.223   1.00 10.82 ? 180 THR A OG1 1 
ATOM   247 C CG2 . THR A 1 58 ? 7.586   -16.220 1.728   1.00 8.89  ? 180 THR A CG2 1 
ATOM   248 N N   . VAL A 1 59 ? 4.192   -15.149 2.730   1.00 10.30 ? 181 VAL A N   1 
ATOM   249 C CA  . VAL A 1 59 ? 3.401   -14.056 2.178   1.00 10.56 ? 181 VAL A CA  1 
ATOM   250 C C   . VAL A 1 59 ? 3.097   -13.037 3.273   1.00 11.01 ? 181 VAL A C   1 
ATOM   251 O O   . VAL A 1 59 ? 3.233   -11.829 3.044   1.00 12.10 ? 181 VAL A O   1 
ATOM   252 C CB  . VAL A 1 59 ? 2.137   -14.580 1.508   1.00 7.91  ? 181 VAL A CB  1 
ATOM   253 C CG1 . VAL A 1 59 ? 1.199   -13.399 1.139   1.00 9.76  ? 181 VAL A CG1 1 
ATOM   254 C CG2 . VAL A 1 59 ? 2.554   -15.370 0.212   1.00 11.19 ? 181 VAL A CG2 1 
ATOM   255 N N   . LYS A 1 60 ? 2.739   -13.505 4.468   1.00 10.14 ? 182 LYS A N   1 
ATOM   256 C CA  . LYS A 1 60 ? 2.429   -12.594 5.559   1.00 10.78 ? 182 LYS A CA  1 
ATOM   257 C C   . LYS A 1 60 ? 3.627   -11.676 5.824   1.00 11.70 ? 182 LYS A C   1 
ATOM   258 O O   . LYS A 1 60 ? 3.486   -10.436 6.005   1.00 11.02 ? 182 LYS A O   1 
ATOM   259 C CB  . LYS A 1 60 ? 2.089   -13.377 6.822   1.00 11.83 ? 182 LYS A CB  1 
ATOM   260 C CG  . LYS A 1 60 ? 1.730   -12.452 7.977   1.00 11.97 ? 182 LYS A CG  1 
ATOM   261 C CD  . LYS A 1 60 ? 1.330   -13.276 9.189   1.00 16.78 ? 182 LYS A CD  1 
ATOM   262 C CE  . LYS A 1 60 ? 1.269   -12.397 10.422  1.00 19.89 ? 182 LYS A CE  1 
ATOM   263 N NZ  . LYS A 1 60 ? 0.907   -13.199 11.639  1.00 26.69 ? 182 LYS A NZ  1 
ATOM   264 N N   . ASN A 1 61 ? 4.814   -12.271 5.845   1.00 10.95 ? 183 ASN A N   1 
ATOM   265 C CA  . ASN A 1 61 ? 6.014   -11.473 6.089   1.00 11.90 ? 183 ASN A CA  1 
ATOM   266 C C   . ASN A 1 61 ? 6.302   -10.480 4.956   1.00 10.62 ? 183 ASN A C   1 
ATOM   267 O O   . ASN A 1 61 ? 6.675   -9.332  5.231   1.00 12.45 ? 183 ASN A O   1 
ATOM   268 C CB  . ASN A 1 61 ? 7.214   -12.392 6.309   1.00 9.50  ? 183 ASN A CB  1 
ATOM   269 C CG  . ASN A 1 61 ? 7.121   -13.181 7.601   1.00 13.30 ? 183 ASN A CG  1 
ATOM   270 O OD1 . ASN A 1 61 ? 7.783   -14.227 7.766   1.00 14.68 ? 183 ASN A OD1 1 
ATOM   271 N ND2 . ASN A 1 61 ? 6.344   -12.682 8.538   1.00 9.98  ? 183 ASN A ND2 1 
ATOM   272 N N   . TYR A 1 62 ? 6.159   -10.913 3.701   1.00 9.72  ? 184 TYR A N   1 
ATOM   273 C CA  . TYR A 1 62 ? 6.325   -9.992  2.552   1.00 9.53  ? 184 TYR A CA  1 
ATOM   274 C C   . TYR A 1 62 ? 5.337   -8.818  2.617   1.00 10.43 ? 184 TYR A C   1 
ATOM   275 O O   . TYR A 1 62 ? 5.704   -7.665  2.347   1.00 11.92 ? 184 TYR A O   1 
ATOM   276 C CB  . TYR A 1 62 ? 6.183   -10.700 1.204   1.00 12.84 ? 184 TYR A CB  1 
ATOM   277 C CG  . TYR A 1 62 ? 7.469   -11.361 0.759   1.00 14.15 ? 184 TYR A CG  1 
ATOM   278 C CD1 . TYR A 1 62 ? 8.642   -10.623 0.604   1.00 15.47 ? 184 TYR A CD1 1 
ATOM   279 C CD2 . TYR A 1 62 ? 7.512   -12.726 0.503   1.00 16.95 ? 184 TYR A CD2 1 
ATOM   280 C CE1 . TYR A 1 62 ? 9.836   -11.239 0.202   1.00 17.71 ? 184 TYR A CE1 1 
ATOM   281 C CE2 . TYR A 1 62 ? 8.697   -13.341 0.104   1.00 13.54 ? 184 TYR A CE2 1 
ATOM   282 C CZ  . TYR A 1 62 ? 9.849   -12.603 -0.029  1.00 13.21 ? 184 TYR A CZ  1 
ATOM   283 O OH  . TYR A 1 62 ? 11.000  -13.244 -0.437  1.00 18.81 ? 184 TYR A OH  1 
ATOM   284 N N   . VAL A 1 63 ? 4.087   -9.122  2.975   1.00 9.24  ? 185 VAL A N   1 
ATOM   285 C CA  . VAL A 1 63 ? 3.037   -8.091  3.043   1.00 10.62 ? 185 VAL A CA  1 
ATOM   286 C C   . VAL A 1 63 ? 3.375   -7.129  4.175   1.00 9.72  ? 185 VAL A C   1 
ATOM   287 O O   . VAL A 1 63 ? 3.239   -5.906  4.019   1.00 10.51 ? 185 VAL A O   1 
ATOM   288 C CB  . VAL A 1 63 ? 1.664   -8.739  3.289   1.00 10.73 ? 185 VAL A CB  1 
ATOM   289 C CG1 . VAL A 1 63 ? 0.616   -7.686  3.650   1.00 12.18 ? 185 VAL A CG1 1 
ATOM   290 C CG2 . VAL A 1 63 ? 1.221   -9.563  2.052   1.00 11.71 ? 185 VAL A CG2 1 
ATOM   291 N N   . SER A 1 64 ? 3.836   -7.662  5.311   1.00 10.36 ? 186 SER A N   1 
ATOM   292 C CA  A SER A 1 64 ? 4.211   -6.794  6.425   0.75 11.04 ? 186 SER A CA  1 
ATOM   293 C CA  B SER A 1 64 ? 4.231   -6.790  6.428   0.25 9.91  ? 186 SER A CA  1 
ATOM   294 C C   . SER A 1 64 ? 5.345   -5.824  6.038   1.00 10.29 ? 186 SER A C   1 
ATOM   295 O O   . SER A 1 64 ? 5.319   -4.639  6.405   1.00 10.36 ? 186 SER A O   1 
ATOM   296 C CB  A SER A 1 64 ? 4.584   -7.647  7.639   0.75 12.04 ? 186 SER A CB  1 
ATOM   297 C CB  B SER A 1 64 ? 4.687   -7.600  7.640   0.25 9.92  ? 186 SER A CB  1 
ATOM   298 O OG  A SER A 1 64 ? 3.457   -8.433  8.055   0.75 13.49 ? 186 SER A OG  1 
ATOM   299 O OG  B SER A 1 64 ? 5.023   -6.730  8.713   0.25 9.34  ? 186 SER A OG  1 
ATOM   300 N N   . ARG A 1 65 ? 6.353   -6.341  5.321   1.00 7.33  ? 187 ARG A N   1 
ATOM   301 C CA  . ARG A 1 65 ? 7.495   -5.500  4.887   1.00 8.54  ? 187 ARG A CA  1 
ATOM   302 C C   . ARG A 1 65 ? 7.009   -4.446  3.890   1.00 9.99  ? 187 ARG A C   1 
ATOM   303 O O   . ARG A 1 65 ? 7.377   -3.258  3.970   1.00 10.77 ? 187 ARG A O   1 
ATOM   304 C CB  . ARG A 1 65 ? 8.593   -6.360  4.249   1.00 7.56  ? 187 ARG A CB  1 
ATOM   305 C CG  . ARG A 1 65 ? 9.864   -5.550  3.866   1.00 11.69 ? 187 ARG A CG  1 
ATOM   306 C CD  . ARG A 1 65 ? 11.019  -6.384  3.293   1.00 17.62 ? 187 ARG A CD  1 
ATOM   307 N NE  . ARG A 1 65 ? 10.709  -6.849  1.946   1.00 25.55 ? 187 ARG A NE  1 
ATOM   308 C CZ  . ARG A 1 65 ? 11.501  -7.618  1.205   1.00 27.07 ? 187 ARG A CZ  1 
ATOM   309 N NH1 . ARG A 1 65 ? 12.687  -8.017  1.662   1.00 26.86 ? 187 ARG A NH1 1 
ATOM   310 N NH2 . ARG A 1 65 ? 11.100  -7.990  -0.006  1.00 30.21 ? 187 ARG A NH2 1 
ATOM   311 N N   . LEU A 1 66 ? 6.165   -4.873  2.953   1.00 8.48  ? 188 LEU A N   1 
ATOM   312 C CA  . LEU A 1 66 ? 5.633   -3.935  1.939   1.00 8.43  ? 188 LEU A CA  1 
ATOM   313 C C   . LEU A 1 66 ? 4.813   -2.821  2.588   1.00 12.23 ? 188 LEU A C   1 
ATOM   314 O O   . LEU A 1 66 ? 4.996   -1.627  2.301   1.00 10.52 ? 188 LEU A O   1 
ATOM   315 C CB  . LEU A 1 66 ? 4.745   -4.716  0.962   1.00 8.95  ? 188 LEU A CB  1 
ATOM   316 C CG  . LEU A 1 66 ? 4.367   -4.176  -0.426  1.00 15.00 ? 188 LEU A CG  1 
ATOM   317 C CD1 . LEU A 1 66 ? 3.079   -4.894  -0.991  1.00 10.12 ? 188 LEU A CD1 1 
ATOM   318 C CD2 . LEU A 1 66 ? 4.330   -2.732  -0.632  1.00 19.48 ? 188 LEU A CD2 1 
ATOM   319 N N   . LEU A 1 67 ? 3.892   -3.190  3.469   1.00 10.48 ? 189 LEU A N   1 
ATOM   320 C CA  . LEU A 1 67 ? 3.090   -2.152  4.120   1.00 11.14 ? 189 LEU A CA  1 
ATOM   321 C C   . LEU A 1 67 ? 3.949   -1.238  4.974   1.00 13.49 ? 189 LEU A C   1 
ATOM   322 O O   . LEU A 1 67 ? 3.699   -0.040  5.036   1.00 12.71 ? 189 LEU A O   1 
ATOM   323 C CB  . LEU A 1 67 ? 1.936   -2.761  4.916   1.00 10.75 ? 189 LEU A CB  1 
ATOM   324 C CG  . LEU A 1 67 ? 0.896   -3.435  3.995   1.00 12.67 ? 189 LEU A CG  1 
ATOM   325 C CD1 . LEU A 1 67 ? -0.344  -3.912  4.761   1.00 16.73 ? 189 LEU A CD1 1 
ATOM   326 C CD2 . LEU A 1 67 ? 0.417   -2.483  2.874   1.00 16.92 ? 189 LEU A CD2 1 
ATOM   327 N N   . ALA A 1 68 ? 4.973   -1.784  5.629   1.00 11.52 ? 190 ALA A N   1 
ATOM   328 C CA  . ALA A 1 68 ? 5.910   -0.906  6.365   1.00 14.17 ? 190 ALA A CA  1 
ATOM   329 C C   . ALA A 1 68 ? 6.612   0.115   5.454   1.00 13.91 ? 190 ALA A C   1 
ATOM   330 O O   . ALA A 1 68 ? 6.749   1.298   5.820   1.00 13.42 ? 190 ALA A O   1 
ATOM   331 C CB  . ALA A 1 68 ? 6.933   -1.719  7.117   1.00 14.66 ? 190 ALA A CB  1 
ATOM   332 N N   . LYS A 1 69 ? 7.043   -0.337  4.280   1.00 11.15 ? 191 LYS A N   1 
ATOM   333 C CA  . LYS A 1 69 ? 7.688   0.529   3.298   1.00 11.32 ? 191 LYS A CA  1 
ATOM   334 C C   . LYS A 1 69 ? 6.741   1.626   2.803   1.00 11.26 ? 191 LYS A C   1 
ATOM   335 O O   . LYS A 1 69 ? 7.146   2.795   2.683   1.00 11.49 ? 191 LYS A O   1 
ATOM   336 C CB  . LYS A 1 69 ? 8.143   -0.289  2.081   1.00 10.45 ? 191 LYS A CB  1 
ATOM   337 C CG  . LYS A 1 69 ? 9.341   -1.180  2.329   1.00 17.96 ? 191 LYS A CG  1 
ATOM   338 C CD  . LYS A 1 69 ? 9.975   -1.527  0.989   1.00 19.31 ? 191 LYS A CD  1 
ATOM   339 C CE  . LYS A 1 69 ? 11.164  -2.451  1.151   1.00 24.49 ? 191 LYS A CE  1 
ATOM   340 N NZ  . LYS A 1 69 ? 12.006  -2.422  -0.075  1.00 28.94 ? 191 LYS A NZ  1 
ATOM   341 N N   . LEU A 1 70 ? 5.502   1.259   2.485   1.00 10.42 ? 192 LEU A N   1 
ATOM   342 C CA  . LEU A 1 70 ? 4.496   2.247   2.053   1.00 9.75  ? 192 LEU A CA  1 
ATOM   343 C C   . LEU A 1 70 ? 4.206   3.277   3.132   1.00 12.25 ? 192 LEU A C   1 
ATOM   344 O O   . LEU A 1 70 ? 3.826   4.410   2.830   1.00 11.54 ? 192 LEU A O   1 
ATOM   345 C CB  . LEU A 1 70 ? 3.173   1.585   1.667   1.00 9.04  ? 192 LEU A CB  1 
ATOM   346 C CG  . LEU A 1 70 ? 3.233   0.747   0.372   1.00 11.04 ? 192 LEU A CG  1 
ATOM   347 C CD1 . LEU A 1 70 ? 1.953   -0.124  0.168   1.00 12.00 ? 192 LEU A CD1 1 
ATOM   348 C CD2 . LEU A 1 70 ? 3.493   1.618   -0.856  1.00 11.45 ? 192 LEU A CD2 1 
ATOM   349 N N   . GLY A 1 71 ? 4.374   2.854   4.380   1.00 9.69  ? 193 GLY A N   1 
ATOM   350 C CA  . GLY A 1 71 ? 4.117   3.693   5.556   1.00 8.82  ? 193 GLY A CA  1 
ATOM   351 C C   . GLY A 1 71 ? 5.204   4.708   5.847   1.00 8.14  ? 193 GLY A C   1 
ATOM   352 O O   . GLY A 1 71 ? 5.058   5.534   6.779   1.00 8.92  ? 193 GLY A O   1 
ATOM   353 N N   . MET A 1 72 ? 6.297   4.659   5.070   1.00 7.49  ? 194 MET A N   1 
ATOM   354 C CA  A MET A 1 72 ? 7.419   5.592   5.263   0.75 7.88  ? 194 MET A CA  1 
ATOM   355 C CA  B MET A 1 72 ? 7.399   5.599   5.262   0.25 9.65  ? 194 MET A CA  1 
ATOM   356 C C   . MET A 1 72 ? 7.604   6.446   4.021   1.00 9.29  ? 194 MET A C   1 
ATOM   357 O O   . MET A 1 72 ? 7.203   6.044   2.909   1.00 10.03 ? 194 MET A O   1 
ATOM   358 C CB  A MET A 1 72 ? 8.733   4.824   5.534   0.75 8.40  ? 194 MET A CB  1 
ATOM   359 C CB  B MET A 1 72 ? 8.694   4.848   5.574   0.25 9.66  ? 194 MET A CB  1 
ATOM   360 C CG  A MET A 1 72 ? 8.688   3.920   6.759   0.75 13.06 ? 194 MET A CG  1 
ATOM   361 C CG  B MET A 1 72 ? 8.546   3.768   6.623   0.25 11.01 ? 194 MET A CG  1 
ATOM   362 S SD  A MET A 1 72 ? 8.705   4.895   8.269   0.75 19.05 ? 194 MET A SD  1 
ATOM   363 S SD  B MET A 1 72 ? 10.043  3.721   7.606   0.25 14.24 ? 194 MET A SD  1 
ATOM   364 C CE  A MET A 1 72 ? 10.307  5.664   8.311   0.75 10.55 ? 194 MET A CE  1 
ATOM   365 C CE  B MET A 1 72 ? 9.899   5.292   8.466   0.25 10.85 ? 194 MET A CE  1 
ATOM   366 N N   . GLU A 1 73 ? 8.232   7.618   4.184   1.00 10.07 ? 195 GLU A N   1 
ATOM   367 C CA  . GLU A 1 73 ? 8.527   8.449   3.023   1.00 10.59 ? 195 GLU A CA  1 
ATOM   368 C C   . GLU A 1 73 ? 9.913   9.048   3.176   1.00 9.17  ? 195 GLU A C   1 
ATOM   369 O O   . GLU A 1 73 ? 10.453  9.085   4.287   1.00 10.37 ? 195 GLU A O   1 
ATOM   370 C CB  . GLU A 1 73 ? 7.499   9.588   2.883   1.00 11.06 ? 195 GLU A CB  1 
ATOM   371 C CG  . GLU A 1 73 ? 7.604   10.568  4.042   1.00 11.33 ? 195 GLU A CG  1 
ATOM   372 C CD  . GLU A 1 73 ? 6.558   11.663  4.035   1.00 16.00 ? 195 GLU A CD  1 
ATOM   373 O OE1 . GLU A 1 73 ? 5.622   11.620  3.203   1.00 15.58 ? 195 GLU A OE1 1 
ATOM   374 O OE2 . GLU A 1 73 ? 6.679   12.620  4.849   1.00 19.17 ? 195 GLU A OE2 1 
ATOM   375 N N   . ARG A 1 74 ? 10.502  9.482   2.066   1.00 9.31  ? 196 ARG A N   1 
ATOM   376 C CA  A ARG A 1 74 ? 11.829  10.094  2.171   0.50 9.32  ? 196 ARG A CA  1 
ATOM   377 C CA  B ARG A 1 74 ? 11.815  10.168  2.080   0.50 11.60 ? 196 ARG A CA  1 
ATOM   378 C C   . ARG A 1 74 ? 11.783  11.380  2.997   1.00 10.75 ? 196 ARG A C   1 
ATOM   379 O O   . ARG A 1 74 ? 10.868  12.208  2.877   1.00 10.80 ? 196 ARG A O   1 
ATOM   380 C CB  A ARG A 1 74 ? 12.401  10.379  0.788   0.50 7.21  ? 196 ARG A CB  1 
ATOM   381 C CB  B ARG A 1 74 ? 12.128  10.743  0.698   0.50 11.05 ? 196 ARG A CB  1 
ATOM   382 C CG  A ARG A 1 74 ? 12.486  9.140   -0.087  0.50 10.56 ? 196 ARG A CG  1 
ATOM   383 C CG  B ARG A 1 74 ? 12.838  9.862   -0.307  0.50 16.87 ? 196 ARG A CG  1 
ATOM   384 C CD  A ARG A 1 74 ? 12.546  9.491   -1.572  0.50 12.21 ? 196 ARG A CD  1 
ATOM   385 C CD  B ARG A 1 74 ? 13.365  10.729  -1.469  0.50 14.45 ? 196 ARG A CD  1 
ATOM   386 N NE  A ARG A 1 74 ? 11.537  10.480  -1.956  0.50 13.22 ? 196 ARG A NE  1 
ATOM   387 N NE  B ARG A 1 74 ? 12.299  11.482  -2.147  0.50 19.45 ? 196 ARG A NE  1 
ATOM   388 C CZ  A ARG A 1 74 ? 10.921  10.520  -3.134  0.50 12.62 ? 196 ARG A CZ  1 
ATOM   389 C CZ  B ARG A 1 74 ? 12.056  12.783  -1.986  0.50 18.74 ? 196 ARG A CZ  1 
ATOM   390 N NH1 A ARG A 1 74 ? 11.182  9.602   -4.055  0.50 16.96 ? 196 ARG A NH1 1 
ATOM   391 N NH1 B ARG A 1 74 ? 11.065  13.361  -2.653  0.50 22.71 ? 196 ARG A NH1 1 
ATOM   392 N NH2 A ARG A 1 74 ? 10.029  11.471  -3.389  0.50 11.87 ? 196 ARG A NH2 1 
ATOM   393 N NH2 B ARG A 1 74 ? 12.801  13.516  -1.171  0.50 20.85 ? 196 ARG A NH2 1 
ATOM   394 N N   . ARG A 1 75 ? 12.794  11.563  3.842   1.00 7.00  ? 197 ARG A N   1 
ATOM   395 C CA  . ARG A 1 75 ? 12.848  12.797  4.622   1.00 7.56  ? 197 ARG A CA  1 
ATOM   396 C C   . ARG A 1 75 ? 13.833  13.807  4.043   1.00 11.20 ? 197 ARG A C   1 
ATOM   397 O O   . ARG A 1 75 ? 13.951  14.897  4.561   1.00 12.58 ? 197 ARG A O   1 
ATOM   398 C CB  . ARG A 1 75 ? 13.083  12.508  6.130   1.00 17.72 ? 197 ARG A CB  1 
ATOM   399 C CG  . ARG A 1 75 ? 14.396  12.037  6.547   1.00 16.95 ? 197 ARG A CG  1 
ATOM   400 C CD  . ARG A 1 75 ? 14.561  12.158  8.097   1.00 7.76  ? 197 ARG A CD  1 
ATOM   401 N NE  . ARG A 1 75 ? 13.972  11.119  8.960   1.00 11.54 ? 197 ARG A NE  1 
ATOM   402 C CZ  . ARG A 1 75 ? 13.215  11.378  10.028  1.00 10.90 ? 197 ARG A CZ  1 
ATOM   403 N NH1 . ARG A 1 75 ? 12.839  12.611  10.296  1.00 7.53  ? 197 ARG A NH1 1 
ATOM   404 N NH2 . ARG A 1 75 ? 12.806  10.399  10.834  1.00 9.65  ? 197 ARG A NH2 1 
ATOM   405 N N   . THR A 1 76 ? 14.550  13.444  2.975   1.00 10.46 ? 198 THR A N   1 
ATOM   406 C CA  . THR A 1 76 ? 15.666  14.297  2.559   1.00 14.93 ? 198 THR A CA  1 
ATOM   407 C C   . THR A 1 76 ? 15.431  14.666  1.132   1.00 19.39 ? 198 THR A C   1 
ATOM   408 O O   . THR A 1 76 ? 14.501  14.157  0.494   1.00 18.21 ? 198 THR A O   1 
ATOM   409 C CB  . THR A 1 76 ? 17.018  13.561  2.609   1.00 15.73 ? 198 THR A CB  1 
ATOM   410 O OG1 . THR A 1 76 ? 16.940  12.452  1.723   1.00 17.94 ? 198 THR A OG1 1 
ATOM   411 C CG2 . THR A 1 76 ? 17.325  13.044  4.019   1.00 21.11 ? 198 THR A CG2 1 
ATOM   412 N N   . GLN A 1 77 ? 16.322  15.516  0.634   1.00 23.31 ? 199 GLN A N   1 
ATOM   413 C CA  . GLN A 1 77 ? 16.302  15.987  -0.739  1.00 27.79 ? 199 GLN A CA  1 
ATOM   414 C C   . GLN A 1 77 ? 16.704  14.873  -1.709  1.00 29.77 ? 199 GLN A C   1 
ATOM   415 O O   . GLN A 1 77 ? 15.850  14.202  -2.291  1.00 32.74 ? 199 GLN A O   1 
ATOM   416 C CB  . GLN A 1 77 ? 17.253  17.178  -0.885  1.00 27.44 ? 199 GLN A CB  1 
ATOM   417 C CG  . GLN A 1 77 ? 17.165  18.190  0.246   1.00 26.97 ? 199 GLN A CG  1 
ATOM   418 N N   . THR B 1 29 ? -11.736 0.747   -4.235  1.00 17.86 ? 151 THR B N   1 
ATOM   419 C CA  . THR B 1 29 ? -12.213 2.158   -4.404  1.00 16.92 ? 151 THR B CA  1 
ATOM   420 C C   . THR B 1 29 ? -11.221 2.952   -5.247  1.00 16.16 ? 151 THR B C   1 
ATOM   421 O O   . THR B 1 29 ? -10.046 3.012   -4.916  1.00 12.51 ? 151 THR B O   1 
ATOM   422 C CB  . THR B 1 29 ? -12.366 2.832   -3.034  1.00 18.94 ? 151 THR B CB  1 
ATOM   423 O OG1 . THR B 1 29 ? -11.974 4.210   -3.116  1.00 18.93 ? 151 THR B OG1 1 
ATOM   424 C CG2 . THR B 1 29 ? -11.476 2.135   -2.028  1.00 16.98 ? 151 THR B CG2 1 
ATOM   425 N N   . ASP B 1 30 ? -11.686 3.578   -6.326  1.00 15.91 ? 152 ASP B N   1 
ATOM   426 C CA  . ASP B 1 30 ? -10.763 4.232   -7.264  1.00 15.52 ? 152 ASP B CA  1 
ATOM   427 C C   . ASP B 1 30 ? -9.956  5.408   -6.702  1.00 14.40 ? 152 ASP B C   1 
ATOM   428 O O   . ASP B 1 30 ? -8.820  5.611   -7.117  1.00 13.83 ? 152 ASP B O   1 
ATOM   429 C CB  . ASP B 1 30 ? -11.467 4.611   -8.579  1.00 19.92 ? 152 ASP B CB  1 
ATOM   430 C CG  . ASP B 1 30 ? -12.957 4.788   -8.410  1.00 23.30 ? 152 ASP B CG  1 
ATOM   431 O OD1 . ASP B 1 30 ? -13.686 4.727   -9.423  1.00 25.87 ? 152 ASP B OD1 1 
ATOM   432 O OD2 . ASP B 1 30 ? -13.405 4.977   -7.259  1.00 27.64 ? 152 ASP B OD2 1 
ATOM   433 N N   . GLN B 1 31 ? -10.503 6.164   -5.751  1.00 13.89 ? 153 GLN B N   1 
ATOM   434 C CA  . GLN B 1 31 ? -9.728  7.260   -5.126  1.00 13.91 ? 153 GLN B CA  1 
ATOM   435 C C   . GLN B 1 31 ? -8.595  6.720   -4.250  1.00 13.73 ? 153 GLN B C   1 
ATOM   436 O O   . GLN B 1 31 ? -7.516  7.311   -4.145  1.00 16.26 ? 153 GLN B O   1 
ATOM   437 C CB  . GLN B 1 31 ? -10.632 8.161   -4.312  1.00 14.79 ? 153 GLN B CB  1 
ATOM   438 N N   . GLU B 1 32 ? -8.848  5.579   -3.625  1.00 14.29 ? 154 GLU B N   1 
ATOM   439 C CA  . GLU B 1 32 ? -7.800  4.922   -2.871  1.00 13.38 ? 154 GLU B CA  1 
ATOM   440 C C   . GLU B 1 32 ? -6.789  4.265   -3.808  1.00 11.74 ? 154 GLU B C   1 
ATOM   441 O O   . GLU B 1 32 ? -5.583  4.291   -3.546  1.00 9.81  ? 154 GLU B O   1 
ATOM   442 C CB  . GLU B 1 32 ? -8.404  3.960   -1.841  1.00 16.26 ? 154 GLU B CB  1 
ATOM   443 C CG  . GLU B 1 32 ? -8.888  4.763   -0.627  1.00 20.33 ? 154 GLU B CG  1 
ATOM   444 C CD  . GLU B 1 32 ? -9.550  3.951   0.457   1.00 22.43 ? 154 GLU B CD  1 
ATOM   445 O OE1 . GLU B 1 32 ? -10.472 3.164   0.149   1.00 15.47 ? 154 GLU B OE1 1 
ATOM   446 O OE2 . GLU B 1 32 ? -9.160  4.136   1.640   1.00 23.48 ? 154 GLU B OE2 1 
ATOM   447 N N   . ARG B 1 33 ? -7.271  3.698   -4.908  1.00 12.48 ? 155 ARG B N   1 
ATOM   448 C CA  . ARG B 1 33 ? -6.361  3.158   -5.924  1.00 11.34 ? 155 ARG B CA  1 
ATOM   449 C C   . ARG B 1 33 ? -5.470  4.256   -6.519  1.00 14.44 ? 155 ARG B C   1 
ATOM   450 O O   . ARG B 1 33 ? -4.298  4.022   -6.804  1.00 12.14 ? 155 ARG B O   1 
ATOM   451 C CB  . ARG B 1 33 ? -7.138  2.415   -7.026  1.00 12.09 ? 155 ARG B CB  1 
ATOM   452 C CG  . ARG B 1 33 ? -8.030  1.297   -6.519  1.00 11.31 ? 155 ARG B CG  1 
ATOM   453 C CD  . ARG B 1 33 ? -8.742  0.607   -7.684  1.00 10.48 ? 155 ARG B CD  1 
ATOM   454 N NE  . ARG B 1 33 ? -9.949  -0.099  -7.264  1.00 16.82 ? 155 ARG B NE  1 
ATOM   455 N N   . THR B 1 34 ? -6.017  5.460   -6.693  1.00 11.26 ? 156 THR B N   1 
ATOM   456 C CA  . THR B 1 34 ? -5.240  6.579   -7.206  1.00 14.88 ? 156 THR B CA  1 
ATOM   457 C C   . THR B 1 34 ? -4.115  6.949   -6.234  1.00 13.06 ? 156 THR B C   1 
ATOM   458 O O   . THR B 1 34 ? -2.953  7.117   -6.618  1.00 11.07 ? 156 THR B O   1 
ATOM   459 C CB  . THR B 1 34 ? -6.149  7.795   -7.446  1.00 16.88 ? 156 THR B CB  1 
ATOM   460 O OG1 . THR B 1 34 ? -7.104  7.465   -8.456  1.00 18.55 ? 156 THR B OG1 1 
ATOM   461 C CG2 . THR B 1 34 ? -5.341  9.044   -7.862  1.00 19.80 ? 156 THR B CG2 1 
ATOM   462 N N   . LEU B 1 35 ? -4.474  7.074   -4.965  1.00 12.02 ? 157 LEU B N   1 
ATOM   463 C CA  . LEU B 1 35 ? -3.497  7.366   -3.931  1.00 10.55 ? 157 LEU B CA  1 
ATOM   464 C C   . LEU B 1 35 ? -2.412  6.280   -3.874  1.00 10.04 ? 157 LEU B C   1 
ATOM   465 O O   . LEU B 1 35 ? -1.202  6.580   -3.755  1.00 11.29 ? 157 LEU B O   1 
ATOM   466 C CB  . LEU B 1 35 ? -4.207  7.460   -2.580  1.00 10.42 ? 157 LEU B CB  1 
ATOM   467 C CG  . LEU B 1 35 ? -3.354  7.810   -1.366  1.00 10.94 ? 157 LEU B CG  1 
ATOM   468 C CD1 . LEU B 1 35 ? -2.488  9.076   -1.582  1.00 13.68 ? 157 LEU B CD1 1 
ATOM   469 C CD2 . LEU B 1 35 ? -4.219  7.941   -0.112  1.00 12.14 ? 157 LEU B CD2 1 
ATOM   470 N N   . LEU B 1 36 ? -2.835  5.011   -3.928  1.00 9.38  ? 158 LEU B N   1 
ATOM   471 C CA  . LEU B 1 36 ? -1.877  3.905   -3.857  1.00 8.97  ? 158 LEU B CA  1 
ATOM   472 C C   . LEU B 1 36 ? -0.853  3.966   -5.007  1.00 8.58  ? 158 LEU B C   1 
ATOM   473 O O   . LEU B 1 36 ? 0.327   3.680   -4.812  1.00 9.49  ? 158 LEU B O   1 
ATOM   474 C CB  . LEU B 1 36 ? -2.604  2.549   -3.848  1.00 9.49  ? 158 LEU B CB  1 
ATOM   475 C CG  . LEU B 1 36 ? -1.802  1.282   -3.526  1.00 8.51  ? 158 LEU B CG  1 
ATOM   476 C CD1 . LEU B 1 36 ? -1.044  1.433   -2.188  1.00 9.92  ? 158 LEU B CD1 1 
ATOM   477 C CD2 . LEU B 1 36 ? -2.712  0.068   -3.527  1.00 8.21  ? 158 LEU B CD2 1 
ATOM   478 N N   . GLY B 1 37 ? -1.323  4.341   -6.194  1.00 8.15  ? 159 GLY B N   1 
ATOM   479 C CA  . GLY B 1 37 ? -0.449  4.533   -7.340  1.00 8.98  ? 159 GLY B CA  1 
ATOM   480 C C   . GLY B 1 37 ? 0.657   5.532   -7.059  1.00 12.51 ? 159 GLY B C   1 
ATOM   481 O O   . GLY B 1 37 ? 1.823   5.292   -7.384  1.00 13.05 ? 159 GLY B O   1 
ATOM   482 N N   . LEU B 1 38 ? 0.302   6.669   -6.462  1.00 9.40  ? 160 LEU B N   1 
ATOM   483 C CA  A LEU B 1 38 ? 1.288   7.710   -6.166  0.50 12.25 ? 160 LEU B CA  1 
ATOM   484 C CA  B LEU B 1 38 ? 1.285   7.711   -6.166  0.50 9.24  ? 160 LEU B CA  1 
ATOM   485 C C   . LEU B 1 38 ? 2.260   7.266   -5.065  1.00 9.98  ? 160 LEU B C   1 
ATOM   486 O O   . LEU B 1 38 ? 3.454   7.571   -5.117  1.00 11.71 ? 160 LEU B O   1 
ATOM   487 C CB  A LEU B 1 38 ? 0.601   9.028   -5.773  0.50 12.92 ? 160 LEU B CB  1 
ATOM   488 C CB  B LEU B 1 38 ? 0.579   9.010   -5.756  0.50 7.13  ? 160 LEU B CB  1 
ATOM   489 C CG  A LEU B 1 38 ? 0.099   9.890   -6.938  0.50 15.02 ? 160 LEU B CG  1 
ATOM   490 C CG  B LEU B 1 38 ? -0.315  9.607   -6.845  0.50 2.00  ? 160 LEU B CG  1 
ATOM   491 C CD1 A LEU B 1 38 ? -1.074  9.245   -7.618  0.50 17.69 ? 160 LEU B CD1 1 
ATOM   492 C CD1 B LEU B 1 38 ? -1.150  10.758  -6.297  0.50 5.76  ? 160 LEU B CD1 1 
ATOM   493 C CD2 A LEU B 1 38 ? -0.279  11.302  -6.490  0.50 14.90 ? 160 LEU B CD2 1 
ATOM   494 C CD2 B LEU B 1 38 ? 0.524   10.084  -8.045  0.50 2.72  ? 160 LEU B CD2 1 
ATOM   495 N N   . LEU B 1 39 ? 1.754   6.546   -4.062  1.00 11.35 ? 161 LEU B N   1 
ATOM   496 C CA  . LEU B 1 39 ? 2.627   6.004   -3.013  1.00 11.71 ? 161 LEU B CA  1 
ATOM   497 C C   . LEU B 1 39 ? 3.652   5.043   -3.595  1.00 13.60 ? 161 LEU B C   1 
ATOM   498 O O   . LEU B 1 39 ? 4.829   5.024   -3.209  1.00 12.83 ? 161 LEU B O   1 
ATOM   499 C CB  . LEU B 1 39 ? 1.809   5.256   -1.931  1.00 11.41 ? 161 LEU B CB  1 
ATOM   500 C CG  . LEU B 1 39 ? 0.948   6.122   -1.005  1.00 11.36 ? 161 LEU B CG  1 
ATOM   501 C CD1 . LEU B 1 39 ? 0.144   5.169   -0.073  1.00 10.72 ? 161 LEU B CD1 1 
ATOM   502 C CD2 . LEU B 1 39 ? 1.805   7.038   -0.131  1.00 9.97  ? 161 LEU B CD2 1 
ATOM   503 N N   . SER B 1 40 ? 3.199   4.219   -4.533  1.00 10.94 ? 162 SER B N   1 
ATOM   504 C CA  . SER B 1 40 ? 4.051   3.221   -5.133  1.00 11.66 ? 162 SER B CA  1 
ATOM   505 C C   . SER B 1 40 ? 5.168   3.879   -5.931  1.00 10.80 ? 162 SER B C   1 
ATOM   506 O O   . SER B 1 40 ? 6.202   3.263   -6.140  1.00 10.92 ? 162 SER B O   1 
ATOM   507 C CB  . SER B 1 40 ? 3.226   2.285   -6.022  1.00 13.80 ? 162 SER B CB  1 
ATOM   508 O OG  . SER B 1 40 ? 2.938   2.877   -7.277  1.00 19.36 ? 162 SER B OG  1 
ATOM   509 N N   . GLU B 1 41 ? 4.952   5.115   -6.381  1.00 8.11  ? 163 GLU B N   1 
ATOM   510 C CA  . GLU B 1 41 ? 5.990   5.856   -7.107  1.00 12.17 ? 163 GLU B CA  1 
ATOM   511 C C   . GLU B 1 41 ? 6.987   6.503   -6.166  1.00 11.91 ? 163 GLU B C   1 
ATOM   512 O O   . GLU B 1 41 ? 7.984   7.063   -6.617  1.00 12.17 ? 163 GLU B O   1 
ATOM   513 C CB  . GLU B 1 41 ? 5.380   6.938   -7.992  1.00 14.22 ? 163 GLU B CB  1 
ATOM   514 C CG  . GLU B 1 41 ? 4.431   6.394   -9.033  1.00 23.11 ? 163 GLU B CG  1 
ATOM   515 C CD  . GLU B 1 41 ? 4.015   7.434   -10.037 1.00 28.63 ? 163 GLU B CD  1 
ATOM   516 O OE1 . GLU B 1 41 ? 4.053   8.645   -9.698  1.00 32.71 ? 163 GLU B OE1 1 
ATOM   517 O OE2 . GLU B 1 41 ? 3.661   7.035   -11.175 1.00 32.70 ? 163 GLU B OE2 1 
ATOM   518 N N   . GLY B 1 42 ? 6.710   6.446   -4.868  1.00 10.55 ? 164 GLY B N   1 
ATOM   519 C CA  . GLY B 1 42 ? 7.630   7.000   -3.883  1.00 12.21 ? 164 GLY B CA  1 
ATOM   520 C C   . GLY B 1 42 ? 7.448   8.474   -3.589  1.00 10.82 ? 164 GLY B C   1 
ATOM   521 O O   . GLY B 1 42 ? 8.298   9.102   -2.950  1.00 12.41 ? 164 GLY B O   1 
ATOM   522 N N   . LEU B 1 43 ? 6.366   9.072   -4.065  1.00 9.02  ? 165 LEU B N   1 
ATOM   523 C CA  A LEU B 1 43 ? 6.105   10.465  -3.720  0.50 10.08 ? 165 LEU B CA  1 
ATOM   524 C CA  B LEU B 1 43 ? 6.084   10.469  -3.721  0.50 12.28 ? 165 LEU B CA  1 
ATOM   525 C C   . LEU B 1 43 ? 5.878   10.660  -2.217  1.00 9.24  ? 165 LEU B C   1 
ATOM   526 O O   . LEU B 1 43 ? 5.233   9.847   -1.550  1.00 11.56 ? 165 LEU B O   1 
ATOM   527 C CB  A LEU B 1 43 ? 4.905   10.984  -4.506  0.50 8.92  ? 165 LEU B CB  1 
ATOM   528 C CB  B LEU B 1 43 ? 4.842   10.977  -4.459  0.50 12.81 ? 165 LEU B CB  1 
ATOM   529 C CG  A LEU B 1 43 ? 5.136   10.877  -6.008  0.50 6.06  ? 165 LEU B CG  1 
ATOM   530 C CG  B LEU B 1 43 ? 5.028   11.517  -5.873  0.50 14.43 ? 165 LEU B CG  1 
ATOM   531 C CD1 A LEU B 1 43 ? 3.819   11.069  -6.757  0.50 7.24  ? 165 LEU B CD1 1 
ATOM   532 C CD1 B LEU B 1 43 ? 5.292   10.381  -6.830  0.50 15.92 ? 165 LEU B CD1 1 
ATOM   533 C CD2 A LEU B 1 43 ? 6.205   11.873  -6.440  0.50 5.47  ? 165 LEU B CD2 1 
ATOM   534 C CD2 B LEU B 1 43 ? 3.787   12.301  -6.295  0.50 15.49 ? 165 LEU B CD2 1 
ATOM   535 N N   . THR B 1 44 ? 6.397   11.766  -1.685  1.00 10.01 ? 166 THR B N   1 
ATOM   536 C CA  . THR B 1 44 ? 6.158   12.084  -0.293  1.00 10.59 ? 166 THR B CA  1 
ATOM   537 C C   . THR B 1 44 ? 4.713   12.575  -0.109  1.00 9.90  ? 166 THR B C   1 
ATOM   538 O O   . THR B 1 44 ? 4.023   12.920  -1.094  1.00 8.11  ? 166 THR B O   1 
ATOM   539 C CB  . THR B 1 44 ? 7.098   13.216  0.189   1.00 9.64  ? 166 THR B CB  1 
ATOM   540 O OG1 . THR B 1 44 ? 6.779   14.440  -0.499  1.00 8.30  ? 166 THR B OG1 1 
ATOM   541 C CG2 . THR B 1 44 ? 8.580   12.866  -0.114  1.00 12.33 ? 166 THR B CG2 1 
ATOM   542 N N   . ASN B 1 45 ? 4.246   12.642  1.136   1.00 9.24  ? 167 ASN B N   1 
ATOM   543 C CA  . ASN B 1 45 ? 2.903   13.215  1.365   1.00 10.97 ? 167 ASN B CA  1 
ATOM   544 C C   . ASN B 1 45 ? 2.782   14.638  0.817   1.00 11.91 ? 167 ASN B C   1 
ATOM   545 O O   . ASN B 1 45 ? 1.715   15.020  0.322   1.00 10.78 ? 167 ASN B O   1 
ATOM   546 C CB  . ASN B 1 45 ? 2.518   13.242  2.852   1.00 9.43  ? 167 ASN B CB  1 
ATOM   547 C CG  . ASN B 1 45 ? 2.230   11.849  3.429   1.00 5.87  ? 167 ASN B CG  1 
ATOM   548 O OD1 . ASN B 1 45 ? 2.221   10.831  2.713   1.00 8.97  ? 167 ASN B OD1 1 
ATOM   549 N ND2 . ASN B 1 45 ? 2.001   11.802  4.741   1.00 9.63  ? 167 ASN B ND2 1 
ATOM   550 N N   . LYS B 1 46 ? 3.847   15.444  0.944   1.00 10.16 ? 168 LYS B N   1 
ATOM   551 C CA  . LYS B 1 46 ? 3.815   16.825  0.432   1.00 10.97 ? 168 LYS B CA  1 
ATOM   552 C C   . LYS B 1 46 ? 3.692   16.858  -1.081  1.00 11.56 ? 168 LYS B C   1 
ATOM   553 O O   . LYS B 1 46 ? 2.974   17.708  -1.607  1.00 11.11 ? 168 LYS B O   1 
ATOM   554 C CB  . LYS B 1 46 ? 5.059   17.552  0.863   1.00 12.10 ? 168 LYS B CB  1 
ATOM   555 C CG  . LYS B 1 46 ? 5.176   17.679  2.361   1.00 18.05 ? 168 LYS B CG  1 
ATOM   556 N N   . GLN B 1 47 ? 4.403   15.963  -1.775  1.00 9.85  ? 169 GLN B N   1 
ATOM   557 C CA  . GLN B 1 47 ? 4.333   15.912  -3.249  1.00 11.18 ? 169 GLN B CA  1 
ATOM   558 C C   . GLN B 1 47 ? 2.961   15.459  -3.670  1.00 10.24 ? 169 GLN B C   1 
ATOM   559 O O   . GLN B 1 47 ? 2.432   15.941  -4.671  1.00 9.88  ? 169 GLN B O   1 
ATOM   560 C CB  . GLN B 1 47 ? 5.343   14.944  -3.838  1.00 8.80  ? 169 GLN B CB  1 
ATOM   561 C CG  . GLN B 1 47 ? 6.775   15.463  -3.798  1.00 9.70  ? 169 GLN B CG  1 
ATOM   562 C CD  . GLN B 1 47 ? 7.782   14.402  -4.234  1.00 8.96  ? 169 GLN B CD  1 
ATOM   563 O OE1 . GLN B 1 47 ? 7.828   13.308  -3.690  1.00 10.95 ? 169 GLN B OE1 1 
ATOM   564 N NE2 . GLN B 1 47 ? 8.629   14.751  -5.201  1.00 15.77 ? 169 GLN B NE2 1 
ATOM   565 N N   . ILE B 1 48 ? 2.394   14.530  -2.910  1.00 8.08  ? 170 ILE B N   1 
ATOM   566 C CA  . ILE B 1 48 ? 1.033   14.053  -3.220  1.00 9.35  ? 170 ILE B CA  1 
ATOM   567 C C   . ILE B 1 48 ? 0.012   15.176  -2.980  1.00 10.20 ? 170 ILE B C   1 
ATOM   568 O O   . ILE B 1 48 ? -0.895  15.410  -3.801  1.00 11.16 ? 170 ILE B O   1 
ATOM   569 C CB  . ILE B 1 48 ? 0.666   12.800  -2.403  1.00 10.81 ? 170 ILE B CB  1 
ATOM   570 C CG1 . ILE B 1 48 ? 1.537   11.596  -2.816  1.00 7.60  ? 170 ILE B CG1 1 
ATOM   571 C CG2 . ILE B 1 48 ? -0.841  12.444  -2.572  1.00 10.08 ? 170 ILE B CG2 1 
ATOM   572 C CD1 . ILE B 1 48 ? 1.330   10.356  -1.896  1.00 10.27 ? 170 ILE B CD1 1 
ATOM   573 N N   . ALA B 1 49 ? 0.165   15.875  -1.865  1.00 9.79  ? 171 ALA B N   1 
ATOM   574 C CA  . ALA B 1 49 ? -0.708  17.027  -1.551  1.00 10.69 ? 171 ALA B CA  1 
ATOM   575 C C   . ALA B 1 49 ? -0.646  18.089  -2.646  1.00 11.71 ? 171 ALA B C   1 
ATOM   576 O O   . ALA B 1 49 ? -1.682  18.638  -3.072  1.00 11.83 ? 171 ALA B O   1 
ATOM   577 C CB  . ALA B 1 49 ? -0.339  17.603  -0.181  1.00 14.60 ? 171 ALA B CB  1 
ATOM   578 N N   . ASP B 1 50 ? 0.565   18.373  -3.110  1.00 10.93 ? 172 ASP B N   1 
ATOM   579 C CA  . ASP B 1 50 ? 0.741   19.318  -4.215  1.00 14.13 ? 172 ASP B CA  1 
ATOM   580 C C   . ASP B 1 50 ? 0.013   18.845  -5.471  1.00 12.88 ? 172 ASP B C   1 
ATOM   581 O O   . ASP B 1 50 ? -0.706  19.626  -6.108  1.00 12.53 ? 172 ASP B O   1 
ATOM   582 C CB  . ASP B 1 50 ? 2.229   19.506  -4.494  1.00 16.03 ? 172 ASP B CB  1 
ATOM   583 C CG  . ASP B 1 50 ? 2.932   20.331  -3.416  1.00 25.78 ? 172 ASP B CG  1 
ATOM   584 O OD1 . ASP B 1 50 ? 2.254   20.855  -2.501  1.00 26.72 ? 172 ASP B OD1 1 
ATOM   585 O OD2 . ASP B 1 50 ? 4.176   20.458  -3.490  1.00 28.97 ? 172 ASP B OD2 1 
ATOM   586 N N   . ARG B 1 51 ? 0.194   17.580  -5.827  1.00 12.20 ? 173 ARG B N   1 
ATOM   587 C CA  . ARG B 1 51 ? -0.403  17.015  -7.047  1.00 13.79 ? 173 ARG B CA  1 
ATOM   588 C C   . ARG B 1 51 ? -1.933  17.071  -6.990  1.00 15.50 ? 173 ARG B C   1 
ATOM   589 O O   . ARG B 1 51 ? -2.611  17.316  -8.010  1.00 14.32 ? 173 ARG B O   1 
ATOM   590 C CB  . ARG B 1 51 ? 0.020   15.553  -7.242  1.00 16.93 ? 173 ARG B CB  1 
ATOM   591 C CG  . ARG B 1 51 ? 1.508   15.290  -7.393  1.00 24.65 ? 173 ARG B CG  1 
ATOM   592 C CD  . ARG B 1 51 ? 1.981   15.373  -8.824  1.00 29.87 ? 173 ARG B CD  1 
ATOM   593 N NE  . ARG B 1 51 ? 3.259   14.677  -8.999  1.00 33.56 ? 173 ARG B NE  1 
ATOM   594 C CZ  . ARG B 1 51 ? 3.409   13.563  -9.713  1.00 33.60 ? 173 ARG B CZ  1 
ATOM   595 N NH1 . ARG B 1 51 ? 4.605   13.001  -9.826  1.00 34.82 ? 173 ARG B NH1 1 
ATOM   596 N NH2 . ARG B 1 51 ? 2.361   13.016  -10.326 1.00 32.91 ? 173 ARG B NH2 1 
ATOM   597 N N   . MET B 1 52 ? -2.465  16.830  -5.793  1.00 11.52 ? 174 MET B N   1 
ATOM   598 C CA  . MET B 1 52 ? -3.922  16.723  -5.571  1.00 14.64 ? 174 MET B CA  1 
ATOM   599 C C   . MET B 1 52 ? -4.572  18.017  -5.066  1.00 13.69 ? 174 MET B C   1 
ATOM   600 O O   . MET B 1 52 ? -5.796  18.091  -4.883  1.00 13.74 ? 174 MET B O   1 
ATOM   601 C CB  . MET B 1 52 ? -4.188  15.584  -4.578  1.00 14.92 ? 174 MET B CB  1 
ATOM   602 C CG  . MET B 1 52 ? -3.893  14.217  -5.162  1.00 18.03 ? 174 MET B CG  1 
ATOM   603 S SD  . MET B 1 52 ? -4.356  12.918  -4.023  1.00 24.00 ? 174 MET B SD  1 
ATOM   604 C CE  . MET B 1 52 ? -4.505  11.498  -5.114  1.00 25.86 ? 174 MET B CE  1 
ATOM   605 N N   . PHE B 1 53 ? -3.749  19.040  -4.882  1.00 11.25 ? 175 PHE B N   1 
ATOM   606 C CA  . PHE B 1 53 ? -4.169  20.307  -4.285  1.00 10.14 ? 175 PHE B CA  1 
ATOM   607 C C   . PHE B 1 53 ? -4.982  20.077  -2.998  1.00 8.48  ? 175 PHE B C   1 
ATOM   608 O O   . PHE B 1 53 ? -6.099  20.571  -2.848  1.00 9.79  ? 175 PHE B O   1 
ATOM   609 C CB  . PHE B 1 53 ? -4.912  21.202  -5.292  1.00 9.14  ? 175 PHE B CB  1 
ATOM   610 C CG  . PHE B 1 53 ? -4.788  22.653  -4.982  1.00 10.08 ? 175 PHE B CG  1 
ATOM   611 C CD1 . PHE B 1 53 ? -3.539  23.270  -4.988  1.00 12.91 ? 175 PHE B CD1 1 
ATOM   612 C CD2 . PHE B 1 53 ? -5.901  23.407  -4.648  1.00 10.58 ? 175 PHE B CD2 1 
ATOM   613 C CE1 . PHE B 1 53 ? -3.418  24.617  -4.694  1.00 9.70  ? 175 PHE B CE1 1 
ATOM   614 C CE2 . PHE B 1 53 ? -5.794  24.751  -4.350  1.00 11.41 ? 175 PHE B CE2 1 
ATOM   615 C CZ  . PHE B 1 53 ? -4.547  25.365  -4.370  1.00 14.63 ? 175 PHE B CZ  1 
ATOM   616 N N   . LEU B 1 54 ? -4.381  19.312  -2.080  1.00 9.35  ? 176 LEU B N   1 
ATOM   617 C CA  . LEU B 1 54 ? -4.942  19.000  -0.770  1.00 11.20 ? 176 LEU B CA  1 
ATOM   618 C C   . LEU B 1 54 ? -3.951  19.458  0.296   1.00 12.37 ? 176 LEU B C   1 
ATOM   619 O O   . LEU B 1 54 ? -2.752  19.566  0.016   1.00 13.53 ? 176 LEU B O   1 
ATOM   620 C CB  . LEU B 1 54 ? -5.112  17.468  -0.614  1.00 12.21 ? 176 LEU B CB  1 
ATOM   621 C CG  . LEU B 1 54 ? -6.117  16.844  -1.591  1.00 10.69 ? 176 LEU B CG  1 
ATOM   622 C CD1 . LEU B 1 54 ? -6.099  15.330  -1.369  1.00 15.30 ? 176 LEU B CD1 1 
ATOM   623 C CD2 . LEU B 1 54 ? -7.497  17.430  -1.354  1.00 12.07 ? 176 LEU B CD2 1 
ATOM   624 N N   . ALA B 1 55 ? -4.437  19.720  1.505   1.00 9.87  ? 177 ALA B N   1 
ATOM   625 C CA  . ALA B 1 55 ? -3.525  19.961  2.635   1.00 11.11 ? 177 ALA B CA  1 
ATOM   626 C C   . ALA B 1 55 ? -2.723  18.698  2.945   1.00 11.35 ? 177 ALA B C   1 
ATOM   627 O O   . ALA B 1 55 ? -3.224  17.575  2.807   1.00 12.54 ? 177 ALA B O   1 
ATOM   628 C CB  . ALA B 1 55 ? -4.307  20.392  3.860   1.00 11.69 ? 177 ALA B CB  1 
ATOM   629 N N   . GLU B 1 56 ? -1.478  18.859  3.375   1.00 10.68 ? 178 GLU B N   1 
ATOM   630 C CA  . GLU B 1 56 ? -0.680  17.672  3.709   1.00 9.44  ? 178 GLU B CA  1 
ATOM   631 C C   . GLU B 1 56 ? -1.362  16.822  4.793   1.00 10.12 ? 178 GLU B C   1 
ATOM   632 O O   . GLU B 1 56 ? -1.311  15.577  4.769   1.00 11.44 ? 178 GLU B O   1 
ATOM   633 C CB  . GLU B 1 56 ? 0.754   18.078  4.106   1.00 10.62 ? 178 GLU B CB  1 
ATOM   634 C CG  . GLU B 1 56 ? 1.654   16.845  4.309   1.00 10.02 ? 178 GLU B CG  1 
ATOM   635 C CD  . GLU B 1 56 ? 3.068   17.203  4.783   1.00 12.43 ? 178 GLU B CD  1 
ATOM   636 O OE1 . GLU B 1 56 ? 3.407   18.417  4.822   1.00 13.81 ? 178 GLU B OE1 1 
ATOM   637 O OE2 . GLU B 1 56 ? 3.829   16.273  5.124   1.00 15.69 ? 178 GLU B OE2 1 
ATOM   638 N N   . LYS B 1 57 ? -2.037  17.471  5.733   1.00 11.48 ? 179 LYS B N   1 
ATOM   639 C CA  . LYS B 1 57 ? -2.695  16.713  6.803   1.00 10.72 ? 179 LYS B CA  1 
ATOM   640 C C   . LYS B 1 57 ? -3.824  15.828  6.272   1.00 12.73 ? 179 LYS B C   1 
ATOM   641 O O   . LYS B 1 57 ? -4.053  14.698  6.768   1.00 10.96 ? 179 LYS B O   1 
ATOM   642 C CB  . LYS B 1 57 ? -3.207  17.656  7.886   1.00 13.81 ? 179 LYS B CB  1 
ATOM   643 C CG  . LYS B 1 57 ? -3.932  16.922  9.006   1.00 17.37 ? 179 LYS B CG  1 
ATOM   644 N N   . THR B 1 58 ? -4.511  16.323  5.244   1.00 10.66 ? 180 THR B N   1 
ATOM   645 C CA  . THR B 1 58 ? -5.532  15.513  4.577   1.00 10.21 ? 180 THR B CA  1 
ATOM   646 C C   . THR B 1 58 ? -4.912  14.268  3.929   1.00 10.76 ? 180 THR B C   1 
ATOM   647 O O   . THR B 1 58 ? -5.416  13.159  4.076   1.00 11.29 ? 180 THR B O   1 
ATOM   648 C CB  . THR B 1 58 ? -6.228  16.330  3.485   1.00 7.21  ? 180 THR B CB  1 
ATOM   649 O OG1 . THR B 1 58 ? -6.789  17.518  4.067   1.00 9.48  ? 180 THR B OG1 1 
ATOM   650 C CG2 . THR B 1 58 ? -7.357  15.516  2.834   1.00 12.65 ? 180 THR B CG2 1 
ATOM   651 N N   . VAL B 1 59 ? -3.820  14.457  3.199   1.00 9.70  ? 181 VAL B N   1 
ATOM   652 C CA  . VAL B 1 59 ? -3.100  13.321  2.613   1.00 11.77 ? 181 VAL B CA  1 
ATOM   653 C C   . VAL B 1 59 ? -2.682  12.319  3.697   1.00 11.70 ? 181 VAL B C   1 
ATOM   654 O O   . VAL B 1 59 ? -2.865  11.118  3.516   1.00 12.13 ? 181 VAL B O   1 
ATOM   655 C CB  . VAL B 1 59 ? -1.881  13.776  1.786   1.00 9.50  ? 181 VAL B CB  1 
ATOM   656 C CG1 . VAL B 1 59 ? -1.092  12.573  1.281   1.00 10.97 ? 181 VAL B CG1 1 
ATOM   657 C CG2 . VAL B 1 59 ? -2.325  14.603  0.581   1.00 11.86 ? 181 VAL B CG2 1 
ATOM   658 N N   . LYS B 1 60 ? -2.129  12.805  4.809   1.00 10.53 ? 182 LYS B N   1 
ATOM   659 C CA  A LYS B 1 60 ? -1.731  11.910  5.912   0.75 11.98 ? 182 LYS B CA  1 
ATOM   660 C CA  B LYS B 1 60 ? -1.752  11.935  5.936   0.25 10.01 ? 182 LYS B CA  1 
ATOM   661 C C   . LYS B 1 60 ? -2.926  11.064  6.387   1.00 9.57  ? 182 LYS B C   1 
ATOM   662 O O   . LYS B 1 60 ? -2.801  9.847   6.570   1.00 11.41 ? 182 LYS B O   1 
ATOM   663 C CB  A LYS B 1 60 ? -1.168  12.722  7.077   0.75 11.51 ? 182 LYS B CB  1 
ATOM   664 C CB  B LYS B 1 60 ? -1.278  12.776  7.122   0.25 8.77  ? 182 LYS B CB  1 
ATOM   665 C CG  A LYS B 1 60 ? -0.645  11.857  8.210   0.75 11.40 ? 182 LYS B CG  1 
ATOM   666 C CG  B LYS B 1 60 ? 0.145   13.276  7.009   0.25 6.26  ? 182 LYS B CG  1 
ATOM   667 C CD  A LYS B 1 60 ? 0.041   12.716  9.301   0.75 14.60 ? 182 LYS B CD  1 
ATOM   668 C CD  B LYS B 1 60 ? 0.638   13.798  8.351   0.25 8.40  ? 182 LYS B CD  1 
ATOM   669 N N   . ASN B 1 61 ? -4.080  11.704  6.574   1.00 9.23  ? 183 ASN B N   1 
ATOM   670 C CA  A ASN B 1 61 ? -5.285  10.971  6.970   0.75 12.01 ? 183 ASN B CA  1 
ATOM   671 C CA  B ASN B 1 61 ? -5.305  10.995  6.948   0.25 8.90  ? 183 ASN B CA  1 
ATOM   672 C C   . ASN B 1 61 ? -5.695  9.938   5.911   1.00 9.36  ? 183 ASN B C   1 
ATOM   673 O O   . ASN B 1 61 ? -6.019  8.773   6.249   1.00 11.89 ? 183 ASN B O   1 
ATOM   674 C CB  A ASN B 1 61 ? -6.458  11.904  7.270   0.75 14.30 ? 183 ASN B CB  1 
ATOM   675 C CB  B ASN B 1 61 ? -6.457  11.985  7.149   0.25 6.90  ? 183 ASN B CB  1 
ATOM   676 C CG  A ASN B 1 61 ? -7.732  11.136  7.574   0.75 16.70 ? 183 ASN B CG  1 
ATOM   677 C CG  B ASN B 1 61 ? -6.319  12.788  8.425   0.25 3.86  ? 183 ASN B CG  1 
ATOM   678 O OD1 A ASN B 1 61 ? -7.767  10.316  8.494   0.75 23.55 ? 183 ASN B OD1 1 
ATOM   679 O OD1 B ASN B 1 61 ? -5.489  12.476  9.273   0.25 3.16  ? 183 ASN B OD1 1 
ATOM   680 N ND2 A ASN B 1 61 ? -8.769  11.361  6.779   0.75 20.75 ? 183 ASN B ND2 1 
ATOM   681 N ND2 B ASN B 1 61 ? -7.138  13.825  8.567   0.25 3.32  ? 183 ASN B ND2 1 
ATOM   682 N N   . TYR B 1 62 ? -5.675  10.323  4.637   1.00 10.16 ? 184 TYR B N   1 
ATOM   683 C CA  . TYR B 1 62 ? -6.062  9.371   3.568   1.00 12.57 ? 184 TYR B CA  1 
ATOM   684 C C   . TYR B 1 62 ? -5.097  8.171   3.485   1.00 12.52 ? 184 TYR B C   1 
ATOM   685 O O   . TYR B 1 62 ? -5.505  7.007   3.288   1.00 9.41  ? 184 TYR B O   1 
ATOM   686 C CB  . TYR B 1 62 ? -6.067  10.073  2.221   1.00 11.84 ? 184 TYR B CB  1 
ATOM   687 C CG  . TYR B 1 62 ? -7.213  11.038  2.033   1.00 13.46 ? 184 TYR B CG  1 
ATOM   688 C CD1 . TYR B 1 62 ? -8.156  11.254  3.033   1.00 13.74 ? 184 TYR B CD1 1 
ATOM   689 C CD2 . TYR B 1 62 ? -7.326  11.758  0.841   1.00 13.96 ? 184 TYR B CD2 1 
ATOM   690 C CE1 . TYR B 1 62 ? -9.206  12.168  2.835   1.00 13.89 ? 184 TYR B CE1 1 
ATOM   691 C CE2 . TYR B 1 62 ? -8.347  12.654  0.645   1.00 13.88 ? 184 TYR B CE2 1 
ATOM   692 C CZ  . TYR B 1 62 ? -9.289  12.840  1.631   1.00 15.04 ? 184 TYR B CZ  1 
ATOM   693 O OH  . TYR B 1 62 ? -10.282 13.746  1.389   1.00 16.77 ? 184 TYR B OH  1 
ATOM   694 N N   . VAL B 1 63 ? -3.814  8.460   3.592   1.00 11.18 ? 185 VAL B N   1 
ATOM   695 C CA  . VAL B 1 63 ? -2.799  7.399   3.550   1.00 11.73 ? 185 VAL B CA  1 
ATOM   696 C C   . VAL B 1 63 ? -2.979  6.450   4.734   1.00 12.69 ? 185 VAL B C   1 
ATOM   697 O O   . VAL B 1 63 ? -2.899  5.243   4.601   1.00 10.44 ? 185 VAL B O   1 
ATOM   698 C CB  . VAL B 1 63 ? -1.384  8.031   3.587   1.00 11.49 ? 185 VAL B CB  1 
ATOM   699 C CG1 . VAL B 1 63 ? -0.351  6.963   3.918   1.00 14.12 ? 185 VAL B CG1 1 
ATOM   700 C CG2 . VAL B 1 63 ? -1.079  8.713   2.228   1.00 11.95 ? 185 VAL B CG2 1 
ATOM   701 N N   . SER B 1 64 ? -3.272  7.014   5.901   1.00 9.75  ? 186 SER B N   1 
ATOM   702 C CA  A SER B 1 64 ? -3.461  6.202   7.090   0.50 9.42  ? 186 SER B CA  1 
ATOM   703 C CA  B SER B 1 64 ? -3.497  6.238   7.114   0.50 10.40 ? 186 SER B CA  1 
ATOM   704 C C   . SER B 1 64 ? -4.641  5.242   6.894   1.00 10.17 ? 186 SER B C   1 
ATOM   705 O O   . SER B 1 64 ? -4.541  4.046   7.216   1.00 10.17 ? 186 SER B O   1 
ATOM   706 C CB  A SER B 1 64 ? -3.661  7.116   8.300   0.50 10.40 ? 186 SER B CB  1 
ATOM   707 C CB  B SER B 1 64 ? -3.856  7.198   8.255   0.50 10.87 ? 186 SER B CB  1 
ATOM   708 O OG  A SER B 1 64 ? -2.472  7.845   8.555   0.50 8.03  ? 186 SER B OG  1 
ATOM   709 O OG  B SER B 1 64 ? -3.991  6.503   9.481   0.50 15.23 ? 186 SER B OG  1 
ATOM   710 N N   . ARG B 1 65 ? -5.757  5.763   6.387   1.00 8.85  ? 187 ARG B N   1 
ATOM   711 C CA  . ARG B 1 65 ? -6.930  4.900   6.111   1.00 9.26  ? 187 ARG B CA  1 
ATOM   712 C C   . ARG B 1 65 ? -6.666  3.825   5.056   1.00 11.95 ? 187 ARG B C   1 
ATOM   713 O O   . ARG B 1 65 ? -7.155  2.704   5.177   1.00 12.34 ? 187 ARG B O   1 
ATOM   714 C CB  . ARG B 1 65 ? -8.144  5.765   5.742   1.00 8.53  ? 187 ARG B CB  1 
ATOM   715 C CG  . ARG B 1 65 ? -8.512  6.774   6.846   1.00 10.83 ? 187 ARG B CG  1 
ATOM   716 C CD  . ARG B 1 65 ? -9.761  7.592   6.506   1.00 16.97 ? 187 ARG B CD  1 
ATOM   717 N NE  . ARG B 1 65 ? -9.879  7.841   5.074   1.00 24.79 ? 187 ARG B NE  1 
ATOM   718 C CZ  . ARG B 1 65 ? -10.603 8.817   4.537   1.00 28.28 ? 187 ARG B CZ  1 
ATOM   719 N NH1 . ARG B 1 65 ? -11.270 9.667   5.314   1.00 29.90 ? 187 ARG B NH1 1 
ATOM   720 N NH2 . ARG B 1 65 ? -10.648 8.954   3.218   1.00 32.79 ? 187 ARG B NH2 1 
ATOM   721 N N   . LEU B 1 66 ? -5.928  4.177   4.013   1.00 8.61  ? 188 LEU B N   1 
ATOM   722 C CA  . LEU B 1 66 ? -5.613  3.246   2.930   1.00 9.92  ? 188 LEU B CA  1 
ATOM   723 C C   . LEU B 1 66 ? -4.735  2.124   3.474   1.00 11.19 ? 188 LEU B C   1 
ATOM   724 O O   . LEU B 1 66 ? -4.941  0.947   3.184   1.00 11.07 ? 188 LEU B O   1 
ATOM   725 C CB  . LEU B 1 66 ? -4.885  4.026   1.798   1.00 9.34  ? 188 LEU B CB  1 
ATOM   726 C CG  . LEU B 1 66 ? -4.246  3.153   0.710   1.00 9.05  ? 188 LEU B CG  1 
ATOM   727 C CD1 . LEU B 1 66 ? -5.300  2.292   0.017   1.00 11.73 ? 188 LEU B CD1 1 
ATOM   728 C CD2 . LEU B 1 66 ? -3.549  4.040   -0.324  1.00 11.20 ? 188 LEU B CD2 1 
ATOM   729 N N   . LEU B 1 67 ? -3.730  2.484   4.247   1.00 10.88 ? 189 LEU B N   1 
ATOM   730 C CA  . LEU B 1 67 ? -2.792  1.448   4.698   1.00 11.53 ? 189 LEU B CA  1 
ATOM   731 C C   . LEU B 1 67 ? -3.512  0.506   5.677   1.00 12.59 ? 189 LEU B C   1 
ATOM   732 O O   . LEU B 1 67 ? -3.258  -0.701  5.711   1.00 13.68 ? 189 LEU B O   1 
ATOM   733 C CB  . LEU B 1 67 ? -1.531  2.076   5.265   1.00 11.60 ? 189 LEU B CB  1 
ATOM   734 C CG  . LEU B 1 67 ? -0.707  2.801   4.184   1.00 9.41  ? 189 LEU B CG  1 
ATOM   735 C CD1 . LEU B 1 67 ? 0.577   3.379   4.766   1.00 13.51 ? 189 LEU B CD1 1 
ATOM   736 C CD2 . LEU B 1 67 ? -0.385  1.906   2.963   1.00 15.67 ? 189 LEU B CD2 1 
ATOM   737 N N   . ALA B 1 68 ? -4.420  1.055   6.475   1.00 11.93 ? 190 ALA B N   1 
ATOM   738 C CA  . ALA B 1 68 ? -5.192  0.234   7.407   1.00 12.56 ? 190 ALA B CA  1 
ATOM   739 C C   . ALA B 1 68 ? -6.024  -0.773  6.625   1.00 12.69 ? 190 ALA B C   1 
ATOM   740 O O   . ALA B 1 68 ? -6.107  -1.953  6.983   1.00 13.78 ? 190 ALA B O   1 
ATOM   741 C CB  . ALA B 1 68 ? -6.079  1.110   8.276   1.00 11.85 ? 190 ALA B CB  1 
ATOM   742 N N   . LYS B 1 69 ? -6.602  -0.317  5.520   1.00 9.85  ? 191 LYS B N   1 
ATOM   743 C CA  . LYS B 1 69 ? -7.442  -1.205  4.693   1.00 9.40  ? 191 LYS B CA  1 
ATOM   744 C C   . LYS B 1 69 ? -6.602  -2.300  4.054   1.00 9.85  ? 191 LYS B C   1 
ATOM   745 O O   . LYS B 1 69 ? -7.026  -3.483  4.002   1.00 10.16 ? 191 LYS B O   1 
ATOM   746 C CB  . LYS B 1 69 ? -8.118  -0.403  3.593   1.00 13.22 ? 191 LYS B CB  1 
ATOM   747 C CG  . LYS B 1 69 ? -9.298  0.360   4.056   1.00 19.08 ? 191 LYS B CG  1 
ATOM   748 C CD  . LYS B 1 69 ? -10.044 0.933   2.846   1.00 18.83 ? 191 LYS B CD  1 
ATOM   749 C CE  . LYS B 1 69 ? -11.182 1.853   3.274   1.00 23.57 ? 191 LYS B CE  1 
ATOM   750 N NZ  . LYS B 1 69 ? -12.025 2.221   2.104   1.00 25.31 ? 191 LYS B NZ  1 
ATOM   751 N N   . LEU B 1 70 ? -5.427  -1.924  3.537   1.00 9.62  ? 192 LEU B N   1 
ATOM   752 C CA  . LEU B 1 70 ? -4.539  -2.930  2.901   1.00 10.74 ? 192 LEU B CA  1 
ATOM   753 C C   . LEU B 1 70 ? -4.058  -3.975  3.918   1.00 10.18 ? 192 LEU B C   1 
ATOM   754 O O   . LEU B 1 70 ? -3.758  -5.138  3.547   1.00 10.71 ? 192 LEU B O   1 
ATOM   755 C CB  . LEU B 1 70 ? -3.343  -2.260  2.224   1.00 10.78 ? 192 LEU B CB  1 
ATOM   756 C CG  . LEU B 1 70 ? -3.691  -1.424  0.995   1.00 11.60 ? 192 LEU B CG  1 
ATOM   757 C CD1 . LEU B 1 70 ? -2.507  -0.528  0.538   1.00 14.87 ? 192 LEU B CD1 1 
ATOM   758 C CD2 . LEU B 1 70 ? -4.140  -2.351  -0.112  1.00 13.92 ? 192 LEU B CD2 1 
ATOM   759 N N   . GLY B 1 71 ? -3.978  -3.565  5.192   1.00 9.25  ? 193 GLY B N   1 
ATOM   760 C CA  . GLY B 1 71 ? -3.505  -4.447  6.262   1.00 11.40 ? 193 GLY B CA  1 
ATOM   761 C C   . GLY B 1 71 ? -4.544  -5.416  6.793   1.00 9.29  ? 193 GLY B C   1 
ATOM   762 O O   . GLY B 1 71 ? -4.248  -6.178  7.722   1.00 10.27 ? 193 GLY B O   1 
ATOM   763 N N   . MET B 1 72 ? -5.747  -5.379  6.211   1.00 8.67  ? 194 MET B N   1 
ATOM   764 C CA  A MET B 1 72 ? -6.838  -6.284  6.570   0.50 8.10  ? 194 MET B CA  1 
ATOM   765 C CA  B MET B 1 72 ? -6.808  -6.308  6.575   0.50 12.29 ? 194 MET B CA  1 
ATOM   766 C C   . MET B 1 72 ? -7.164  -7.200  5.390   1.00 10.11 ? 194 MET B C   1 
ATOM   767 O O   . MET B 1 72 ? -6.926  -6.830  4.254   1.00 11.09 ? 194 MET B O   1 
ATOM   768 C CB  A MET B 1 72 ? -8.102  -5.493  6.964   0.50 7.74  ? 194 MET B CB  1 
ATOM   769 C CB  B MET B 1 72 ? -8.052  -5.547  7.046   0.50 12.81 ? 194 MET B CB  1 
ATOM   770 C CG  A MET B 1 72 ? -7.966  -4.641  8.223   0.50 9.46  ? 194 MET B CG  1 
ATOM   771 C CG  B MET B 1 72 ? -7.762  -4.482  8.081   0.50 17.42 ? 194 MET B CG  1 
ATOM   772 S SD  A MET B 1 72 ? -7.700  -5.580  9.737   0.50 11.15 ? 194 MET B SD  1 
ATOM   773 S SD  B MET B 1 72 ? -9.190  -4.223  9.132   0.50 23.96 ? 194 MET B SD  1 
ATOM   774 C CE  A MET B 1 72 ? -9.223  -6.461  9.915   0.50 5.50  ? 194 MET B CE  1 
ATOM   775 C CE  B MET B 1 72 ? -9.028  -5.632  10.221  0.50 19.33 ? 194 MET B CE  1 
ATOM   776 N N   . GLU B 1 73 ? -7.702  -8.398  5.665   1.00 9.99  ? 195 GLU B N   1 
ATOM   777 C CA  . GLU B 1 73 ? -8.160  -9.287  4.588   1.00 8.60  ? 195 GLU B CA  1 
ATOM   778 C C   . GLU B 1 73 ? -9.507  -9.889  5.001   1.00 9.46  ? 195 GLU B C   1 
ATOM   779 O O   . GLU B 1 73 ? -9.855  -9.889  6.186   1.00 9.72  ? 195 GLU B O   1 
ATOM   780 C CB  . GLU B 1 73 ? -7.174  -10.433 4.310   1.00 9.95  ? 195 GLU B CB  1 
ATOM   781 C CG  . GLU B 1 73 ? -7.049  -11.434 5.517   1.00 9.56  ? 195 GLU B CG  1 
ATOM   782 C CD  . GLU B 1 73 ? -5.993  -12.526 5.339   1.00 14.55 ? 195 GLU B CD  1 
ATOM   783 O OE1 . GLU B 1 73 ? -5.216  -12.487 4.365   1.00 13.89 ? 195 GLU B OE1 1 
ATOM   784 O OE2 . GLU B 1 73 ? -5.924  -13.428 6.227   1.00 16.96 ? 195 GLU B OE2 1 
ATOM   785 N N   . ARG B 1 74 ? -10.249 -10.374 4.015   1.00 10.18 ? 196 ARG B N   1 
ATOM   786 C CA  . ARG B 1 74 ? -11.519 -11.037 4.285   1.00 9.15  ? 196 ARG B CA  1 
ATOM   787 C C   . ARG B 1 74 ? -11.319 -12.285 5.152   1.00 9.76  ? 196 ARG B C   1 
ATOM   788 O O   . ARG B 1 74 ? -10.412 -13.103 4.915   1.00 10.44 ? 196 ARG B O   1 
ATOM   789 C CB  . ARG B 1 74 ? -12.173 -11.429 2.965   1.00 10.30 ? 196 ARG B CB  1 
ATOM   790 C CG  . ARG B 1 74 ? -12.695 -10.233 2.164   1.00 15.07 ? 196 ARG B CG  1 
ATOM   791 C CD  . ARG B 1 74 ? -13.221 -10.699 0.825   1.00 20.21 ? 196 ARG B CD  1 
ATOM   792 N NE  . ARG B 1 74 ? -12.163 -11.044 -0.135  1.00 23.84 ? 196 ARG B NE  1 
ATOM   793 C CZ  . ARG B 1 74 ? -11.770 -12.290 -0.416  1.00 25.47 ? 196 ARG B CZ  1 
ATOM   794 N NH1 . ARG B 1 74 ? -12.336 -13.328 0.211   1.00 23.66 ? 196 ARG B NH1 1 
ATOM   795 N NH2 . ARG B 1 74 ? -10.815 -12.504 -1.330  1.00 18.49 ? 196 ARG B NH2 1 
ATOM   796 N N   . ARG B 1 75 ? -12.194 -12.464 6.142   1.00 7.16  ? 197 ARG B N   1 
ATOM   797 C CA  . ARG B 1 75 ? -12.175 -13.658 6.972   1.00 7.18  ? 197 ARG B CA  1 
ATOM   798 C C   . ARG B 1 75 ? -13.109 -14.719 6.467   1.00 11.48 ? 197 ARG B C   1 
ATOM   799 O O   . ARG B 1 75 ? -13.107 -15.820 6.996   1.00 12.80 ? 197 ARG B O   1 
ATOM   800 C CB  . ARG B 1 75 ? -12.881 -13.371 8.301   1.00 16.45 ? 197 ARG B CB  1 
ATOM   801 C CG  . ARG B 1 75 ? -12.137 -12.767 9.344   1.00 21.19 ? 197 ARG B CG  1 
ATOM   802 C CD  . ARG B 1 75 ? -13.060 -12.738 10.577  1.00 11.14 ? 197 ARG B CD  1 
ATOM   803 N NE  . ARG B 1 75 ? -12.488 -11.759 11.484  1.00 10.98 ? 197 ARG B NE  1 
ATOM   804 C CZ  . ARG B 1 75 ? -11.612 -12.047 12.432  1.00 10.35 ? 197 ARG B CZ  1 
ATOM   805 N NH1 . ARG B 1 75 ? -11.158 -11.072 13.212  1.00 9.08  ? 197 ARG B NH1 1 
ATOM   806 N NH2 . ARG B 1 75 ? -11.203 -13.295 12.616  1.00 7.07  ? 197 ARG B NH2 1 
ATOM   807 N N   . THR B 1 76 ? -14.008 -14.365 5.551   1.00 10.68 ? 198 THR B N   1 
ATOM   808 C CA  . THR B 1 76 ? -15.190 -15.206 5.327   1.00 16.84 ? 198 THR B CA  1 
ATOM   809 C C   . THR B 1 76 ? -15.144 -15.758 3.939   1.00 19.03 ? 198 THR B C   1 
ATOM   810 O O   . THR B 1 76 ? -14.313 -15.352 3.138   1.00 20.51 ? 198 THR B O   1 
ATOM   811 C CB  . THR B 1 76 ? -16.525 -14.421 5.433   1.00 16.57 ? 198 THR B CB  1 
ATOM   812 O OG1 . THR B 1 76 ? -16.481 -13.318 4.528   1.00 20.12 ? 198 THR B OG1 1 
ATOM   813 C CG2 . THR B 1 76 ? -16.773 -13.886 6.868   1.00 18.53 ? 198 THR B CG2 1 
ATOM   814 N N   . GLN B 1 77 ? -16.079 -16.662 3.669   1.00 22.08 ? 199 GLN B N   1 
ATOM   815 C CA  . GLN B 1 77 ? -16.178 -17.365 2.399   1.00 25.69 ? 199 GLN B CA  1 
ATOM   816 C C   . GLN B 1 77 ? -16.750 -16.466 1.307   1.00 26.53 ? 199 GLN B C   1 
ATOM   817 O O   . GLN B 1 77 ? -16.269 -15.352 1.098   1.00 29.48 ? 199 GLN B O   1 
ATOM   818 C CB  . GLN B 1 77 ? -17.049 -18.607 2.574   1.00 25.38 ? 199 GLN B CB  1 
ATOM   819 C CG  . GLN B 1 77 ? -16.650 -19.472 3.758   1.00 27.04 ? 199 GLN B CG  1 
HETATM 820 O O   . HOH C 2 .  ? 8.901   8.969   -0.196  1.00 26.63 ? 2   HOH A O   1 
HETATM 821 O O   . HOH C 2 .  ? -5.145  -15.770 4.409   1.00 19.80 ? 3   HOH A O   1 
HETATM 822 O O   . HOH C 2 .  ? 5.850   14.804  3.245   1.00 27.46 ? 4   HOH A O   1 
HETATM 823 O O   . HOH C 2 .  ? 7.699   -7.116  0.517   1.00 33.85 ? 6   HOH A O   1 
HETATM 824 O O   . HOH C 2 .  ? 7.636   -19.872 1.097   1.00 28.93 ? 7   HOH A O   1 
HETATM 825 O O   . HOH C 2 .  ? 1.273   -22.349 3.816   1.00 41.16 ? 8   HOH A O   1 
HETATM 826 O O   . HOH C 2 .  ? 2.454   -20.867 6.302   1.00 24.41 ? 9   HOH A O   1 
HETATM 827 O O   . HOH C 2 .  ? -9.096  -9.856  1.483   1.00 27.03 ? 10  HOH A O   1 
HETATM 828 O O   . HOH C 2 .  ? 6.776   4.885   0.385   1.00 31.35 ? 11  HOH A O   1 
HETATM 829 O O   . HOH C 2 .  ? -1.427  -15.089 6.823   1.00 27.69 ? 13  HOH A O   1 
HETATM 830 O O   . HOH C 2 .  ? -0.455  -8.218  -9.514  1.00 33.85 ? 15  HOH A O   1 
HETATM 831 O O   . HOH C 2 .  ? 9.747   3.356   2.292   1.00 34.90 ? 18  HOH A O   1 
HETATM 832 O O   . HOH C 2 .  ? -6.221  -20.130 -2.313  1.00 42.90 ? 21  HOH A O   1 
HETATM 833 O O   . HOH C 2 .  ? 11.246  -0.448  -2.999  1.00 50.14 ? 22  HOH A O   1 
HETATM 834 O O   . HOH C 2 .  ? 2.048   0.714   7.469   1.00 48.18 ? 24  HOH A O   1 
HETATM 835 O O   . HOH C 2 .  ? 3.733   -3.825  8.552   1.00 42.59 ? 27  HOH A O   1 
HETATM 836 O O   . HOH C 2 .  ? 3.388   -17.599 -9.821  1.00 37.06 ? 28  HOH A O   1 
HETATM 837 O O   . HOH C 2 .  ? -7.318  -4.070  -0.191  1.00 37.66 ? 29  HOH A O   1 
HETATM 838 O O   . HOH C 2 .  ? 3.809   5.530   9.054   1.00 42.41 ? 32  HOH A O   1 
HETATM 839 O O   . HOH C 2 .  ? 6.012   2.142   8.446   1.00 36.49 ? 33  HOH A O   1 
HETATM 840 O O   . HOH C 2 .  ? 9.650   14.791  3.460   1.00 46.21 ? 34  HOH A O   1 
HETATM 841 O O   . HOH C 2 .  ? 8.436   -8.838  7.582   1.00 41.56 ? 35  HOH A O   1 
HETATM 842 O O   . HOH C 2 .  ? -5.493  -17.908 -5.250  1.00 38.42 ? 36  HOH A O   1 
HETATM 843 O O   . HOH C 2 .  ? 5.387   -10.336 -6.101  1.00 41.34 ? 37  HOH A O   1 
HETATM 844 O O   . HOH C 2 .  ? 9.213   6.349   0.109   1.00 35.39 ? 38  HOH A O   1 
HETATM 845 O O   . HOH C 2 .  ? 10.926  -6.673  -4.700  1.00 55.42 ? 41  HOH A O   1 
HETATM 846 O O   . HOH C 2 .  ? 7.454   -8.409  -2.477  1.00 40.59 ? 42  HOH A O   1 
HETATM 847 O O   . HOH C 2 .  ? -8.476  -17.535 1.521   1.00 29.73 ? 43  HOH A O   1 
HETATM 848 O O   . HOH C 2 .  ? 0.597   -16.886 8.059   1.00 33.52 ? 45  HOH A O   1 
HETATM 849 O O   . HOH C 2 .  ? 0.645   -16.814 10.809  1.00 57.08 ? 46  HOH A O   1 
HETATM 850 O O   . HOH C 2 .  ? 0.286   -19.629 8.029   1.00 47.83 ? 47  HOH A O   1 
HETATM 851 O O   . HOH C 2 .  ? 10.211  -8.305  -2.970  1.00 48.55 ? 49  HOH A O   1 
HETATM 852 O O   . HOH D 2 .  ? -7.498  19.551  2.117   1.00 19.34 ? 1   HOH B O   1 
HETATM 853 O O   . HOH D 2 .  ? -9.714  -4.164  4.122   1.00 28.29 ? 5   HOH B O   1 
HETATM 854 O O   . HOH D 2 .  ? 6.671   3.425   -1.640  1.00 37.61 ? 12  HOH B O   1 
HETATM 855 O O   . HOH D 2 .  ? 8.597   16.429  -0.476  1.00 31.64 ? 14  HOH B O   1 
HETATM 856 O O   . HOH D 2 .  ? 4.176   16.862  -6.748  1.00 43.28 ? 16  HOH B O   1 
HETATM 857 O O   . HOH D 2 .  ? -6.744  -5.780  1.471   1.00 32.86 ? 17  HOH B O   1 
HETATM 858 O O   . HOH D 2 .  ? -9.142  -15.606 5.261   1.00 41.81 ? 19  HOH B O   1 
HETATM 859 O O   . HOH D 2 .  ? -4.958  -2.591  9.435   1.00 39.45 ? 20  HOH B O   1 
HETATM 860 O O   . HOH D 2 .  ? -1.643  20.393  6.422   1.00 33.15 ? 23  HOH B O   1 
HETATM 861 O O   . HOH D 2 .  ? -7.917  6.692   2.003   1.00 33.54 ? 25  HOH B O   1 
HETATM 862 O O   . HOH D 2 .  ? 4.390   18.334  7.619   1.00 34.04 ? 26  HOH B O   1 
HETATM 863 O O   . HOH D 2 .  ? -0.259  21.369  3.335   1.00 36.95 ? 30  HOH B O   1 
HETATM 864 O O   . HOH D 2 .  ? -9.351  -7.234  1.798   1.00 34.64 ? 31  HOH B O   1 
HETATM 865 O O   . HOH D 2 .  ? 3.154   14.197  6.246   1.00 50.41 ? 39  HOH B O   1 
HETATM 866 O O   . HOH D 2 .  ? 5.887   19.116  -3.599  1.00 50.45 ? 40  HOH B O   1 
HETATM 867 O O   . HOH D 2 .  ? -7.484  -17.138 4.403   1.00 45.35 ? 44  HOH B O   1 
HETATM 868 O O   . HOH D 2 .  ? -0.779  -1.441  7.496   1.00 50.61 ? 48  HOH B O   1 
# 
loop_
_pdbx_poly_seq_scheme.asym_id 
_pdbx_poly_seq_scheme.entity_id 
_pdbx_poly_seq_scheme.seq_id 
_pdbx_poly_seq_scheme.mon_id 
_pdbx_poly_seq_scheme.ndb_seq_num 
_pdbx_poly_seq_scheme.pdb_seq_num 
_pdbx_poly_seq_scheme.auth_seq_num 
_pdbx_poly_seq_scheme.pdb_mon_id 
_pdbx_poly_seq_scheme.auth_mon_id 
_pdbx_poly_seq_scheme.pdb_strand_id 
_pdbx_poly_seq_scheme.pdb_ins_code 
_pdbx_poly_seq_scheme.hetero 
A 1 1  MET 1  123 ?   ?   ?   A . n 
A 1 2  GLY 2  124 ?   ?   ?   A . n 
A 1 3  SER 3  125 ?   ?   ?   A . n 
A 1 4  SER 4  126 ?   ?   ?   A . n 
A 1 5  HIS 5  127 ?   ?   ?   A . n 
A 1 6  HIS 6  128 ?   ?   ?   A . n 
A 1 7  HIS 7  129 ?   ?   ?   A . n 
A 1 8  HIS 8  130 ?   ?   ?   A . n 
A 1 9  HIS 9  131 ?   ?   ?   A . n 
A 1 10 HIS 10 132 ?   ?   ?   A . n 
A 1 11 SER 11 133 ?   ?   ?   A . n 
A 1 12 SER 12 134 ?   ?   ?   A . n 
A 1 13 GLY 13 135 ?   ?   ?   A . n 
A 1 14 LEU 14 136 ?   ?   ?   A . n 
A 1 15 VAL 15 137 ?   ?   ?   A . n 
A 1 16 PRO 16 138 ?   ?   ?   A . n 
A 1 17 ARG 17 139 ?   ?   ?   A . n 
A 1 18 GLY 18 140 ?   ?   ?   A . n 
A 1 19 SER 19 141 ?   ?   ?   A . n 
A 1 20 HIS 20 142 ?   ?   ?   A . n 
A 1 21 MET 21 143 ?   ?   ?   A . n 
A 1 22 GLN 22 144 ?   ?   ?   A . n 
A 1 23 ASP 23 145 ?   ?   ?   A . n 
A 1 24 PRO 24 146 ?   ?   ?   A . n 
A 1 25 LEU 25 147 ?   ?   ?   A . n 
A 1 26 SER 26 148 ?   ?   ?   A . n 
A 1 27 GLY 27 149 149 GLY GLY A . n 
A 1 28 LEU 28 150 150 LEU LEU A . n 
A 1 29 THR 29 151 151 THR THR A . n 
A 1 30 ASP 30 152 152 ASP ASP A . n 
A 1 31 GLN 31 153 153 GLN GLN A . n 
A 1 32 GLU 32 154 154 GLU GLU A . n 
A 1 33 ARG 33 155 155 ARG ARG A . n 
A 1 34 THR 34 156 156 THR THR A . n 
A 1 35 LEU 35 157 157 LEU LEU A . n 
A 1 36 LEU 36 158 158 LEU LEU A . n 
A 1 37 GLY 37 159 159 GLY GLY A . n 
A 1 38 LEU 38 160 160 LEU LEU A . n 
A 1 39 LEU 39 161 161 LEU LEU A . n 
A 1 40 SER 40 162 162 SER SER A . n 
A 1 41 GLU 41 163 163 GLU GLU A . n 
A 1 42 GLY 42 164 164 GLY GLY A . n 
A 1 43 LEU 43 165 165 LEU LEU A . n 
A 1 44 THR 44 166 166 THR THR A . n 
A 1 45 ASN 45 167 167 ASN ASN A . n 
A 1 46 LYS 46 168 168 LYS LYS A . n 
A 1 47 GLN 47 169 169 GLN GLN A . n 
A 1 48 ILE 48 170 170 ILE ILE A . n 
A 1 49 ALA 49 171 171 ALA ALA A . n 
A 1 50 ASP 50 172 172 ASP ASP A . n 
A 1 51 ARG 51 173 173 ARG ARG A . n 
A 1 52 MET 52 174 174 MET MET A . n 
A 1 53 PHE 53 175 175 PHE PHE A . n 
A 1 54 LEU 54 176 176 LEU LEU A . n 
A 1 55 ALA 55 177 177 ALA ALA A . n 
A 1 56 GLU 56 178 178 GLU GLU A . n 
A 1 57 LYS 57 179 179 LYS LYS A . n 
A 1 58 THR 58 180 180 THR THR A . n 
A 1 59 VAL 59 181 181 VAL VAL A . n 
A 1 60 LYS 60 182 182 LYS LYS A . n 
A 1 61 ASN 61 183 183 ASN ASN A . n 
A 1 62 TYR 62 184 184 TYR TYR A . n 
A 1 63 VAL 63 185 185 VAL VAL A . n 
A 1 64 SER 64 186 186 SER SER A . n 
A 1 65 ARG 65 187 187 ARG ARG A . n 
A 1 66 LEU 66 188 188 LEU LEU A . n 
A 1 67 LEU 67 189 189 LEU LEU A . n 
A 1 68 ALA 68 190 190 ALA ALA A . n 
A 1 69 LYS 69 191 191 LYS LYS A . n 
A 1 70 LEU 70 192 192 LEU LEU A . n 
A 1 71 GLY 71 193 193 GLY GLY A . n 
A 1 72 MET 72 194 194 MET MET A . n 
A 1 73 GLU 73 195 195 GLU GLU A . n 
A 1 74 ARG 74 196 196 ARG ARG A . n 
A 1 75 ARG 75 197 197 ARG ARG A . n 
A 1 76 THR 76 198 198 THR THR A . n 
A 1 77 GLN 77 199 199 GLN GLN A . n 
A 1 78 ALA 78 200 ?   ?   ?   A . n 
A 1 79 ALA 79 201 ?   ?   ?   A . n 
A 1 80 VAL 80 202 ?   ?   ?   A . n 
A 1 81 PHE 81 203 ?   ?   ?   A . n 
A 1 82 ALA 82 204 ?   ?   ?   A . n 
A 1 83 THR 83 205 ?   ?   ?   A . n 
A 1 84 GLU 84 206 ?   ?   ?   A . n 
A 1 85 LEU 85 207 ?   ?   ?   A . n 
A 1 86 LYS 86 208 ?   ?   ?   A . n 
A 1 87 ARG 87 209 ?   ?   ?   A . n 
A 1 88 SER 88 210 ?   ?   ?   A . n 
A 1 89 ARG 89 211 ?   ?   ?   A . n 
A 1 90 PRO 90 212 ?   ?   ?   A . n 
A 1 91 PRO 91 213 ?   ?   ?   A . n 
A 1 92 GLY 92 214 ?   ?   ?   A . n 
A 1 93 ASP 93 215 ?   ?   ?   A . n 
A 1 94 GLY 94 216 ?   ?   ?   A . n 
A 1 95 PRO 95 217 ?   ?   ?   A . n 
B 1 1  MET 1  123 ?   ?   ?   B . n 
B 1 2  GLY 2  124 ?   ?   ?   B . n 
B 1 3  SER 3  125 ?   ?   ?   B . n 
B 1 4  SER 4  126 ?   ?   ?   B . n 
B 1 5  HIS 5  127 ?   ?   ?   B . n 
B 1 6  HIS 6  128 ?   ?   ?   B . n 
B 1 7  HIS 7  129 ?   ?   ?   B . n 
B 1 8  HIS 8  130 ?   ?   ?   B . n 
B 1 9  HIS 9  131 ?   ?   ?   B . n 
B 1 10 HIS 10 132 ?   ?   ?   B . n 
B 1 11 SER 11 133 ?   ?   ?   B . n 
B 1 12 SER 12 134 ?   ?   ?   B . n 
B 1 13 GLY 13 135 ?   ?   ?   B . n 
B 1 14 LEU 14 136 ?   ?   ?   B . n 
B 1 15 VAL 15 137 ?   ?   ?   B . n 
B 1 16 PRO 16 138 ?   ?   ?   B . n 
B 1 17 ARG 17 139 ?   ?   ?   B . n 
B 1 18 GLY 18 140 ?   ?   ?   B . n 
B 1 19 SER 19 141 ?   ?   ?   B . n 
B 1 20 HIS 20 142 ?   ?   ?   B . n 
B 1 21 MET 21 143 ?   ?   ?   B . n 
B 1 22 GLN 22 144 ?   ?   ?   B . n 
B 1 23 ASP 23 145 ?   ?   ?   B . n 
B 1 24 PRO 24 146 ?   ?   ?   B . n 
B 1 25 LEU 25 147 ?   ?   ?   B . n 
B 1 26 SER 26 148 ?   ?   ?   B . n 
B 1 27 GLY 27 149 ?   ?   ?   B . n 
B 1 28 LEU 28 150 ?   ?   ?   B . n 
B 1 29 THR 29 151 151 THR THR B . n 
B 1 30 ASP 30 152 152 ASP ASP B . n 
B 1 31 GLN 31 153 153 GLN ALA B . n 
B 1 32 GLU 32 154 154 GLU GLU B . n 
B 1 33 ARG 33 155 155 ARG ARG B . n 
B 1 34 THR 34 156 156 THR THR B . n 
B 1 35 LEU 35 157 157 LEU LEU B . n 
B 1 36 LEU 36 158 158 LEU LEU B . n 
B 1 37 GLY 37 159 159 GLY GLY B . n 
B 1 38 LEU 38 160 160 LEU LEU B . n 
B 1 39 LEU 39 161 161 LEU LEU B . n 
B 1 40 SER 40 162 162 SER SER B . n 
B 1 41 GLU 41 163 163 GLU GLU B . n 
B 1 42 GLY 42 164 164 GLY GLY B . n 
B 1 43 LEU 43 165 165 LEU LEU B . n 
B 1 44 THR 44 166 166 THR THR B . n 
B 1 45 ASN 45 167 167 ASN ASN B . n 
B 1 46 LYS 46 168 168 LYS LYS B . n 
B 1 47 GLN 47 169 169 GLN GLN B . n 
B 1 48 ILE 48 170 170 ILE ILE B . n 
B 1 49 ALA 49 171 171 ALA ALA B . n 
B 1 50 ASP 50 172 172 ASP ASP B . n 
B 1 51 ARG 51 173 173 ARG ARG B . n 
B 1 52 MET 52 174 174 MET MET B . n 
B 1 53 PHE 53 175 175 PHE PHE B . n 
B 1 54 LEU 54 176 176 LEU LEU B . n 
B 1 55 ALA 55 177 177 ALA ALA B . n 
B 1 56 GLU 56 178 178 GLU GLU B . n 
B 1 57 LYS 57 179 179 LYS LYS B . n 
B 1 58 THR 58 180 180 THR THR B . n 
B 1 59 VAL 59 181 181 VAL VAL B . n 
B 1 60 LYS 60 182 182 LYS LYS B . n 
B 1 61 ASN 61 183 183 ASN ASN B . n 
B 1 62 TYR 62 184 184 TYR TYR B . n 
B 1 63 VAL 63 185 185 VAL VAL B . n 
B 1 64 SER 64 186 186 SER SER B . n 
B 1 65 ARG 65 187 187 ARG ARG B . n 
B 1 66 LEU 66 188 188 LEU LEU B . n 
B 1 67 LEU 67 189 189 LEU LEU B . n 
B 1 68 ALA 68 190 190 ALA ALA B . n 
B 1 69 LYS 69 191 191 LYS LYS B . n 
B 1 70 LEU 70 192 192 LEU LEU B . n 
B 1 71 GLY 71 193 193 GLY GLY B . n 
B 1 72 MET 72 194 194 MET MET B . n 
B 1 73 GLU 73 195 195 GLU GLU B . n 
B 1 74 ARG 74 196 196 ARG ARG B . n 
B 1 75 ARG 75 197 197 ARG ARG B . n 
B 1 76 THR 76 198 198 THR THR B . n 
B 1 77 GLN 77 199 199 GLN GLN B . n 
B 1 78 ALA 78 200 ?   ?   ?   B . n 
B 1 79 ALA 79 201 ?   ?   ?   B . n 
B 1 80 VAL 80 202 ?   ?   ?   B . n 
B 1 81 PHE 81 203 ?   ?   ?   B . n 
B 1 82 ALA 82 204 ?   ?   ?   B . n 
B 1 83 THR 83 205 ?   ?   ?   B . n 
B 1 84 GLU 84 206 ?   ?   ?   B . n 
B 1 85 LEU 85 207 ?   ?   ?   B . n 
B 1 86 LYS 86 208 ?   ?   ?   B . n 
B 1 87 ARG 87 209 ?   ?   ?   B . n 
B 1 88 SER 88 210 ?   ?   ?   B . n 
B 1 89 ARG 89 211 ?   ?   ?   B . n 
B 1 90 PRO 90 212 ?   ?   ?   B . n 
B 1 91 PRO 91 213 ?   ?   ?   B . n 
B 1 92 GLY 92 214 ?   ?   ?   B . n 
B 1 93 ASP 93 215 ?   ?   ?   B . n 
B 1 94 GLY 94 216 ?   ?   ?   B . n 
B 1 95 PRO 95 217 ?   ?   ?   B . n 
# 
loop_
_pdbx_nonpoly_scheme.asym_id 
_pdbx_nonpoly_scheme.entity_id 
_pdbx_nonpoly_scheme.mon_id 
_pdbx_nonpoly_scheme.ndb_seq_num 
_pdbx_nonpoly_scheme.pdb_seq_num 
_pdbx_nonpoly_scheme.auth_seq_num 
_pdbx_nonpoly_scheme.pdb_mon_id 
_pdbx_nonpoly_scheme.auth_mon_id 
_pdbx_nonpoly_scheme.pdb_strand_id 
_pdbx_nonpoly_scheme.pdb_ins_code 
C 2 HOH 1  2  2  HOH HOH A . 
C 2 HOH 2  3  3  HOH HOH A . 
C 2 HOH 3  4  4  HOH HOH A . 
C 2 HOH 4  6  6  HOH HOH A . 
C 2 HOH 5  7  7  HOH HOH A . 
C 2 HOH 6  8  8  HOH HOH A . 
C 2 HOH 7  9  9  HOH HOH A . 
C 2 HOH 8  10 10 HOH HOH A . 
C 2 HOH 9  11 11 HOH HOH A . 
C 2 HOH 10 13 13 HOH HOH A . 
C 2 HOH 11 15 15 HOH HOH A . 
C 2 HOH 12 18 18 HOH HOH A . 
C 2 HOH 13 21 21 HOH HOH A . 
C 2 HOH 14 22 22 HOH HOH A . 
C 2 HOH 15 24 24 HOH HOH A . 
C 2 HOH 16 27 27 HOH HOH A . 
C 2 HOH 17 28 28 HOH HOH A . 
C 2 HOH 18 29 29 HOH HOH A . 
C 2 HOH 19 32 32 HOH HOH A . 
C 2 HOH 20 33 33 HOH HOH A . 
C 2 HOH 21 34 34 HOH HOH A . 
C 2 HOH 22 35 35 HOH HOH A . 
C 2 HOH 23 36 36 HOH HOH A . 
C 2 HOH 24 37 37 HOH HOH A . 
C 2 HOH 25 38 38 HOH HOH A . 
C 2 HOH 26 41 41 HOH HOH A . 
C 2 HOH 27 42 42 HOH HOH A . 
C 2 HOH 28 43 43 HOH HOH A . 
C 2 HOH 29 45 45 HOH HOH A . 
C 2 HOH 30 46 46 HOH HOH A . 
C 2 HOH 31 47 47 HOH HOH A . 
C 2 HOH 32 49 49 HOH HOH A . 
D 2 HOH 1  1  1  HOH HOH B . 
D 2 HOH 2  5  5  HOH HOH B . 
D 2 HOH 3  12 12 HOH HOH B . 
D 2 HOH 4  14 14 HOH HOH B . 
D 2 HOH 5  16 16 HOH HOH B . 
D 2 HOH 6  17 17 HOH HOH B . 
D 2 HOH 7  19 19 HOH HOH B . 
D 2 HOH 8  20 20 HOH HOH B . 
D 2 HOH 9  23 23 HOH HOH B . 
D 2 HOH 10 25 25 HOH HOH B . 
D 2 HOH 11 26 26 HOH HOH B . 
D 2 HOH 12 30 30 HOH HOH B . 
D 2 HOH 13 31 31 HOH HOH B . 
D 2 HOH 14 39 39 HOH HOH B . 
D 2 HOH 15 40 40 HOH HOH B . 
D 2 HOH 16 44 44 HOH HOH B . 
D 2 HOH 17 48 48 HOH HOH B . 
# 
loop_
_pdbx_struct_assembly.id 
_pdbx_struct_assembly.details 
_pdbx_struct_assembly.method_details 
_pdbx_struct_assembly.oligomeric_details 
_pdbx_struct_assembly.oligomeric_count 
1 author_defined_assembly   ?    dimeric   2 
2 software_defined_assembly PISA monomeric 1 
3 software_defined_assembly PISA monomeric 1 
# 
loop_
_pdbx_struct_assembly_gen.assembly_id 
_pdbx_struct_assembly_gen.oper_expression 
_pdbx_struct_assembly_gen.asym_id_list 
1 1 A,B,C,D 
2 1 A,C     
3 1 B,D     
# 
_pdbx_struct_oper_list.id                   1 
_pdbx_struct_oper_list.type                 'identity operation' 
_pdbx_struct_oper_list.name                 1_555 
_pdbx_struct_oper_list.symmetry_operation   x,y,z 
_pdbx_struct_oper_list.matrix[1][1]         1.0000000000 
_pdbx_struct_oper_list.matrix[1][2]         0.0000000000 
_pdbx_struct_oper_list.matrix[1][3]         0.0000000000 
_pdbx_struct_oper_list.vector[1]            0.0000000000 
_pdbx_struct_oper_list.matrix[2][1]         0.0000000000 
_pdbx_struct_oper_list.matrix[2][2]         1.0000000000 
_pdbx_struct_oper_list.matrix[2][3]         0.0000000000 
_pdbx_struct_oper_list.vector[2]            0.0000000000 
_pdbx_struct_oper_list.matrix[3][1]         0.0000000000 
_pdbx_struct_oper_list.matrix[3][2]         0.0000000000 
_pdbx_struct_oper_list.matrix[3][3]         1.0000000000 
_pdbx_struct_oper_list.vector[3]            0.0000000000 
# 
loop_
_pdbx_audit_revision_history.ordinal 
_pdbx_audit_revision_history.data_content_type 
_pdbx_audit_revision_history.major_revision 
_pdbx_audit_revision_history.minor_revision 
_pdbx_audit_revision_history.revision_date 
1 'Structure model' 1 0 2008-04-22 
2 'Structure model' 1 1 2011-07-13 
3 'Structure model' 1 2 2023-08-30 
# 
_pdbx_audit_revision_details.ordinal             1 
_pdbx_audit_revision_details.revision_ordinal    1 
_pdbx_audit_revision_details.data_content_type   'Structure model' 
_pdbx_audit_revision_details.provider            repository 
_pdbx_audit_revision_details.type                'Initial release' 
_pdbx_audit_revision_details.description         ? 
_pdbx_audit_revision_details.details             ? 
# 
loop_
_pdbx_audit_revision_group.ordinal 
_pdbx_audit_revision_group.revision_ordinal 
_pdbx_audit_revision_group.data_content_type 
_pdbx_audit_revision_group.group 
1 2 'Structure model' Advisory                    
2 2 'Structure model' 'Version format compliance' 
3 3 'Structure model' 'Data collection'           
4 3 'Structure model' 'Database references'       
5 3 'Structure model' 'Refinement description'    
# 
loop_
_pdbx_audit_revision_category.ordinal 
_pdbx_audit_revision_category.revision_ordinal 
_pdbx_audit_revision_category.data_content_type 
_pdbx_audit_revision_category.category 
1 3 'Structure model' chem_comp_atom                
2 3 'Structure model' chem_comp_bond                
3 3 'Structure model' database_2                    
4 3 'Structure model' pdbx_initial_refinement_model 
5 3 'Structure model' struct_ncs_dom_lim            
6 3 'Structure model' struct_ref_seq_dif            
# 
loop_
_pdbx_audit_revision_item.ordinal 
_pdbx_audit_revision_item.revision_ordinal 
_pdbx_audit_revision_item.data_content_type 
_pdbx_audit_revision_item.item 
1 3 'Structure model' '_database_2.pdbx_DOI'                 
2 3 'Structure model' '_database_2.pdbx_database_accession'  
3 3 'Structure model' '_struct_ncs_dom_lim.beg_auth_comp_id' 
4 3 'Structure model' '_struct_ncs_dom_lim.end_auth_comp_id' 
5 3 'Structure model' '_struct_ref_seq_dif.details'          
# 
loop_
_pdbx_refine_tls.id 
_pdbx_refine_tls.details 
_pdbx_refine_tls.method 
_pdbx_refine_tls.origin_x 
_pdbx_refine_tls.origin_y 
_pdbx_refine_tls.origin_z 
_pdbx_refine_tls.T[1][1] 
_pdbx_refine_tls.T[2][2] 
_pdbx_refine_tls.T[3][3] 
_pdbx_refine_tls.T[1][2] 
_pdbx_refine_tls.T[1][3] 
_pdbx_refine_tls.T[2][3] 
_pdbx_refine_tls.L[1][1] 
_pdbx_refine_tls.L[2][2] 
_pdbx_refine_tls.L[3][3] 
_pdbx_refine_tls.L[1][2] 
_pdbx_refine_tls.L[1][3] 
_pdbx_refine_tls.L[2][3] 
_pdbx_refine_tls.S[1][1] 
_pdbx_refine_tls.S[1][2] 
_pdbx_refine_tls.S[1][3] 
_pdbx_refine_tls.S[2][1] 
_pdbx_refine_tls.S[2][2] 
_pdbx_refine_tls.S[2][3] 
_pdbx_refine_tls.S[3][1] 
_pdbx_refine_tls.S[3][2] 
_pdbx_refine_tls.S[3][3] 
_pdbx_refine_tls.pdbx_refine_id 
1  ? refined -2.6414 -8.0517  -3.0338 0.1673 0.0287  0.0426 0.0074  -0.0306 0.0451  29.3134 14.2330 9.3107  9.5746  -1.3255 4.9984  0.0702  -0.1489 -0.1095 -0.1853 0.0961  0.0118  0.0337  0.1104  -0.1664 'X-RAY DIFFRACTION' 
2  ? refined -2.5845 -13.2105 1.1655  0.0879 -0.0016 0.0495 0.0261  -0.0058 0.0146  11.2747 8.3174  9.3962  -5.6026 1.4371  2.4233  -0.4164 0.1254  0.1904  0.3391  0.3111  -0.0152 -0.0710 0.0796  0.1053  'X-RAY DIFFRACTION' 
3  ? refined 3.7291  -11.7056 3.9051  0.0469 0.0359  0.0633 0.0504  -0.0336 0.0178  3.9662  23.5092 4.8046  1.6993  -0.1868 3.2848  0.1106  0.0185  0.1664  -0.0363 -0.1290 0.0793  0.1583  0.0358  0.0183  'X-RAY DIFFRACTION' 
4  ? refined 4.8053  0.9061   3.7910  0.0385 0.0484  0.0982 -0.0110 0.0030  -0.0121 8.1738  37.9606 5.1560  -0.5674 2.3021  0.4470  -0.0597 -0.1204 0.1295  -0.3774 0.0583  0.1453  -0.0692 0.2245  0.0012  'X-RAY DIFFRACTION' 
5  ? refined 9.8779  8.3627   5.4531  0.0447 0.0125  0.0988 0.0336  -0.0252 0.0029  15.8454 10.1686 9.7772  6.7367  2.9040  4.6576  0.1566  0.0752  -0.1959 0.0113  0.0791  -0.1789 0.1007  -0.1260 -0.2357 'X-RAY DIFFRACTION' 
6  ? refined 2.4584  8.3953   -1.2944 0.1397 0.0692  0.0528 0.0016  -0.0166 0.0044  12.0573 14.0193 5.9691  7.0851  1.4267  -2.3956 -0.0685 -0.0262 -0.0473 0.0416  0.0927  -0.1416 0.1191  -0.2734 -0.0242 'X-RAY DIFFRACTION' 
7  ? refined 2.5111  13.3624  0.3520  0.1215 0.0209  0.1071 0.0163  -0.0492 0.0214  13.8726 9.8690  8.7061  -6.1724 -0.4383 -3.1073 -0.4299 -0.1233 0.1322  0.1003  0.3217  -0.0638 0.3263  0.0348  0.1081  'X-RAY DIFFRACTION' 
8  ? refined -2.4351 9.4056   3.5543  0.0529 0.0190  0.1173 0.0389  -0.0157 0.0156  6.1620  24.5434 5.0057  4.2447  0.5797  -1.8434 -0.0291 -0.0017 -0.0846 -0.0632 -0.1558 -0.3438 -0.0458 -0.1669 0.1849  'X-RAY DIFFRACTION' 
9  ? refined -4.4773 -0.3387  4.6301  0.0400 0.0281  0.1012 0.0054  0.0061  0.0219  2.1774  41.7044 6.6501  3.4561  0.2339  -4.8881 -0.1682 -0.1000 0.0085  -0.1148 0.0924  -0.2500 -0.0535 -0.2095 0.0758  'X-RAY DIFFRACTION' 
10 ? refined -8.8134 -9.0534  7.2696  0.0487 0.0070  0.0945 0.0398  0.0329  0.0108  14.7882 11.9392 10.0419 4.5929  -3.8873 -4.7407 0.0466  -0.1977 0.0265  -0.1639 0.0687  -0.0001 0.0347  0.0296  -0.1152 'X-RAY DIFFRACTION' 
# 
loop_
_pdbx_refine_tls_group.id 
_pdbx_refine_tls_group.refine_tls_id 
_pdbx_refine_tls_group.beg_auth_asym_id 
_pdbx_refine_tls_group.beg_auth_seq_id 
_pdbx_refine_tls_group.beg_label_asym_id 
_pdbx_refine_tls_group.beg_label_seq_id 
_pdbx_refine_tls_group.end_auth_asym_id 
_pdbx_refine_tls_group.end_auth_seq_id 
_pdbx_refine_tls_group.end_label_asym_id 
_pdbx_refine_tls_group.end_label_seq_id 
_pdbx_refine_tls_group.selection 
_pdbx_refine_tls_group.pdbx_refine_id 
_pdbx_refine_tls_group.selection_details 
1  1  A 149 A 27 A 164 A 42 ? 'X-RAY DIFFRACTION' ? 
2  2  A 165 A 43 A 177 A 55 ? 'X-RAY DIFFRACTION' ? 
3  3  A 178 A 56 A 186 A 64 ? 'X-RAY DIFFRACTION' ? 
4  4  A 187 A 65 A 193 A 71 ? 'X-RAY DIFFRACTION' ? 
5  5  A 194 A 72 A 199 A 77 ? 'X-RAY DIFFRACTION' ? 
6  6  B 151 B 29 B 166 B 44 ? 'X-RAY DIFFRACTION' ? 
7  7  B 167 B 45 B 176 B 54 ? 'X-RAY DIFFRACTION' ? 
8  8  B 177 B 55 B 186 B 64 ? 'X-RAY DIFFRACTION' ? 
9  9  B 187 B 65 B 193 B 71 ? 'X-RAY DIFFRACTION' ? 
10 10 B 194 B 72 B 199 B 77 ? 'X-RAY DIFFRACTION' ? 
# 
loop_
_software.name 
_software.classification 
_software.version 
_software.citation_id 
_software.pdbx_ordinal 
REFMAC   refinement       5.2.0005 ? 1 
HKL-2000 'data reduction' .        ? 2 
HKL-2000 'data scaling'   .        ? 3 
MOLREP   phasing          .        ? 4 
# 
loop_
_pdbx_validate_close_contact.id 
_pdbx_validate_close_contact.PDB_model_num 
_pdbx_validate_close_contact.auth_atom_id_1 
_pdbx_validate_close_contact.auth_asym_id_1 
_pdbx_validate_close_contact.auth_comp_id_1 
_pdbx_validate_close_contact.auth_seq_id_1 
_pdbx_validate_close_contact.PDB_ins_code_1 
_pdbx_validate_close_contact.label_alt_id_1 
_pdbx_validate_close_contact.auth_atom_id_2 
_pdbx_validate_close_contact.auth_asym_id_2 
_pdbx_validate_close_contact.auth_comp_id_2 
_pdbx_validate_close_contact.auth_seq_id_2 
_pdbx_validate_close_contact.PDB_ins_code_2 
_pdbx_validate_close_contact.label_alt_id_2 
_pdbx_validate_close_contact.dist 
1 1 OD2 B ASP 172 ? ? O B HOH 40 ? ? 2.18 
2 1 OG1 A THR 151 ? ? O A HOH 41 ? ? 2.18 
# 
_pdbx_validate_rmsd_angle.id                         1 
_pdbx_validate_rmsd_angle.PDB_model_num              1 
_pdbx_validate_rmsd_angle.auth_atom_id_1             CB 
_pdbx_validate_rmsd_angle.auth_asym_id_1             B 
_pdbx_validate_rmsd_angle.auth_comp_id_1             ARG 
_pdbx_validate_rmsd_angle.auth_seq_id_1              197 
_pdbx_validate_rmsd_angle.PDB_ins_code_1             ? 
_pdbx_validate_rmsd_angle.label_alt_id_1             ? 
_pdbx_validate_rmsd_angle.auth_atom_id_2             CA 
_pdbx_validate_rmsd_angle.auth_asym_id_2             B 
_pdbx_validate_rmsd_angle.auth_comp_id_2             ARG 
_pdbx_validate_rmsd_angle.auth_seq_id_2              197 
_pdbx_validate_rmsd_angle.PDB_ins_code_2             ? 
_pdbx_validate_rmsd_angle.label_alt_id_2             ? 
_pdbx_validate_rmsd_angle.auth_atom_id_3             C 
_pdbx_validate_rmsd_angle.auth_asym_id_3             B 
_pdbx_validate_rmsd_angle.auth_comp_id_3             ARG 
_pdbx_validate_rmsd_angle.auth_seq_id_3              197 
_pdbx_validate_rmsd_angle.PDB_ins_code_3             ? 
_pdbx_validate_rmsd_angle.label_alt_id_3             ? 
_pdbx_validate_rmsd_angle.angle_value                97.88 
_pdbx_validate_rmsd_angle.angle_target_value         110.40 
_pdbx_validate_rmsd_angle.angle_deviation            -12.52 
_pdbx_validate_rmsd_angle.angle_standard_deviation   2.00 
_pdbx_validate_rmsd_angle.linker_flag                N 
# 
loop_
_pdbx_unobs_or_zero_occ_atoms.id 
_pdbx_unobs_or_zero_occ_atoms.PDB_model_num 
_pdbx_unobs_or_zero_occ_atoms.polymer_flag 
_pdbx_unobs_or_zero_occ_atoms.occupancy_flag 
_pdbx_unobs_or_zero_occ_atoms.auth_asym_id 
_pdbx_unobs_or_zero_occ_atoms.auth_comp_id 
_pdbx_unobs_or_zero_occ_atoms.auth_seq_id 
_pdbx_unobs_or_zero_occ_atoms.PDB_ins_code 
_pdbx_unobs_or_zero_occ_atoms.auth_atom_id 
_pdbx_unobs_or_zero_occ_atoms.label_alt_id 
_pdbx_unobs_or_zero_occ_atoms.label_asym_id 
_pdbx_unobs_or_zero_occ_atoms.label_comp_id 
_pdbx_unobs_or_zero_occ_atoms.label_seq_id 
_pdbx_unobs_or_zero_occ_atoms.label_atom_id 
1  1 Y 1 A ASP 152 ? CG  ? A ASP 30 CG  
2  1 Y 1 A ASP 152 ? OD1 ? A ASP 30 OD1 
3  1 Y 1 A ASP 152 ? OD2 ? A ASP 30 OD2 
4  1 Y 1 A GLN 153 ? CG  ? A GLN 31 CG  
5  1 Y 1 A GLN 153 ? CD  ? A GLN 31 CD  
6  1 Y 1 A GLN 153 ? OE1 ? A GLN 31 OE1 
7  1 Y 1 A GLN 153 ? NE2 ? A GLN 31 NE2 
8  1 Y 1 A LYS 168 ? CE  ? A LYS 46 CE  
9  1 Y 1 A LYS 168 ? NZ  ? A LYS 46 NZ  
10 1 Y 1 A GLN 199 ? CD  ? A GLN 77 CD  
11 1 Y 1 A GLN 199 ? OE1 ? A GLN 77 OE1 
12 1 Y 1 A GLN 199 ? NE2 ? A GLN 77 NE2 
13 1 Y 1 B GLN 153 ? CG  ? B GLN 31 CG  
14 1 Y 1 B GLN 153 ? CD  ? B GLN 31 CD  
15 1 Y 1 B GLN 153 ? OE1 ? B GLN 31 OE1 
16 1 Y 1 B GLN 153 ? NE2 ? B GLN 31 NE2 
17 1 Y 1 B ARG 155 ? CZ  ? B ARG 33 CZ  
18 1 Y 1 B ARG 155 ? NH1 ? B ARG 33 NH1 
19 1 Y 1 B ARG 155 ? NH2 ? B ARG 33 NH2 
20 1 Y 1 B LYS 168 ? CD  ? B LYS 46 CD  
21 1 Y 1 B LYS 168 ? CE  ? B LYS 46 CE  
22 1 Y 1 B LYS 168 ? NZ  ? B LYS 46 NZ  
23 1 Y 1 B LYS 179 ? CD  ? B LYS 57 CD  
24 1 Y 1 B LYS 179 ? CE  ? B LYS 57 CE  
25 1 Y 1 B LYS 179 ? NZ  ? B LYS 57 NZ  
26 1 Y 1 B LYS 182 ? CE  ? B LYS 60 CE  
27 1 Y 1 B LYS 182 ? NZ  ? B LYS 60 NZ  
28 1 Y 1 B GLN 199 ? CD  ? B GLN 77 CD  
29 1 Y 1 B GLN 199 ? OE1 ? B GLN 77 OE1 
30 1 Y 1 B GLN 199 ? NE2 ? B GLN 77 NE2 
# 
loop_
_pdbx_unobs_or_zero_occ_residues.id 
_pdbx_unobs_or_zero_occ_residues.PDB_model_num 
_pdbx_unobs_or_zero_occ_residues.polymer_flag 
_pdbx_unobs_or_zero_occ_residues.occupancy_flag 
_pdbx_unobs_or_zero_occ_residues.auth_asym_id 
_pdbx_unobs_or_zero_occ_residues.auth_comp_id 
_pdbx_unobs_or_zero_occ_residues.auth_seq_id 
_pdbx_unobs_or_zero_occ_residues.PDB_ins_code 
_pdbx_unobs_or_zero_occ_residues.label_asym_id 
_pdbx_unobs_or_zero_occ_residues.label_comp_id 
_pdbx_unobs_or_zero_occ_residues.label_seq_id 
1  1 Y 1 A MET 123 ? A MET 1  
2  1 Y 1 A GLY 124 ? A GLY 2  
3  1 Y 1 A SER 125 ? A SER 3  
4  1 Y 1 A SER 126 ? A SER 4  
5  1 Y 1 A HIS 127 ? A HIS 5  
6  1 Y 1 A HIS 128 ? A HIS 6  
7  1 Y 1 A HIS 129 ? A HIS 7  
8  1 Y 1 A HIS 130 ? A HIS 8  
9  1 Y 1 A HIS 131 ? A HIS 9  
10 1 Y 1 A HIS 132 ? A HIS 10 
11 1 Y 1 A SER 133 ? A SER 11 
12 1 Y 1 A SER 134 ? A SER 12 
13 1 Y 1 A GLY 135 ? A GLY 13 
14 1 Y 1 A LEU 136 ? A LEU 14 
15 1 Y 1 A VAL 137 ? A VAL 15 
16 1 Y 1 A PRO 138 ? A PRO 16 
17 1 Y 1 A ARG 139 ? A ARG 17 
18 1 Y 1 A GLY 140 ? A GLY 18 
19 1 Y 1 A SER 141 ? A SER 19 
20 1 Y 1 A HIS 142 ? A HIS 20 
21 1 Y 1 A MET 143 ? A MET 21 
22 1 Y 1 A GLN 144 ? A GLN 22 
23 1 Y 1 A ASP 145 ? A ASP 23 
24 1 Y 1 A PRO 146 ? A PRO 24 
25 1 Y 1 A LEU 147 ? A LEU 25 
26 1 Y 1 A SER 148 ? A SER 26 
27 1 Y 1 A ALA 200 ? A ALA 78 
28 1 Y 1 A ALA 201 ? A ALA 79 
29 1 Y 1 A VAL 202 ? A VAL 80 
30 1 Y 1 A PHE 203 ? A PHE 81 
31 1 Y 1 A ALA 204 ? A ALA 82 
32 1 Y 1 A THR 205 ? A THR 83 
33 1 Y 1 A GLU 206 ? A GLU 84 
34 1 Y 1 A LEU 207 ? A LEU 85 
35 1 Y 1 A LYS 208 ? A LYS 86 
36 1 Y 1 A ARG 209 ? A ARG 87 
37 1 Y 1 A SER 210 ? A SER 88 
38 1 Y 1 A ARG 211 ? A ARG 89 
39 1 Y 1 A PRO 212 ? A PRO 90 
40 1 Y 1 A PRO 213 ? A PRO 91 
41 1 Y 1 A GLY 214 ? A GLY 92 
42 1 Y 1 A ASP 215 ? A ASP 93 
43 1 Y 1 A GLY 216 ? A GLY 94 
44 1 Y 1 A PRO 217 ? A PRO 95 
45 1 Y 1 B MET 123 ? B MET 1  
46 1 Y 1 B GLY 124 ? B GLY 2  
47 1 Y 1 B SER 125 ? B SER 3  
48 1 Y 1 B SER 126 ? B SER 4  
49 1 Y 1 B HIS 127 ? B HIS 5  
50 1 Y 1 B HIS 128 ? B HIS 6  
51 1 Y 1 B HIS 129 ? B HIS 7  
52 1 Y 1 B HIS 130 ? B HIS 8  
53 1 Y 1 B HIS 131 ? B HIS 9  
54 1 Y 1 B HIS 132 ? B HIS 10 
55 1 Y 1 B SER 133 ? B SER 11 
56 1 Y 1 B SER 134 ? B SER 12 
57 1 Y 1 B GLY 135 ? B GLY 13 
58 1 Y 1 B LEU 136 ? B LEU 14 
59 1 Y 1 B VAL 137 ? B VAL 15 
60 1 Y 1 B PRO 138 ? B PRO 16 
61 1 Y 1 B ARG 139 ? B ARG 17 
62 1 Y 1 B GLY 140 ? B GLY 18 
63 1 Y 1 B SER 141 ? B SER 19 
64 1 Y 1 B HIS 142 ? B HIS 20 
65 1 Y 1 B MET 143 ? B MET 21 
66 1 Y 1 B GLN 144 ? B GLN 22 
67 1 Y 1 B ASP 145 ? B ASP 23 
68 1 Y 1 B PRO 146 ? B PRO 24 
69 1 Y 1 B LEU 147 ? B LEU 25 
70 1 Y 1 B SER 148 ? B SER 26 
71 1 Y 1 B GLY 149 ? B GLY 27 
72 1 Y 1 B LEU 150 ? B LEU 28 
73 1 Y 1 B ALA 200 ? B ALA 78 
74 1 Y 1 B ALA 201 ? B ALA 79 
75 1 Y 1 B VAL 202 ? B VAL 80 
76 1 Y 1 B PHE 203 ? B PHE 81 
77 1 Y 1 B ALA 204 ? B ALA 82 
78 1 Y 1 B THR 205 ? B THR 83 
79 1 Y 1 B GLU 206 ? B GLU 84 
80 1 Y 1 B LEU 207 ? B LEU 85 
81 1 Y 1 B LYS 208 ? B LYS 86 
82 1 Y 1 B ARG 209 ? B ARG 87 
83 1 Y 1 B SER 210 ? B SER 88 
84 1 Y 1 B ARG 211 ? B ARG 89 
85 1 Y 1 B PRO 212 ? B PRO 90 
86 1 Y 1 B PRO 213 ? B PRO 91 
87 1 Y 1 B GLY 214 ? B GLY 92 
88 1 Y 1 B ASP 215 ? B ASP 93 
89 1 Y 1 B GLY 216 ? B GLY 94 
90 1 Y 1 B PRO 217 ? B PRO 95 
# 
loop_
_chem_comp_atom.comp_id 
_chem_comp_atom.atom_id 
_chem_comp_atom.type_symbol 
_chem_comp_atom.pdbx_aromatic_flag 
_chem_comp_atom.pdbx_stereo_config 
_chem_comp_atom.pdbx_ordinal 
ALA N    N N N 1   
ALA CA   C N S 2   
ALA C    C N N 3   
ALA O    O N N 4   
ALA CB   C N N 5   
ALA OXT  O N N 6   
ALA H    H N N 7   
ALA H2   H N N 8   
ALA HA   H N N 9   
ALA HB1  H N N 10  
ALA HB2  H N N 11  
ALA HB3  H N N 12  
ALA HXT  H N N 13  
ARG N    N N N 14  
ARG CA   C N S 15  
ARG C    C N N 16  
ARG O    O N N 17  
ARG CB   C N N 18  
ARG CG   C N N 19  
ARG CD   C N N 20  
ARG NE   N N N 21  
ARG CZ   C N N 22  
ARG NH1  N N N 23  
ARG NH2  N N N 24  
ARG OXT  O N N 25  
ARG H    H N N 26  
ARG H2   H N N 27  
ARG HA   H N N 28  
ARG HB2  H N N 29  
ARG HB3  H N N 30  
ARG HG2  H N N 31  
ARG HG3  H N N 32  
ARG HD2  H N N 33  
ARG HD3  H N N 34  
ARG HE   H N N 35  
ARG HH11 H N N 36  
ARG HH12 H N N 37  
ARG HH21 H N N 38  
ARG HH22 H N N 39  
ARG HXT  H N N 40  
ASN N    N N N 41  
ASN CA   C N S 42  
ASN C    C N N 43  
ASN O    O N N 44  
ASN CB   C N N 45  
ASN CG   C N N 46  
ASN OD1  O N N 47  
ASN ND2  N N N 48  
ASN OXT  O N N 49  
ASN H    H N N 50  
ASN H2   H N N 51  
ASN HA   H N N 52  
ASN HB2  H N N 53  
ASN HB3  H N N 54  
ASN HD21 H N N 55  
ASN HD22 H N N 56  
ASN HXT  H N N 57  
ASP N    N N N 58  
ASP CA   C N S 59  
ASP C    C N N 60  
ASP O    O N N 61  
ASP CB   C N N 62  
ASP CG   C N N 63  
ASP OD1  O N N 64  
ASP OD2  O N N 65  
ASP OXT  O N N 66  
ASP H    H N N 67  
ASP H2   H N N 68  
ASP HA   H N N 69  
ASP HB2  H N N 70  
ASP HB3  H N N 71  
ASP HD2  H N N 72  
ASP HXT  H N N 73  
GLN N    N N N 74  
GLN CA   C N S 75  
GLN C    C N N 76  
GLN O    O N N 77  
GLN CB   C N N 78  
GLN CG   C N N 79  
GLN CD   C N N 80  
GLN OE1  O N N 81  
GLN NE2  N N N 82  
GLN OXT  O N N 83  
GLN H    H N N 84  
GLN H2   H N N 85  
GLN HA   H N N 86  
GLN HB2  H N N 87  
GLN HB3  H N N 88  
GLN HG2  H N N 89  
GLN HG3  H N N 90  
GLN HE21 H N N 91  
GLN HE22 H N N 92  
GLN HXT  H N N 93  
GLU N    N N N 94  
GLU CA   C N S 95  
GLU C    C N N 96  
GLU O    O N N 97  
GLU CB   C N N 98  
GLU CG   C N N 99  
GLU CD   C N N 100 
GLU OE1  O N N 101 
GLU OE2  O N N 102 
GLU OXT  O N N 103 
GLU H    H N N 104 
GLU H2   H N N 105 
GLU HA   H N N 106 
GLU HB2  H N N 107 
GLU HB3  H N N 108 
GLU HG2  H N N 109 
GLU HG3  H N N 110 
GLU HE2  H N N 111 
GLU HXT  H N N 112 
GLY N    N N N 113 
GLY CA   C N N 114 
GLY C    C N N 115 
GLY O    O N N 116 
GLY OXT  O N N 117 
GLY H    H N N 118 
GLY H2   H N N 119 
GLY HA2  H N N 120 
GLY HA3  H N N 121 
GLY HXT  H N N 122 
HIS N    N N N 123 
HIS CA   C N S 124 
HIS C    C N N 125 
HIS O    O N N 126 
HIS CB   C N N 127 
HIS CG   C Y N 128 
HIS ND1  N Y N 129 
HIS CD2  C Y N 130 
HIS CE1  C Y N 131 
HIS NE2  N Y N 132 
HIS OXT  O N N 133 
HIS H    H N N 134 
HIS H2   H N N 135 
HIS HA   H N N 136 
HIS HB2  H N N 137 
HIS HB3  H N N 138 
HIS HD1  H N N 139 
HIS HD2  H N N 140 
HIS HE1  H N N 141 
HIS HE2  H N N 142 
HIS HXT  H N N 143 
HOH O    O N N 144 
HOH H1   H N N 145 
HOH H2   H N N 146 
ILE N    N N N 147 
ILE CA   C N S 148 
ILE C    C N N 149 
ILE O    O N N 150 
ILE CB   C N S 151 
ILE CG1  C N N 152 
ILE CG2  C N N 153 
ILE CD1  C N N 154 
ILE OXT  O N N 155 
ILE H    H N N 156 
ILE H2   H N N 157 
ILE HA   H N N 158 
ILE HB   H N N 159 
ILE HG12 H N N 160 
ILE HG13 H N N 161 
ILE HG21 H N N 162 
ILE HG22 H N N 163 
ILE HG23 H N N 164 
ILE HD11 H N N 165 
ILE HD12 H N N 166 
ILE HD13 H N N 167 
ILE HXT  H N N 168 
LEU N    N N N 169 
LEU CA   C N S 170 
LEU C    C N N 171 
LEU O    O N N 172 
LEU CB   C N N 173 
LEU CG   C N N 174 
LEU CD1  C N N 175 
LEU CD2  C N N 176 
LEU OXT  O N N 177 
LEU H    H N N 178 
LEU H2   H N N 179 
LEU HA   H N N 180 
LEU HB2  H N N 181 
LEU HB3  H N N 182 
LEU HG   H N N 183 
LEU HD11 H N N 184 
LEU HD12 H N N 185 
LEU HD13 H N N 186 
LEU HD21 H N N 187 
LEU HD22 H N N 188 
LEU HD23 H N N 189 
LEU HXT  H N N 190 
LYS N    N N N 191 
LYS CA   C N S 192 
LYS C    C N N 193 
LYS O    O N N 194 
LYS CB   C N N 195 
LYS CG   C N N 196 
LYS CD   C N N 197 
LYS CE   C N N 198 
LYS NZ   N N N 199 
LYS OXT  O N N 200 
LYS H    H N N 201 
LYS H2   H N N 202 
LYS HA   H N N 203 
LYS HB2  H N N 204 
LYS HB3  H N N 205 
LYS HG2  H N N 206 
LYS HG3  H N N 207 
LYS HD2  H N N 208 
LYS HD3  H N N 209 
LYS HE2  H N N 210 
LYS HE3  H N N 211 
LYS HZ1  H N N 212 
LYS HZ2  H N N 213 
LYS HZ3  H N N 214 
LYS HXT  H N N 215 
MET N    N N N 216 
MET CA   C N S 217 
MET C    C N N 218 
MET O    O N N 219 
MET CB   C N N 220 
MET CG   C N N 221 
MET SD   S N N 222 
MET CE   C N N 223 
MET OXT  O N N 224 
MET H    H N N 225 
MET H2   H N N 226 
MET HA   H N N 227 
MET HB2  H N N 228 
MET HB3  H N N 229 
MET HG2  H N N 230 
MET HG3  H N N 231 
MET HE1  H N N 232 
MET HE2  H N N 233 
MET HE3  H N N 234 
MET HXT  H N N 235 
PHE N    N N N 236 
PHE CA   C N S 237 
PHE C    C N N 238 
PHE O    O N N 239 
PHE CB   C N N 240 
PHE CG   C Y N 241 
PHE CD1  C Y N 242 
PHE CD2  C Y N 243 
PHE CE1  C Y N 244 
PHE CE2  C Y N 245 
PHE CZ   C Y N 246 
PHE OXT  O N N 247 
PHE H    H N N 248 
PHE H2   H N N 249 
PHE HA   H N N 250 
PHE HB2  H N N 251 
PHE HB3  H N N 252 
PHE HD1  H N N 253 
PHE HD2  H N N 254 
PHE HE1  H N N 255 
PHE HE2  H N N 256 
PHE HZ   H N N 257 
PHE HXT  H N N 258 
PRO N    N N N 259 
PRO CA   C N S 260 
PRO C    C N N 261 
PRO O    O N N 262 
PRO CB   C N N 263 
PRO CG   C N N 264 
PRO CD   C N N 265 
PRO OXT  O N N 266 
PRO H    H N N 267 
PRO HA   H N N 268 
PRO HB2  H N N 269 
PRO HB3  H N N 270 
PRO HG2  H N N 271 
PRO HG3  H N N 272 
PRO HD2  H N N 273 
PRO HD3  H N N 274 
PRO HXT  H N N 275 
SER N    N N N 276 
SER CA   C N S 277 
SER C    C N N 278 
SER O    O N N 279 
SER CB   C N N 280 
SER OG   O N N 281 
SER OXT  O N N 282 
SER H    H N N 283 
SER H2   H N N 284 
SER HA   H N N 285 
SER HB2  H N N 286 
SER HB3  H N N 287 
SER HG   H N N 288 
SER HXT  H N N 289 
THR N    N N N 290 
THR CA   C N S 291 
THR C    C N N 292 
THR O    O N N 293 
THR CB   C N R 294 
THR OG1  O N N 295 
THR CG2  C N N 296 
THR OXT  O N N 297 
THR H    H N N 298 
THR H2   H N N 299 
THR HA   H N N 300 
THR HB   H N N 301 
THR HG1  H N N 302 
THR HG21 H N N 303 
THR HG22 H N N 304 
THR HG23 H N N 305 
THR HXT  H N N 306 
TYR N    N N N 307 
TYR CA   C N S 308 
TYR C    C N N 309 
TYR O    O N N 310 
TYR CB   C N N 311 
TYR CG   C Y N 312 
TYR CD1  C Y N 313 
TYR CD2  C Y N 314 
TYR CE1  C Y N 315 
TYR CE2  C Y N 316 
TYR CZ   C Y N 317 
TYR OH   O N N 318 
TYR OXT  O N N 319 
TYR H    H N N 320 
TYR H2   H N N 321 
TYR HA   H N N 322 
TYR HB2  H N N 323 
TYR HB3  H N N 324 
TYR HD1  H N N 325 
TYR HD2  H N N 326 
TYR HE1  H N N 327 
TYR HE2  H N N 328 
TYR HH   H N N 329 
TYR HXT  H N N 330 
VAL N    N N N 331 
VAL CA   C N S 332 
VAL C    C N N 333 
VAL O    O N N 334 
VAL CB   C N N 335 
VAL CG1  C N N 336 
VAL CG2  C N N 337 
VAL OXT  O N N 338 
VAL H    H N N 339 
VAL H2   H N N 340 
VAL HA   H N N 341 
VAL HB   H N N 342 
VAL HG11 H N N 343 
VAL HG12 H N N 344 
VAL HG13 H N N 345 
VAL HG21 H N N 346 
VAL HG22 H N N 347 
VAL HG23 H N N 348 
VAL HXT  H N N 349 
# 
loop_
_chem_comp_bond.comp_id 
_chem_comp_bond.atom_id_1 
_chem_comp_bond.atom_id_2 
_chem_comp_bond.value_order 
_chem_comp_bond.pdbx_aromatic_flag 
_chem_comp_bond.pdbx_stereo_config 
_chem_comp_bond.pdbx_ordinal 
ALA N   CA   sing N N 1   
ALA N   H    sing N N 2   
ALA N   H2   sing N N 3   
ALA CA  C    sing N N 4   
ALA CA  CB   sing N N 5   
ALA CA  HA   sing N N 6   
ALA C   O    doub N N 7   
ALA C   OXT  sing N N 8   
ALA CB  HB1  sing N N 9   
ALA CB  HB2  sing N N 10  
ALA CB  HB3  sing N N 11  
ALA OXT HXT  sing N N 12  
ARG N   CA   sing N N 13  
ARG N   H    sing N N 14  
ARG N   H2   sing N N 15  
ARG CA  C    sing N N 16  
ARG CA  CB   sing N N 17  
ARG CA  HA   sing N N 18  
ARG C   O    doub N N 19  
ARG C   OXT  sing N N 20  
ARG CB  CG   sing N N 21  
ARG CB  HB2  sing N N 22  
ARG CB  HB3  sing N N 23  
ARG CG  CD   sing N N 24  
ARG CG  HG2  sing N N 25  
ARG CG  HG3  sing N N 26  
ARG CD  NE   sing N N 27  
ARG CD  HD2  sing N N 28  
ARG CD  HD3  sing N N 29  
ARG NE  CZ   sing N N 30  
ARG NE  HE   sing N N 31  
ARG CZ  NH1  sing N N 32  
ARG CZ  NH2  doub N N 33  
ARG NH1 HH11 sing N N 34  
ARG NH1 HH12 sing N N 35  
ARG NH2 HH21 sing N N 36  
ARG NH2 HH22 sing N N 37  
ARG OXT HXT  sing N N 38  
ASN N   CA   sing N N 39  
ASN N   H    sing N N 40  
ASN N   H2   sing N N 41  
ASN CA  C    sing N N 42  
ASN CA  CB   sing N N 43  
ASN CA  HA   sing N N 44  
ASN C   O    doub N N 45  
ASN C   OXT  sing N N 46  
ASN CB  CG   sing N N 47  
ASN CB  HB2  sing N N 48  
ASN CB  HB3  sing N N 49  
ASN CG  OD1  doub N N 50  
ASN CG  ND2  sing N N 51  
ASN ND2 HD21 sing N N 52  
ASN ND2 HD22 sing N N 53  
ASN OXT HXT  sing N N 54  
ASP N   CA   sing N N 55  
ASP N   H    sing N N 56  
ASP N   H2   sing N N 57  
ASP CA  C    sing N N 58  
ASP CA  CB   sing N N 59  
ASP CA  HA   sing N N 60  
ASP C   O    doub N N 61  
ASP C   OXT  sing N N 62  
ASP CB  CG   sing N N 63  
ASP CB  HB2  sing N N 64  
ASP CB  HB3  sing N N 65  
ASP CG  OD1  doub N N 66  
ASP CG  OD2  sing N N 67  
ASP OD2 HD2  sing N N 68  
ASP OXT HXT  sing N N 69  
GLN N   CA   sing N N 70  
GLN N   H    sing N N 71  
GLN N   H2   sing N N 72  
GLN CA  C    sing N N 73  
GLN CA  CB   sing N N 74  
GLN CA  HA   sing N N 75  
GLN C   O    doub N N 76  
GLN C   OXT  sing N N 77  
GLN CB  CG   sing N N 78  
GLN CB  HB2  sing N N 79  
GLN CB  HB3  sing N N 80  
GLN CG  CD   sing N N 81  
GLN CG  HG2  sing N N 82  
GLN CG  HG3  sing N N 83  
GLN CD  OE1  doub N N 84  
GLN CD  NE2  sing N N 85  
GLN NE2 HE21 sing N N 86  
GLN NE2 HE22 sing N N 87  
GLN OXT HXT  sing N N 88  
GLU N   CA   sing N N 89  
GLU N   H    sing N N 90  
GLU N   H2   sing N N 91  
GLU CA  C    sing N N 92  
GLU CA  CB   sing N N 93  
GLU CA  HA   sing N N 94  
GLU C   O    doub N N 95  
GLU C   OXT  sing N N 96  
GLU CB  CG   sing N N 97  
GLU CB  HB2  sing N N 98  
GLU CB  HB3  sing N N 99  
GLU CG  CD   sing N N 100 
GLU CG  HG2  sing N N 101 
GLU CG  HG3  sing N N 102 
GLU CD  OE1  doub N N 103 
GLU CD  OE2  sing N N 104 
GLU OE2 HE2  sing N N 105 
GLU OXT HXT  sing N N 106 
GLY N   CA   sing N N 107 
GLY N   H    sing N N 108 
GLY N   H2   sing N N 109 
GLY CA  C    sing N N 110 
GLY CA  HA2  sing N N 111 
GLY CA  HA3  sing N N 112 
GLY C   O    doub N N 113 
GLY C   OXT  sing N N 114 
GLY OXT HXT  sing N N 115 
HIS N   CA   sing N N 116 
HIS N   H    sing N N 117 
HIS N   H2   sing N N 118 
HIS CA  C    sing N N 119 
HIS CA  CB   sing N N 120 
HIS CA  HA   sing N N 121 
HIS C   O    doub N N 122 
HIS C   OXT  sing N N 123 
HIS CB  CG   sing N N 124 
HIS CB  HB2  sing N N 125 
HIS CB  HB3  sing N N 126 
HIS CG  ND1  sing Y N 127 
HIS CG  CD2  doub Y N 128 
HIS ND1 CE1  doub Y N 129 
HIS ND1 HD1  sing N N 130 
HIS CD2 NE2  sing Y N 131 
HIS CD2 HD2  sing N N 132 
HIS CE1 NE2  sing Y N 133 
HIS CE1 HE1  sing N N 134 
HIS NE2 HE2  sing N N 135 
HIS OXT HXT  sing N N 136 
HOH O   H1   sing N N 137 
HOH O   H2   sing N N 138 
ILE N   CA   sing N N 139 
ILE N   H    sing N N 140 
ILE N   H2   sing N N 141 
ILE CA  C    sing N N 142 
ILE CA  CB   sing N N 143 
ILE CA  HA   sing N N 144 
ILE C   O    doub N N 145 
ILE C   OXT  sing N N 146 
ILE CB  CG1  sing N N 147 
ILE CB  CG2  sing N N 148 
ILE CB  HB   sing N N 149 
ILE CG1 CD1  sing N N 150 
ILE CG1 HG12 sing N N 151 
ILE CG1 HG13 sing N N 152 
ILE CG2 HG21 sing N N 153 
ILE CG2 HG22 sing N N 154 
ILE CG2 HG23 sing N N 155 
ILE CD1 HD11 sing N N 156 
ILE CD1 HD12 sing N N 157 
ILE CD1 HD13 sing N N 158 
ILE OXT HXT  sing N N 159 
LEU N   CA   sing N N 160 
LEU N   H    sing N N 161 
LEU N   H2   sing N N 162 
LEU CA  C    sing N N 163 
LEU CA  CB   sing N N 164 
LEU CA  HA   sing N N 165 
LEU C   O    doub N N 166 
LEU C   OXT  sing N N 167 
LEU CB  CG   sing N N 168 
LEU CB  HB2  sing N N 169 
LEU CB  HB3  sing N N 170 
LEU CG  CD1  sing N N 171 
LEU CG  CD2  sing N N 172 
LEU CG  HG   sing N N 173 
LEU CD1 HD11 sing N N 174 
LEU CD1 HD12 sing N N 175 
LEU CD1 HD13 sing N N 176 
LEU CD2 HD21 sing N N 177 
LEU CD2 HD22 sing N N 178 
LEU CD2 HD23 sing N N 179 
LEU OXT HXT  sing N N 180 
LYS N   CA   sing N N 181 
LYS N   H    sing N N 182 
LYS N   H2   sing N N 183 
LYS CA  C    sing N N 184 
LYS CA  CB   sing N N 185 
LYS CA  HA   sing N N 186 
LYS C   O    doub N N 187 
LYS C   OXT  sing N N 188 
LYS CB  CG   sing N N 189 
LYS CB  HB2  sing N N 190 
LYS CB  HB3  sing N N 191 
LYS CG  CD   sing N N 192 
LYS CG  HG2  sing N N 193 
LYS CG  HG3  sing N N 194 
LYS CD  CE   sing N N 195 
LYS CD  HD2  sing N N 196 
LYS CD  HD3  sing N N 197 
LYS CE  NZ   sing N N 198 
LYS CE  HE2  sing N N 199 
LYS CE  HE3  sing N N 200 
LYS NZ  HZ1  sing N N 201 
LYS NZ  HZ2  sing N N 202 
LYS NZ  HZ3  sing N N 203 
LYS OXT HXT  sing N N 204 
MET N   CA   sing N N 205 
MET N   H    sing N N 206 
MET N   H2   sing N N 207 
MET CA  C    sing N N 208 
MET CA  CB   sing N N 209 
MET CA  HA   sing N N 210 
MET C   O    doub N N 211 
MET C   OXT  sing N N 212 
MET CB  CG   sing N N 213 
MET CB  HB2  sing N N 214 
MET CB  HB3  sing N N 215 
MET CG  SD   sing N N 216 
MET CG  HG2  sing N N 217 
MET CG  HG3  sing N N 218 
MET SD  CE   sing N N 219 
MET CE  HE1  sing N N 220 
MET CE  HE2  sing N N 221 
MET CE  HE3  sing N N 222 
MET OXT HXT  sing N N 223 
PHE N   CA   sing N N 224 
PHE N   H    sing N N 225 
PHE N   H2   sing N N 226 
PHE CA  C    sing N N 227 
PHE CA  CB   sing N N 228 
PHE CA  HA   sing N N 229 
PHE C   O    doub N N 230 
PHE C   OXT  sing N N 231 
PHE CB  CG   sing N N 232 
PHE CB  HB2  sing N N 233 
PHE CB  HB3  sing N N 234 
PHE CG  CD1  doub Y N 235 
PHE CG  CD2  sing Y N 236 
PHE CD1 CE1  sing Y N 237 
PHE CD1 HD1  sing N N 238 
PHE CD2 CE2  doub Y N 239 
PHE CD2 HD2  sing N N 240 
PHE CE1 CZ   doub Y N 241 
PHE CE1 HE1  sing N N 242 
PHE CE2 CZ   sing Y N 243 
PHE CE2 HE2  sing N N 244 
PHE CZ  HZ   sing N N 245 
PHE OXT HXT  sing N N 246 
PRO N   CA   sing N N 247 
PRO N   CD   sing N N 248 
PRO N   H    sing N N 249 
PRO CA  C    sing N N 250 
PRO CA  CB   sing N N 251 
PRO CA  HA   sing N N 252 
PRO C   O    doub N N 253 
PRO C   OXT  sing N N 254 
PRO CB  CG   sing N N 255 
PRO CB  HB2  sing N N 256 
PRO CB  HB3  sing N N 257 
PRO CG  CD   sing N N 258 
PRO CG  HG2  sing N N 259 
PRO CG  HG3  sing N N 260 
PRO CD  HD2  sing N N 261 
PRO CD  HD3  sing N N 262 
PRO OXT HXT  sing N N 263 
SER N   CA   sing N N 264 
SER N   H    sing N N 265 
SER N   H2   sing N N 266 
SER CA  C    sing N N 267 
SER CA  CB   sing N N 268 
SER CA  HA   sing N N 269 
SER C   O    doub N N 270 
SER C   OXT  sing N N 271 
SER CB  OG   sing N N 272 
SER CB  HB2  sing N N 273 
SER CB  HB3  sing N N 274 
SER OG  HG   sing N N 275 
SER OXT HXT  sing N N 276 
THR N   CA   sing N N 277 
THR N   H    sing N N 278 
THR N   H2   sing N N 279 
THR CA  C    sing N N 280 
THR CA  CB   sing N N 281 
THR CA  HA   sing N N 282 
THR C   O    doub N N 283 
THR C   OXT  sing N N 284 
THR CB  OG1  sing N N 285 
THR CB  CG2  sing N N 286 
THR CB  HB   sing N N 287 
THR OG1 HG1  sing N N 288 
THR CG2 HG21 sing N N 289 
THR CG2 HG22 sing N N 290 
THR CG2 HG23 sing N N 291 
THR OXT HXT  sing N N 292 
TYR N   CA   sing N N 293 
TYR N   H    sing N N 294 
TYR N   H2   sing N N 295 
TYR CA  C    sing N N 296 
TYR CA  CB   sing N N 297 
TYR CA  HA   sing N N 298 
TYR C   O    doub N N 299 
TYR C   OXT  sing N N 300 
TYR CB  CG   sing N N 301 
TYR CB  HB2  sing N N 302 
TYR CB  HB3  sing N N 303 
TYR CG  CD1  doub Y N 304 
TYR CG  CD2  sing Y N 305 
TYR CD1 CE1  sing Y N 306 
TYR CD1 HD1  sing N N 307 
TYR CD2 CE2  doub Y N 308 
TYR CD2 HD2  sing N N 309 
TYR CE1 CZ   doub Y N 310 
TYR CE1 HE1  sing N N 311 
TYR CE2 CZ   sing Y N 312 
TYR CE2 HE2  sing N N 313 
TYR CZ  OH   sing N N 314 
TYR OH  HH   sing N N 315 
TYR OXT HXT  sing N N 316 
VAL N   CA   sing N N 317 
VAL N   H    sing N N 318 
VAL N   H2   sing N N 319 
VAL CA  C    sing N N 320 
VAL CA  CB   sing N N 321 
VAL CA  HA   sing N N 322 
VAL C   O    doub N N 323 
VAL C   OXT  sing N N 324 
VAL CB  CG1  sing N N 325 
VAL CB  CG2  sing N N 326 
VAL CB  HB   sing N N 327 
VAL CG1 HG11 sing N N 328 
VAL CG1 HG12 sing N N 329 
VAL CG1 HG13 sing N N 330 
VAL CG2 HG21 sing N N 331 
VAL CG2 HG22 sing N N 332 
VAL CG2 HG23 sing N N 333 
VAL OXT HXT  sing N N 334 
# 
_pdbx_entity_nonpoly.entity_id   2 
_pdbx_entity_nonpoly.name        water 
_pdbx_entity_nonpoly.comp_id     HOH 
# 
_pdbx_initial_refinement_model.id               1 
_pdbx_initial_refinement_model.entity_id_list   ? 
_pdbx_initial_refinement_model.type             'experimental model' 
_pdbx_initial_refinement_model.source_name      PDB 
_pdbx_initial_refinement_model.accession_code   1ZLJ 
_pdbx_initial_refinement_model.details          'DosR C-terminal domain (pdb code 1ZLJ) subunit A residues 152-192' 
# 
